data_8QAO
# 
_entry.id   8QAO 
# 
_audit_conform.dict_name       mmcif_pdbx.dic 
_audit_conform.dict_version    5.394 
_audit_conform.dict_location   http://mmcif.pdb.org/dictionaries/ascii/mmcif_pdbx.dic 
# 
loop_
_database_2.database_id 
_database_2.database_code 
_database_2.pdbx_database_accession 
_database_2.pdbx_DOI 
PDB   8QAO         pdb_00008qao 10.2210/pdb8qao/pdb 
WWPDB D_1292131817 ?            ?                   
# 
loop_
_pdbx_audit_revision_history.ordinal 
_pdbx_audit_revision_history.data_content_type 
_pdbx_audit_revision_history.major_revision 
_pdbx_audit_revision_history.minor_revision 
_pdbx_audit_revision_history.revision_date 
1 'Structure model' 1 0 2024-02-28 
2 'Structure model' 1 1 2024-06-19 
# 
_pdbx_audit_revision_details.ordinal             1 
_pdbx_audit_revision_details.revision_ordinal    1 
_pdbx_audit_revision_details.data_content_type   'Structure model' 
_pdbx_audit_revision_details.provider            repository 
_pdbx_audit_revision_details.type                'Initial release' 
_pdbx_audit_revision_details.description         ? 
_pdbx_audit_revision_details.details             ? 
# 
_pdbx_audit_revision_group.ordinal             1 
_pdbx_audit_revision_group.revision_ordinal    2 
_pdbx_audit_revision_group.data_content_type   'Structure model' 
_pdbx_audit_revision_group.group               'Database references' 
# 
_pdbx_audit_revision_category.ordinal             1 
_pdbx_audit_revision_category.revision_ordinal    2 
_pdbx_audit_revision_category.data_content_type   'Structure model' 
_pdbx_audit_revision_category.category            citation 
# 
loop_
_pdbx_audit_revision_item.ordinal 
_pdbx_audit_revision_item.revision_ordinal 
_pdbx_audit_revision_item.data_content_type 
_pdbx_audit_revision_item.item 
1 2 'Structure model' '_citation.country'                 
2 2 'Structure model' '_citation.journal_id_ISSN'         
3 2 'Structure model' '_citation.journal_volume'          
4 2 'Structure model' '_citation.page_first'              
5 2 'Structure model' '_citation.page_last'               
6 2 'Structure model' '_citation.pdbx_database_id_PubMed' 
7 2 'Structure model' '_citation.title'                   
# 
_pdbx_database_status.status_code                     REL 
_pdbx_database_status.status_code_sf                  REL 
_pdbx_database_status.status_code_mr                  ? 
_pdbx_database_status.entry_id                        8QAO 
_pdbx_database_status.recvd_initial_deposition_date   2023-08-23 
_pdbx_database_status.SG_entry                        N 
_pdbx_database_status.deposit_site                    PDBE 
_pdbx_database_status.process_site                    PDBE 
_pdbx_database_status.status_code_cs                  ? 
_pdbx_database_status.status_code_nmr_data            ? 
_pdbx_database_status.methods_development_category    ? 
_pdbx_database_status.pdb_format_compatible           Y 
# 
_pdbx_contact_author.id                 3 
_pdbx_contact_author.email              leila@chem.ku.dk 
_pdbx_contact_author.name_first         Leila 
_pdbx_contact_author.name_last          'Lo Leggio' 
_pdbx_contact_author.name_mi            ? 
_pdbx_contact_author.role               'principal investigator/group leader' 
_pdbx_contact_author.identifier_ORCID   0000-0002-5135-0882 
# 
loop_
_audit_author.name 
_audit_author.pdbx_ordinal 
_audit_author.identifier_ORCID 
'Huang, Z.'     1 0000-0002-2360-1074 
'Hamad, G.M.'   2 ?                   
'Lo Leggio, L.' 3 0000-0002-5135-0882 
'Varming, A.K.' 4 0000-0001-6865-990X 
# 
_citation.abstract                  ? 
_citation.abstract_id_CAS           ? 
_citation.book_id_ISBN              ? 
_citation.book_publisher            ? 
_citation.book_publisher_city       ? 
_citation.book_title                ? 
_citation.coordinate_linkage        ? 
_citation.country                   US 
_citation.database_id_Medline       ? 
_citation.details                   ? 
_citation.id                        primary 
_citation.journal_abbrev            'Microbiome Res Rep' 
_citation.journal_id_ASTM           ? 
_citation.journal_id_CSD            ? 
_citation.journal_id_ISSN           2771-5965 
_citation.journal_full              ? 
_citation.journal_issue             ? 
_citation.journal_volume            3 
_citation.language                  ? 
_citation.page_first                15 
_citation.page_last                 15 
_citation.title                     
'CI:Mor interactions in the lysogeny switches of Lactococcus lactis TP901-1 and Staphylococcus aureus phi 13 bacteriophages.' 
_citation.year                      2024 
_citation.database_id_CSD           ? 
_citation.pdbx_database_id_DOI      10.20517/mrr.2023.50 
_citation.pdbx_database_id_PubMed   38841409 
_citation.pdbx_database_id_patent   ? 
_citation.unpublished_flag          ? 
# 
loop_
_citation_author.citation_id 
_citation_author.name 
_citation_author.ordinal 
_citation_author.identifier_ORCID 
primary 'Varming, A.K.'   1 ? 
primary 'Huang, Z.'       2 ? 
primary 'Hamad, G.M.'     3 ? 
primary 'Rasmussen, K.K.' 4 ? 
primary 'Ingmer, H.'      5 ? 
primary 'Kilstrup, M.'    6 ? 
primary 'Lo Leggio, L.'   7 ? 
# 
loop_
_entity.id 
_entity.type 
_entity.src_method 
_entity.pdbx_description 
_entity.formula_weight 
_entity.pdbx_number_of_molecules 
_entity.pdbx_ec 
_entity.pdbx_mutation 
_entity.pdbx_fragment 
_entity.details 
1 polymer man CI    10947.503 1   ? ? ? ? 
2 water   nat water 18.015    107 ? ? ? ? 
# 
_entity_poly.entity_id                      1 
_entity_poly.type                           'polypeptide(L)' 
_entity_poly.nstd_linkage                   no 
_entity_poly.nstd_monomer                   no 
_entity_poly.pdbx_seq_one_letter_code       
;MQTDTSNRLKQIMAERNLKQVDILNLSIPFQKKFGIKLSKSTLSQYVNSVQSPDQNRIYLLAKTLGVSEAWLMGFDVPMV
ESSKIENDSHHHHHH
;
_entity_poly.pdbx_seq_one_letter_code_can   
;MQTDTSNRLKQIMAERNLKQVDILNLSIPFQKKFGIKLSKSTLSQYVNSVQSPDQNRIYLLAKTLGVSEAWLMGFDVPMV
ESSKIENDSHHHHHH
;
_entity_poly.pdbx_strand_id                 A 
_entity_poly.pdbx_target_identifier         ? 
# 
_pdbx_entity_nonpoly.entity_id   2 
_pdbx_entity_nonpoly.name        water 
_pdbx_entity_nonpoly.comp_id     HOH 
# 
loop_
_entity_poly_seq.entity_id 
_entity_poly_seq.num 
_entity_poly_seq.mon_id 
_entity_poly_seq.hetero 
1 1  MET n 
1 2  GLN n 
1 3  THR n 
1 4  ASP n 
1 5  THR n 
1 6  SER n 
1 7  ASN n 
1 8  ARG n 
1 9  LEU n 
1 10 LYS n 
1 11 GLN n 
1 12 ILE n 
1 13 MET n 
1 14 ALA n 
1 15 GLU n 
1 16 ARG n 
1 17 ASN n 
1 18 LEU n 
1 19 LYS n 
1 20 GLN n 
1 21 VAL n 
1 22 ASP n 
1 23 ILE n 
1 24 LEU n 
1 25 ASN n 
1 26 LEU n 
1 27 SER n 
1 28 ILE n 
1 29 PRO n 
1 30 PHE n 
1 31 GLN n 
1 32 LYS n 
1 33 LYS n 
1 34 PHE n 
1 35 GLY n 
1 36 ILE n 
1 37 LYS n 
1 38 LEU n 
1 39 SER n 
1 40 LYS n 
1 41 SER n 
1 42 THR n 
1 43 LEU n 
1 44 SER n 
1 45 GLN n 
1 46 TYR n 
1 47 VAL n 
1 48 ASN n 
1 49 SER n 
1 50 VAL n 
1 51 GLN n 
1 52 SER n 
1 53 PRO n 
1 54 ASP n 
1 55 GLN n 
1 56 ASN n 
1 57 ARG n 
1 58 ILE n 
1 59 TYR n 
1 60 LEU n 
1 61 LEU n 
1 62 ALA n 
1 63 LYS n 
1 64 THR n 
1 65 LEU n 
1 66 GLY n 
1 67 VAL n 
1 68 SER n 
1 69 GLU n 
1 70 ALA n 
1 71 TRP n 
1 72 LEU n 
1 73 MET n 
1 74 GLY n 
1 75 PHE n 
1 76 ASP n 
1 77 VAL n 
1 78 PRO n 
1 79 MET n 
1 80 VAL n 
1 81 GLU n 
1 82 SER n 
1 83 SER n 
1 84 LYS n 
1 85 ILE n 
1 86 GLU n 
1 87 ASN n 
1 88 ASP n 
1 89 SER n 
1 90 HIS n 
1 91 HIS n 
1 92 HIS n 
1 93 HIS n 
1 94 HIS n 
1 95 HIS n 
# 
_entity_src_gen.entity_id                          1 
_entity_src_gen.pdbx_src_id                        1 
_entity_src_gen.pdbx_alt_source_flag               sample 
_entity_src_gen.pdbx_seq_type                      'Biological sequence' 
_entity_src_gen.pdbx_beg_seq_num                   1 
_entity_src_gen.pdbx_end_seq_num                   95 
_entity_src_gen.gene_src_common_name               ? 
_entity_src_gen.gene_src_genus                     ? 
_entity_src_gen.pdbx_gene_src_gene                 cI 
_entity_src_gen.gene_src_species                   ? 
_entity_src_gen.gene_src_strain                    ? 
_entity_src_gen.gene_src_tissue                    ? 
_entity_src_gen.gene_src_tissue_fraction           ? 
_entity_src_gen.gene_src_details                   ? 
_entity_src_gen.pdbx_gene_src_fragment             ? 
_entity_src_gen.pdbx_gene_src_scientific_name      'Lactococcus phage TP901-1' 
_entity_src_gen.pdbx_gene_src_ncbi_taxonomy_id     35345 
_entity_src_gen.pdbx_gene_src_variant              ? 
_entity_src_gen.pdbx_gene_src_cell_line            ? 
_entity_src_gen.pdbx_gene_src_atcc                 ? 
_entity_src_gen.pdbx_gene_src_organ                ? 
_entity_src_gen.pdbx_gene_src_organelle            ? 
_entity_src_gen.pdbx_gene_src_cell                 ? 
_entity_src_gen.pdbx_gene_src_cellular_location    ? 
_entity_src_gen.host_org_common_name               ? 
_entity_src_gen.pdbx_host_org_scientific_name      'Escherichia coli BL21(DE3)' 
_entity_src_gen.pdbx_host_org_ncbi_taxonomy_id     469008 
_entity_src_gen.host_org_genus                     ? 
_entity_src_gen.pdbx_host_org_gene                 ? 
_entity_src_gen.pdbx_host_org_organ                ? 
_entity_src_gen.host_org_species                   ? 
_entity_src_gen.pdbx_host_org_tissue               ? 
_entity_src_gen.pdbx_host_org_tissue_fraction      ? 
_entity_src_gen.pdbx_host_org_strain               ? 
_entity_src_gen.pdbx_host_org_variant              ? 
_entity_src_gen.pdbx_host_org_cell_line            ? 
_entity_src_gen.pdbx_host_org_atcc                 ? 
_entity_src_gen.pdbx_host_org_culture_collection   ? 
_entity_src_gen.pdbx_host_org_cell                 ? 
_entity_src_gen.pdbx_host_org_organelle            ? 
_entity_src_gen.pdbx_host_org_cellular_location    ? 
_entity_src_gen.pdbx_host_org_vector_type          ? 
_entity_src_gen.pdbx_host_org_vector               ? 
_entity_src_gen.host_org_details                   ? 
_entity_src_gen.expression_system_id               ? 
_entity_src_gen.plasmid_name                       ? 
_entity_src_gen.plasmid_details                    ? 
_entity_src_gen.pdbx_description                   ? 
# 
loop_
_chem_comp.id 
_chem_comp.type 
_chem_comp.mon_nstd_flag 
_chem_comp.name 
_chem_comp.pdbx_synonyms 
_chem_comp.formula 
_chem_comp.formula_weight 
ALA 'L-peptide linking' y ALANINE         ? 'C3 H7 N O2'     89.093  
ARG 'L-peptide linking' y ARGININE        ? 'C6 H15 N4 O2 1' 175.209 
ASN 'L-peptide linking' y ASPARAGINE      ? 'C4 H8 N2 O3'    132.118 
ASP 'L-peptide linking' y 'ASPARTIC ACID' ? 'C4 H7 N O4'     133.103 
GLN 'L-peptide linking' y GLUTAMINE       ? 'C5 H10 N2 O3'   146.144 
GLU 'L-peptide linking' y 'GLUTAMIC ACID' ? 'C5 H9 N O4'     147.129 
GLY 'peptide linking'   y GLYCINE         ? 'C2 H5 N O2'     75.067  
HIS 'L-peptide linking' y HISTIDINE       ? 'C6 H10 N3 O2 1' 156.162 
HOH non-polymer         . WATER           ? 'H2 O'           18.015  
ILE 'L-peptide linking' y ISOLEUCINE      ? 'C6 H13 N O2'    131.173 
LEU 'L-peptide linking' y LEUCINE         ? 'C6 H13 N O2'    131.173 
LYS 'L-peptide linking' y LYSINE          ? 'C6 H15 N2 O2 1' 147.195 
MET 'L-peptide linking' y METHIONINE      ? 'C5 H11 N O2 S'  149.211 
PHE 'L-peptide linking' y PHENYLALANINE   ? 'C9 H11 N O2'    165.189 
PRO 'L-peptide linking' y PROLINE         ? 'C5 H9 N O2'     115.130 
SER 'L-peptide linking' y SERINE          ? 'C3 H7 N O3'     105.093 
THR 'L-peptide linking' y THREONINE       ? 'C4 H9 N O3'     119.119 
TRP 'L-peptide linking' y TRYPTOPHAN      ? 'C11 H12 N2 O2'  204.225 
TYR 'L-peptide linking' y TYROSINE        ? 'C9 H11 N O3'    181.189 
VAL 'L-peptide linking' y VALINE          ? 'C5 H11 N O2'    117.146 
# 
loop_
_pdbx_poly_seq_scheme.asym_id 
_pdbx_poly_seq_scheme.entity_id 
_pdbx_poly_seq_scheme.seq_id 
_pdbx_poly_seq_scheme.mon_id 
_pdbx_poly_seq_scheme.ndb_seq_num 
_pdbx_poly_seq_scheme.pdb_seq_num 
_pdbx_poly_seq_scheme.auth_seq_num 
_pdbx_poly_seq_scheme.pdb_mon_id 
_pdbx_poly_seq_scheme.auth_mon_id 
_pdbx_poly_seq_scheme.pdb_strand_id 
_pdbx_poly_seq_scheme.pdb_ins_code 
_pdbx_poly_seq_scheme.hetero 
A 1 1  MET 1  1  1  MET MET A . n 
A 1 2  GLN 2  2  2  GLN GLN A . n 
A 1 3  THR 3  3  3  THR THR A . n 
A 1 4  ASP 4  4  4  ASP ASP A . n 
A 1 5  THR 5  5  5  THR THR A . n 
A 1 6  SER 6  6  6  SER SER A . n 
A 1 7  ASN 7  7  7  ASN ASN A . n 
A 1 8  ARG 8  8  8  ARG ARG A . n 
A 1 9  LEU 9  9  9  LEU LEU A . n 
A 1 10 LYS 10 10 10 LYS LYS A . n 
A 1 11 GLN 11 11 11 GLN GLN A . n 
A 1 12 ILE 12 12 12 ILE ILE A . n 
A 1 13 MET 13 13 13 MET MET A . n 
A 1 14 ALA 14 14 14 ALA ALA A . n 
A 1 15 GLU 15 15 15 GLU GLU A . n 
A 1 16 ARG 16 16 16 ARG ARG A . n 
A 1 17 ASN 17 17 17 ASN ASN A . n 
A 1 18 LEU 18 18 18 LEU LEU A . n 
A 1 19 LYS 19 19 19 LYS LYS A . n 
A 1 20 GLN 20 20 20 GLN GLN A . n 
A 1 21 VAL 21 21 21 VAL VAL A . n 
A 1 22 ASP 22 22 22 ASP ASP A . n 
A 1 23 ILE 23 23 23 ILE ILE A . n 
A 1 24 LEU 24 24 24 LEU LEU A . n 
A 1 25 ASN 25 25 25 ASN ASN A . n 
A 1 26 LEU 26 26 26 LEU LEU A . n 
A 1 27 SER 27 27 27 SER SER A . n 
A 1 28 ILE 28 28 28 ILE ILE A . n 
A 1 29 PRO 29 29 29 PRO PRO A . n 
A 1 30 PHE 30 30 30 PHE PHE A . n 
A 1 31 GLN 31 31 31 GLN GLN A . n 
A 1 32 LYS 32 32 32 LYS LYS A . n 
A 1 33 LYS 33 33 33 LYS LYS A . n 
A 1 34 PHE 34 34 34 PHE PHE A . n 
A 1 35 GLY 35 35 35 GLY GLY A . n 
A 1 36 ILE 36 36 36 ILE ILE A . n 
A 1 37 LYS 37 37 37 LYS LYS A . n 
A 1 38 LEU 38 38 38 LEU LEU A . n 
A 1 39 SER 39 39 39 SER SER A . n 
A 1 40 LYS 40 40 40 LYS LYS A . n 
A 1 41 SER 41 41 41 SER SER A . n 
A 1 42 THR 42 42 42 THR THR A . n 
A 1 43 LEU 43 43 43 LEU LEU A . n 
A 1 44 SER 44 44 44 SER SER A . n 
A 1 45 GLN 45 45 45 GLN GLN A . n 
A 1 46 TYR 46 46 46 TYR TYR A . n 
A 1 47 VAL 47 47 47 VAL VAL A . n 
A 1 48 ASN 48 48 48 ASN ASN A . n 
A 1 49 SER 49 49 49 SER SER A . n 
A 1 50 VAL 50 50 50 VAL VAL A . n 
A 1 51 GLN 51 51 51 GLN GLN A . n 
A 1 52 SER 52 52 52 SER SER A . n 
A 1 53 PRO 53 53 53 PRO PRO A . n 
A 1 54 ASP 54 54 54 ASP ASP A . n 
A 1 55 GLN 55 55 55 GLN GLN A . n 
A 1 56 ASN 56 56 56 ASN ASN A . n 
A 1 57 ARG 57 57 57 ARG ARG A . n 
A 1 58 ILE 58 58 58 ILE ILE A . n 
A 1 59 TYR 59 59 59 TYR TYR A . n 
A 1 60 LEU 60 60 60 LEU LEU A . n 
A 1 61 LEU 61 61 61 LEU LEU A . n 
A 1 62 ALA 62 62 62 ALA ALA A . n 
A 1 63 LYS 63 63 63 LYS LYS A . n 
A 1 64 THR 64 64 64 THR THR A . n 
A 1 65 LEU 65 65 65 LEU LEU A . n 
A 1 66 GLY 66 66 66 GLY GLY A . n 
A 1 67 VAL 67 67 67 VAL VAL A . n 
A 1 68 SER 68 68 68 SER SER A . n 
A 1 69 GLU 69 69 69 GLU GLU A . n 
A 1 70 ALA 70 70 70 ALA ALA A . n 
A 1 71 TRP 71 71 71 TRP TRP A . n 
A 1 72 LEU 72 72 72 LEU LEU A . n 
A 1 73 MET 73 73 73 MET MET A . n 
A 1 74 GLY 74 74 74 GLY GLY A . n 
A 1 75 PHE 75 75 75 PHE PHE A . n 
A 1 76 ASP 76 76 76 ASP ASP A . n 
A 1 77 VAL 77 77 77 VAL VAL A . n 
A 1 78 PRO 78 78 78 PRO PRO A . n 
A 1 79 MET 79 79 79 MET MET A . n 
A 1 80 VAL 80 80 80 VAL VAL A . n 
A 1 81 GLU 81 81 81 GLU GLU A . n 
A 1 82 SER 82 82 ?  ?   ?   A . n 
A 1 83 SER 83 83 83 SER SER A . n 
A 1 84 LYS 84 84 84 LYS LYS A . n 
A 1 85 ILE 85 85 ?  ?   ?   A . n 
A 1 86 GLU 86 86 ?  ?   ?   A . n 
A 1 87 ASN 87 87 ?  ?   ?   A . n 
A 1 88 ASP 88 88 ?  ?   ?   A . n 
A 1 89 SER 89 89 ?  ?   ?   A . n 
A 1 90 HIS 90 90 ?  ?   ?   A . n 
A 1 91 HIS 91 91 ?  ?   ?   A . n 
A 1 92 HIS 92 92 ?  ?   ?   A . n 
A 1 93 HIS 93 93 ?  ?   ?   A . n 
A 1 94 HIS 94 94 ?  ?   ?   A . n 
A 1 95 HIS 95 95 ?  ?   ?   A . n 
# 
loop_
_pdbx_nonpoly_scheme.asym_id 
_pdbx_nonpoly_scheme.entity_id 
_pdbx_nonpoly_scheme.mon_id 
_pdbx_nonpoly_scheme.ndb_seq_num 
_pdbx_nonpoly_scheme.pdb_seq_num 
_pdbx_nonpoly_scheme.auth_seq_num 
_pdbx_nonpoly_scheme.pdb_mon_id 
_pdbx_nonpoly_scheme.auth_mon_id 
_pdbx_nonpoly_scheme.pdb_strand_id 
_pdbx_nonpoly_scheme.pdb_ins_code 
B 2 HOH 1   101 112 HOH HOH A . 
B 2 HOH 2   102 20  HOH HOH A . 
B 2 HOH 3   103 122 HOH HOH A . 
B 2 HOH 4   104 11  HOH HOH A . 
B 2 HOH 5   105 7   HOH HOH A . 
B 2 HOH 6   106 72  HOH HOH A . 
B 2 HOH 7   107 70  HOH HOH A . 
B 2 HOH 8   108 124 HOH HOH A . 
B 2 HOH 9   109 71  HOH HOH A . 
B 2 HOH 10  110 87  HOH HOH A . 
B 2 HOH 11  111 8   HOH HOH A . 
B 2 HOH 12  112 31  HOH HOH A . 
B 2 HOH 13  113 33  HOH HOH A . 
B 2 HOH 14  114 69  HOH HOH A . 
B 2 HOH 15  115 80  HOH HOH A . 
B 2 HOH 16  116 44  HOH HOH A . 
B 2 HOH 17  117 21  HOH HOH A . 
B 2 HOH 18  118 115 HOH HOH A . 
B 2 HOH 19  119 65  HOH HOH A . 
B 2 HOH 20  120 17  HOH HOH A . 
B 2 HOH 21  121 29  HOH HOH A . 
B 2 HOH 22  122 130 HOH HOH A . 
B 2 HOH 23  123 54  HOH HOH A . 
B 2 HOH 24  124 30  HOH HOH A . 
B 2 HOH 25  125 46  HOH HOH A . 
B 2 HOH 26  126 63  HOH HOH A . 
B 2 HOH 27  127 49  HOH HOH A . 
B 2 HOH 28  128 15  HOH HOH A . 
B 2 HOH 29  129 42  HOH HOH A . 
B 2 HOH 30  130 109 HOH HOH A . 
B 2 HOH 31  131 37  HOH HOH A . 
B 2 HOH 32  132 132 HOH HOH A . 
B 2 HOH 33  133 86  HOH HOH A . 
B 2 HOH 34  134 10  HOH HOH A . 
B 2 HOH 35  135 119 HOH HOH A . 
B 2 HOH 36  136 14  HOH HOH A . 
B 2 HOH 37  137 9   HOH HOH A . 
B 2 HOH 38  138 68  HOH HOH A . 
B 2 HOH 39  139 64  HOH HOH A . 
B 2 HOH 40  140 61  HOH HOH A . 
B 2 HOH 41  141 85  HOH HOH A . 
B 2 HOH 42  142 16  HOH HOH A . 
B 2 HOH 43  143 22  HOH HOH A . 
B 2 HOH 44  144 12  HOH HOH A . 
B 2 HOH 45  145 118 HOH HOH A . 
B 2 HOH 46  146 78  HOH HOH A . 
B 2 HOH 47  147 60  HOH HOH A . 
B 2 HOH 48  148 4   HOH HOH A . 
B 2 HOH 49  149 39  HOH HOH A . 
B 2 HOH 50  150 106 HOH HOH A . 
B 2 HOH 51  151 103 HOH HOH A . 
B 2 HOH 52  152 40  HOH HOH A . 
B 2 HOH 53  153 43  HOH HOH A . 
B 2 HOH 54  154 41  HOH HOH A . 
B 2 HOH 55  155 73  HOH HOH A . 
B 2 HOH 56  156 102 HOH HOH A . 
B 2 HOH 57  157 81  HOH HOH A . 
B 2 HOH 58  158 23  HOH HOH A . 
B 2 HOH 59  159 18  HOH HOH A . 
B 2 HOH 60  160 77  HOH HOH A . 
B 2 HOH 61  161 110 HOH HOH A . 
B 2 HOH 62  162 51  HOH HOH A . 
B 2 HOH 63  163 134 HOH HOH A . 
B 2 HOH 64  164 62  HOH HOH A . 
B 2 HOH 65  165 135 HOH HOH A . 
B 2 HOH 66  166 125 HOH HOH A . 
B 2 HOH 67  167 27  HOH HOH A . 
B 2 HOH 68  168 121 HOH HOH A . 
B 2 HOH 69  169 74  HOH HOH A . 
B 2 HOH 70  170 133 HOH HOH A . 
B 2 HOH 71  171 53  HOH HOH A . 
B 2 HOH 72  172 114 HOH HOH A . 
B 2 HOH 73  173 107 HOH HOH A . 
B 2 HOH 74  174 96  HOH HOH A . 
B 2 HOH 75  175 34  HOH HOH A . 
B 2 HOH 76  176 127 HOH HOH A . 
B 2 HOH 77  177 126 HOH HOH A . 
B 2 HOH 78  178 32  HOH HOH A . 
B 2 HOH 79  179 117 HOH HOH A . 
B 2 HOH 80  180 108 HOH HOH A . 
B 2 HOH 81  181 131 HOH HOH A . 
B 2 HOH 82  182 95  HOH HOH A . 
B 2 HOH 83  183 67  HOH HOH A . 
B 2 HOH 84  184 75  HOH HOH A . 
B 2 HOH 85  185 36  HOH HOH A . 
B 2 HOH 86  186 19  HOH HOH A . 
B 2 HOH 87  187 38  HOH HOH A . 
B 2 HOH 88  188 120 HOH HOH A . 
B 2 HOH 89  189 45  HOH HOH A . 
B 2 HOH 90  190 13  HOH HOH A . 
B 2 HOH 91  191 111 HOH HOH A . 
B 2 HOH 92  192 136 HOH HOH A . 
B 2 HOH 93  193 35  HOH HOH A . 
B 2 HOH 94  194 56  HOH HOH A . 
B 2 HOH 95  195 50  HOH HOH A . 
B 2 HOH 96  196 47  HOH HOH A . 
B 2 HOH 97  197 55  HOH HOH A . 
B 2 HOH 98  198 52  HOH HOH A . 
B 2 HOH 99  199 24  HOH HOH A . 
B 2 HOH 100 200 101 HOH HOH A . 
B 2 HOH 101 201 94  HOH HOH A . 
B 2 HOH 102 202 137 HOH HOH A . 
B 2 HOH 103 203 57  HOH HOH A . 
B 2 HOH 104 204 26  HOH HOH A . 
B 2 HOH 105 205 58  HOH HOH A . 
B 2 HOH 106 206 66  HOH HOH A . 
B 2 HOH 107 207 59  HOH HOH A . 
# 
loop_
_software.citation_id 
_software.classification 
_software.compiler_name 
_software.compiler_version 
_software.contact_author 
_software.contact_author_email 
_software.date 
_software.description 
_software.dependencies 
_software.hardware 
_software.language 
_software.location 
_software.mods 
_software.name 
_software.os 
_software.os_version 
_software.type 
_software.version 
_software.pdbx_ordinal 
? refinement       ? ? ? ? ? ? ? ? ? ? ? REFMAC ? ? ? 5.8.0267 1 
? 'data reduction' ? ? ? ? ? ? ? ? ? ? ? XDS    ? ? ? .        2 
? 'data scaling'   ? ? ? ? ? ? ? ? ? ? ? XSCALE ? ? ? .        3 
? phasing          ? ? ? ? ? ? ? ? ? ? ? MOLREP ? ? ? .        4 
# 
_cell.angle_alpha                  90.00 
_cell.angle_alpha_esd              ? 
_cell.angle_beta                   90.00 
_cell.angle_beta_esd               ? 
_cell.angle_gamma                  90.00 
_cell.angle_gamma_esd              ? 
_cell.entry_id                     8QAO 
_cell.details                      ? 
_cell.formula_units_Z              ? 
_cell.length_a                     48.369 
_cell.length_a_esd                 ? 
_cell.length_b                     48.369 
_cell.length_b_esd                 ? 
_cell.length_c                     86.951 
_cell.length_c_esd                 ? 
_cell.volume                       ? 
_cell.volume_esd                   ? 
_cell.Z_PDB                        8 
_cell.reciprocal_angle_alpha       ? 
_cell.reciprocal_angle_beta        ? 
_cell.reciprocal_angle_gamma       ? 
_cell.reciprocal_angle_alpha_esd   ? 
_cell.reciprocal_angle_beta_esd    ? 
_cell.reciprocal_angle_gamma_esd   ? 
_cell.reciprocal_length_a          ? 
_cell.reciprocal_length_b          ? 
_cell.reciprocal_length_c          ? 
_cell.reciprocal_length_a_esd      ? 
_cell.reciprocal_length_b_esd      ? 
_cell.reciprocal_length_c_esd      ? 
_cell.pdbx_unique_axis             ? 
_cell.pdbx_esd_method              ? 
# 
_symmetry.entry_id                         8QAO 
_symmetry.cell_setting                     ? 
_symmetry.Int_Tables_number                96 
_symmetry.space_group_name_Hall            ? 
_symmetry.space_group_name_H-M             'P 43 21 2' 
_symmetry.pdbx_full_space_group_name_H-M   ? 
# 
_exptl.absorpt_coefficient_mu     ? 
_exptl.absorpt_correction_T_max   ? 
_exptl.absorpt_correction_T_min   ? 
_exptl.absorpt_correction_type    ? 
_exptl.absorpt_process_details    ? 
_exptl.entry_id                   8QAO 
_exptl.crystals_number            1 
_exptl.details                    ? 
_exptl.method                     'X-RAY DIFFRACTION' 
_exptl.method_details             ? 
# 
_exptl_crystal.colour                       ? 
_exptl_crystal.density_diffrn               ? 
_exptl_crystal.density_Matthews             2.32 
_exptl_crystal.density_method               ? 
_exptl_crystal.density_percent_sol          47.05 
_exptl_crystal.description                  ? 
_exptl_crystal.F_000                        ? 
_exptl_crystal.id                           1 
_exptl_crystal.preparation                  ? 
_exptl_crystal.size_max                     ? 
_exptl_crystal.size_mid                     ? 
_exptl_crystal.size_min                     ? 
_exptl_crystal.size_rad                     ? 
_exptl_crystal.colour_lustre                ? 
_exptl_crystal.colour_modifier              ? 
_exptl_crystal.colour_primary               ? 
_exptl_crystal.density_meas                 ? 
_exptl_crystal.density_meas_esd             ? 
_exptl_crystal.density_meas_gt              ? 
_exptl_crystal.density_meas_lt              ? 
_exptl_crystal.density_meas_temp            ? 
_exptl_crystal.density_meas_temp_esd        ? 
_exptl_crystal.density_meas_temp_gt         ? 
_exptl_crystal.density_meas_temp_lt         ? 
_exptl_crystal.pdbx_crystal_image_url       ? 
_exptl_crystal.pdbx_crystal_image_format    ? 
_exptl_crystal.pdbx_mosaicity               ? 
_exptl_crystal.pdbx_mosaicity_esd           ? 
_exptl_crystal.pdbx_mosaic_method           ? 
_exptl_crystal.pdbx_mosaic_block_size       ? 
_exptl_crystal.pdbx_mosaic_block_size_esd   ? 
# 
_exptl_crystal_grow.apparatus       ? 
_exptl_crystal_grow.atmosphere      ? 
_exptl_crystal_grow.crystal_id      1 
_exptl_crystal_grow.details         ? 
_exptl_crystal_grow.method          'VAPOR DIFFUSION, SITTING DROP' 
_exptl_crystal_grow.method_ref      ? 
_exptl_crystal_grow.pH              ? 
_exptl_crystal_grow.pressure        ? 
_exptl_crystal_grow.pressure_esd    ? 
_exptl_crystal_grow.seeding         ? 
_exptl_crystal_grow.seeding_ref     ? 
_exptl_crystal_grow.temp_details    ? 
_exptl_crystal_grow.temp_esd        ? 
_exptl_crystal_grow.time            ? 
_exptl_crystal_grow.pdbx_details    '28% w/v PEG 4000, 0.17 M ammonium sulphate and 15% glycerol' 
_exptl_crystal_grow.pdbx_pH_range   ? 
_exptl_crystal_grow.temp            298.15 
# 
_diffrn.ambient_environment              ? 
_diffrn.ambient_temp                     100 
_diffrn.ambient_temp_details             ? 
_diffrn.ambient_temp_esd                 ? 
_diffrn.crystal_id                       1 
_diffrn.crystal_support                  ? 
_diffrn.crystal_treatment                ? 
_diffrn.details                          ? 
_diffrn.id                               1 
_diffrn.ambient_pressure                 ? 
_diffrn.ambient_pressure_esd             ? 
_diffrn.ambient_pressure_gt              ? 
_diffrn.ambient_pressure_lt              ? 
_diffrn.ambient_temp_gt                  ? 
_diffrn.ambient_temp_lt                  ? 
_diffrn.pdbx_serial_crystal_experiment   N 
# 
_diffrn_detector.details                      ? 
_diffrn_detector.detector                     PIXEL 
_diffrn_detector.diffrn_id                    1 
_diffrn_detector.type                         'DECTRIS PILATUS3 2M' 
_diffrn_detector.area_resol_mean              ? 
_diffrn_detector.dtime                        ? 
_diffrn_detector.pdbx_frames_total            ? 
_diffrn_detector.pdbx_collection_time_total   ? 
_diffrn_detector.pdbx_collection_date         2022-01-21 
_diffrn_detector.pdbx_frequency               ? 
_diffrn_detector.id                           ? 
_diffrn_detector.number_of_axes               ? 
# 
_diffrn_radiation.collimation                      ? 
_diffrn_radiation.diffrn_id                        1 
_diffrn_radiation.filter_edge                      ? 
_diffrn_radiation.inhomogeneity                    ? 
_diffrn_radiation.monochromator                    ? 
_diffrn_radiation.polarisn_norm                    ? 
_diffrn_radiation.polarisn_ratio                   ? 
_diffrn_radiation.probe                            ? 
_diffrn_radiation.type                             ? 
_diffrn_radiation.xray_symbol                      ? 
_diffrn_radiation.wavelength_id                    1 
_diffrn_radiation.pdbx_monochromatic_or_laue_m_l   M 
_diffrn_radiation.pdbx_wavelength_list             ? 
_diffrn_radiation.pdbx_wavelength                  ? 
_diffrn_radiation.pdbx_diffrn_protocol             'SINGLE WAVELENGTH' 
_diffrn_radiation.pdbx_analyzer                    ? 
_diffrn_radiation.pdbx_scattering_type             x-ray 
# 
_diffrn_radiation_wavelength.id           1 
_diffrn_radiation_wavelength.wavelength   0.8731 
_diffrn_radiation_wavelength.wt           1.0 
# 
_diffrn_source.current                     ? 
_diffrn_source.details                     ? 
_diffrn_source.diffrn_id                   1 
_diffrn_source.power                       ? 
_diffrn_source.size                        ? 
_diffrn_source.source                      SYNCHROTRON 
_diffrn_source.target                      ? 
_diffrn_source.type                        'ESRF BEAMLINE ID23-2' 
_diffrn_source.voltage                     ? 
_diffrn_source.take-off_angle              ? 
_diffrn_source.pdbx_wavelength_list        0.8731 
_diffrn_source.pdbx_wavelength             ? 
_diffrn_source.pdbx_synchrotron_beamline   ID23-2 
_diffrn_source.pdbx_synchrotron_site       ESRF 
# 
_reflns.B_iso_Wilson_estimate                          ? 
_reflns.entry_id                                       8QAO 
_reflns.data_reduction_details                         ? 
_reflns.data_reduction_method                          ? 
_reflns.d_resolution_high                              1.29 
_reflns.d_resolution_low                               43.48 
_reflns.details                                        ? 
_reflns.limit_h_max                                    ? 
_reflns.limit_h_min                                    ? 
_reflns.limit_k_max                                    ? 
_reflns.limit_k_min                                    ? 
_reflns.limit_l_max                                    ? 
_reflns.limit_l_min                                    ? 
_reflns.number_all                                     ? 
_reflns.number_obs                                     46858 
_reflns.observed_criterion                             ? 
_reflns.observed_criterion_F_max                       ? 
_reflns.observed_criterion_F_min                       ? 
_reflns.observed_criterion_I_max                       ? 
_reflns.observed_criterion_I_min                       ? 
_reflns.observed_criterion_sigma_F                     ? 
_reflns.observed_criterion_sigma_I                     ? 
_reflns.percent_possible_obs                           94.0 
_reflns.R_free_details                                 ? 
_reflns.Rmerge_F_all                                   ? 
_reflns.Rmerge_F_obs                                   ? 
_reflns.Friedel_coverage                               ? 
_reflns.number_gt                                      ? 
_reflns.threshold_expression                           ? 
_reflns.pdbx_redundancy                                19.04 
_reflns.pdbx_netI_over_av_sigmaI                       ? 
_reflns.pdbx_netI_over_sigmaI                          18.5 
_reflns.pdbx_res_netI_over_av_sigmaI_2                 ? 
_reflns.pdbx_res_netI_over_sigmaI_2                    ? 
_reflns.pdbx_chi_squared                               ? 
_reflns.pdbx_scaling_rejects                           ? 
_reflns.pdbx_d_res_high_opt                            ? 
_reflns.pdbx_d_res_low_opt                             ? 
_reflns.pdbx_d_res_opt_method                          ? 
_reflns.phase_calculation_details                      ? 
_reflns.pdbx_Rrim_I_all                                ? 
_reflns.pdbx_Rpim_I_all                                0.051 
_reflns.pdbx_d_opt                                     ? 
_reflns.pdbx_number_measured_all                       ? 
_reflns.pdbx_diffrn_id                                 1 
_reflns.pdbx_ordinal                                   1 
_reflns.pdbx_CC_half                                   0.99 
_reflns.pdbx_CC_star                                   ? 
_reflns.pdbx_R_split                                   ? 
_reflns.pdbx_Rmerge_I_obs                              0.246 
_reflns.pdbx_Rmerge_I_all                              ? 
_reflns.pdbx_Rsym_value                                ? 
_reflns.pdbx_CC_split_method                           ? 
_reflns.pdbx_aniso_diffraction_limit_axis_1_ortho[1]   ? 
_reflns.pdbx_aniso_diffraction_limit_axis_1_ortho[2]   ? 
_reflns.pdbx_aniso_diffraction_limit_axis_1_ortho[3]   ? 
_reflns.pdbx_aniso_diffraction_limit_axis_2_ortho[1]   ? 
_reflns.pdbx_aniso_diffraction_limit_axis_2_ortho[2]   ? 
_reflns.pdbx_aniso_diffraction_limit_axis_2_ortho[3]   ? 
_reflns.pdbx_aniso_diffraction_limit_axis_3_ortho[1]   ? 
_reflns.pdbx_aniso_diffraction_limit_axis_3_ortho[2]   ? 
_reflns.pdbx_aniso_diffraction_limit_axis_3_ortho[3]   ? 
_reflns.pdbx_aniso_diffraction_limit_1                 ? 
_reflns.pdbx_aniso_diffraction_limit_2                 ? 
_reflns.pdbx_aniso_diffraction_limit_3                 ? 
_reflns.pdbx_aniso_B_tensor_eigenvector_1_ortho[1]     ? 
_reflns.pdbx_aniso_B_tensor_eigenvector_1_ortho[2]     ? 
_reflns.pdbx_aniso_B_tensor_eigenvector_1_ortho[3]     ? 
_reflns.pdbx_aniso_B_tensor_eigenvector_2_ortho[1]     ? 
_reflns.pdbx_aniso_B_tensor_eigenvector_2_ortho[2]     ? 
_reflns.pdbx_aniso_B_tensor_eigenvector_2_ortho[3]     ? 
_reflns.pdbx_aniso_B_tensor_eigenvector_3_ortho[1]     ? 
_reflns.pdbx_aniso_B_tensor_eigenvector_3_ortho[2]     ? 
_reflns.pdbx_aniso_B_tensor_eigenvector_3_ortho[3]     ? 
_reflns.pdbx_aniso_B_tensor_eigenvalue_1               ? 
_reflns.pdbx_aniso_B_tensor_eigenvalue_2               ? 
_reflns.pdbx_aniso_B_tensor_eigenvalue_3               ? 
_reflns.pdbx_orthogonalization_convention              ? 
_reflns.pdbx_percent_possible_ellipsoidal              ? 
_reflns.pdbx_percent_possible_spherical                ? 
_reflns.pdbx_percent_possible_ellipsoidal_anomalous    ? 
_reflns.pdbx_percent_possible_spherical_anomalous      ? 
_reflns.pdbx_redundancy_anomalous                      ? 
_reflns.pdbx_CC_half_anomalous                         ? 
_reflns.pdbx_absDiff_over_sigma_anomalous              ? 
_reflns.pdbx_percent_possible_anomalous                ? 
_reflns.pdbx_observed_signal_threshold                 ? 
_reflns.pdbx_signal_type                               ? 
_reflns.pdbx_signal_details                            ? 
_reflns.pdbx_signal_software_id                        ? 
# 
_reflns_shell.d_res_high                                    1.29 
_reflns_shell.d_res_low                                     1.37 
_reflns_shell.meanI_over_sigI_all                           ? 
_reflns_shell.meanI_over_sigI_obs                           ? 
_reflns_shell.number_measured_all                           ? 
_reflns_shell.number_measured_obs                           ? 
_reflns_shell.number_possible                               ? 
_reflns_shell.number_unique_all                             ? 
_reflns_shell.number_unique_obs                             5596 
_reflns_shell.percent_possible_obs                          ? 
_reflns_shell.Rmerge_F_all                                  ? 
_reflns_shell.Rmerge_F_obs                                  ? 
_reflns_shell.meanI_over_sigI_gt                            ? 
_reflns_shell.meanI_over_uI_all                             ? 
_reflns_shell.meanI_over_uI_gt                              ? 
_reflns_shell.number_measured_gt                            ? 
_reflns_shell.number_unique_gt                              ? 
_reflns_shell.percent_possible_gt                           ? 
_reflns_shell.Rmerge_F_gt                                   ? 
_reflns_shell.Rmerge_I_gt                                   ? 
_reflns_shell.pdbx_redundancy                               ? 
_reflns_shell.pdbx_chi_squared                              ? 
_reflns_shell.pdbx_netI_over_sigmaI_all                     ? 
_reflns_shell.pdbx_netI_over_sigmaI_obs                     ? 
_reflns_shell.pdbx_Rrim_I_all                               ? 
_reflns_shell.pdbx_Rpim_I_all                               ? 
_reflns_shell.pdbx_rejects                                  ? 
_reflns_shell.pdbx_ordinal                                  1 
_reflns_shell.pdbx_diffrn_id                                1 
_reflns_shell.pdbx_CC_half                                  0.217 
_reflns_shell.pdbx_CC_star                                  ? 
_reflns_shell.pdbx_R_split                                  ? 
_reflns_shell.percent_possible_all                          ? 
_reflns_shell.Rmerge_I_all                                  ? 
_reflns_shell.Rmerge_I_obs                                  ? 
_reflns_shell.pdbx_Rsym_value                               ? 
_reflns_shell.pdbx_percent_possible_ellipsoidal             ? 
_reflns_shell.pdbx_percent_possible_spherical               ? 
_reflns_shell.pdbx_percent_possible_ellipsoidal_anomalous   ? 
_reflns_shell.pdbx_percent_possible_spherical_anomalous     ? 
_reflns_shell.pdbx_redundancy_anomalous                     ? 
_reflns_shell.pdbx_CC_half_anomalous                        ? 
_reflns_shell.pdbx_absDiff_over_sigma_anomalous             ? 
_reflns_shell.pdbx_percent_possible_anomalous               ? 
# 
_refine.aniso_B[1][1]                            0.98 
_refine.aniso_B[1][2]                            -0.00 
_refine.aniso_B[1][3]                            -0.00 
_refine.aniso_B[2][2]                            0.98 
_refine.aniso_B[2][3]                            -0.00 
_refine.aniso_B[3][3]                            -1.96 
_refine.B_iso_max                                ? 
_refine.B_iso_mean                               18.281 
_refine.B_iso_min                                ? 
_refine.correlation_coeff_Fo_to_Fc               0.978 
_refine.correlation_coeff_Fo_to_Fc_free          0.970 
_refine.details                                  'HYDROGENS HAVE BEEN ADDED IN THE RIDING POSITIONS' 
_refine.diff_density_max                         ? 
_refine.diff_density_max_esd                     ? 
_refine.diff_density_min                         ? 
_refine.diff_density_min_esd                     ? 
_refine.diff_density_rms                         ? 
_refine.diff_density_rms_esd                     ? 
_refine.entry_id                                 8QAO 
_refine.pdbx_refine_id                           'X-RAY DIFFRACTION' 
_refine.ls_abs_structure_details                 ? 
_refine.ls_abs_structure_Flack                   ? 
_refine.ls_abs_structure_Flack_esd               ? 
_refine.ls_abs_structure_Rogers                  ? 
_refine.ls_abs_structure_Rogers_esd              ? 
_refine.ls_d_res_high                            1.29 
_refine.ls_d_res_low                             42.27 
_refine.ls_extinction_coef                       ? 
_refine.ls_extinction_coef_esd                   ? 
_refine.ls_extinction_expression                 ? 
_refine.ls_extinction_method                     ? 
_refine.ls_goodness_of_fit_all                   ? 
_refine.ls_goodness_of_fit_all_esd               ? 
_refine.ls_goodness_of_fit_obs                   ? 
_refine.ls_goodness_of_fit_obs_esd               ? 
_refine.ls_hydrogen_treatment                    ? 
_refine.ls_matrix_type                           ? 
_refine.ls_number_constraints                    ? 
_refine.ls_number_parameters                     ? 
_refine.ls_number_reflns_all                     ? 
_refine.ls_number_reflns_obs                     46858 
_refine.ls_number_reflns_R_free                  1134 
_refine.ls_number_reflns_R_work                  ? 
_refine.ls_number_restraints                     ? 
_refine.ls_percent_reflns_obs                    95.20 
_refine.ls_percent_reflns_R_free                 4.5 
_refine.ls_R_factor_all                          ? 
_refine.ls_R_factor_obs                          0.15111 
_refine.ls_R_factor_R_free                       0.18288 
_refine.ls_R_factor_R_free_error                 ? 
_refine.ls_R_factor_R_free_error_details         ? 
_refine.ls_R_factor_R_work                       0.14969 
_refine.ls_R_Fsqd_factor_obs                     ? 
_refine.ls_R_I_factor_obs                        ? 
_refine.ls_redundancy_reflns_all                 ? 
_refine.ls_redundancy_reflns_obs                 ? 
_refine.ls_restrained_S_all                      ? 
_refine.ls_restrained_S_obs                      ? 
_refine.ls_shift_over_esd_max                    ? 
_refine.ls_shift_over_esd_mean                   ? 
_refine.ls_structure_factor_coef                 ? 
_refine.ls_weighting_details                     ? 
_refine.ls_weighting_scheme                      ? 
_refine.ls_wR_factor_all                         ? 
_refine.ls_wR_factor_obs                         ? 
_refine.ls_wR_factor_R_free                      ? 
_refine.ls_wR_factor_R_work                      ? 
_refine.occupancy_max                            ? 
_refine.occupancy_min                            ? 
_refine.solvent_model_details                    MASK 
_refine.solvent_model_param_bsol                 ? 
_refine.solvent_model_param_ksol                 ? 
_refine.pdbx_R_complete                          ? 
_refine.ls_R_factor_gt                           ? 
_refine.ls_goodness_of_fit_gt                    ? 
_refine.ls_goodness_of_fit_ref                   ? 
_refine.ls_shift_over_su_max                     ? 
_refine.ls_shift_over_su_max_lt                  ? 
_refine.ls_shift_over_su_mean                    ? 
_refine.ls_shift_over_su_mean_lt                 ? 
_refine.pdbx_ls_sigma_I                          ? 
_refine.pdbx_ls_sigma_F                          ? 
_refine.pdbx_ls_sigma_Fsqd                       ? 
_refine.pdbx_data_cutoff_high_absF               ? 
_refine.pdbx_data_cutoff_high_rms_absF           ? 
_refine.pdbx_data_cutoff_low_absF                ? 
_refine.pdbx_isotropic_thermal_model             ? 
_refine.pdbx_ls_cross_valid_method               THROUGHOUT 
_refine.pdbx_method_to_determine_struct          'MOLECULAR REPLACEMENT' 
_refine.pdbx_starting_model                      ? 
_refine.pdbx_stereochemistry_target_values       'MAXIMUM LIKELIHOOD' 
_refine.pdbx_R_Free_selection_details            RANDOM 
_refine.pdbx_stereochem_target_val_spec_case     ? 
_refine.pdbx_overall_ESU_R                       0.047 
_refine.pdbx_overall_ESU_R_Free                  0.047 
_refine.pdbx_solvent_vdw_probe_radii             1.20 
_refine.pdbx_solvent_ion_probe_radii             0.80 
_refine.pdbx_solvent_shrinkage_radii             0.80 
_refine.pdbx_real_space_R                        ? 
_refine.pdbx_density_correlation                 ? 
_refine.pdbx_pd_number_of_powder_patterns        ? 
_refine.pdbx_pd_number_of_points                 ? 
_refine.pdbx_pd_meas_number_of_points            ? 
_refine.pdbx_pd_proc_ls_prof_R_factor            ? 
_refine.pdbx_pd_proc_ls_prof_wR_factor           ? 
_refine.pdbx_pd_Marquardt_correlation_coeff      ? 
_refine.pdbx_pd_Fsqrd_R_factor                   ? 
_refine.pdbx_pd_ls_matrix_band_width             ? 
_refine.pdbx_overall_phase_error                 ? 
_refine.pdbx_overall_SU_R_free_Cruickshank_DPI   ? 
_refine.pdbx_overall_SU_R_free_Blow_DPI          ? 
_refine.pdbx_overall_SU_R_Blow_DPI               ? 
_refine.pdbx_TLS_residual_ADP_flag               ? 
_refine.pdbx_diffrn_id                           1 
_refine.overall_SU_B                             2.074 
_refine.overall_SU_ML                            0.036 
_refine.overall_SU_R_Cruickshank_DPI             ? 
_refine.overall_SU_R_free                        ? 
_refine.overall_FOM_free_R_set                   ? 
_refine.overall_FOM_work_R_set                   ? 
_refine.pdbx_average_fsc_overall                 ? 
_refine.pdbx_average_fsc_work                    ? 
_refine.pdbx_average_fsc_free                    ? 
# 
_refine_hist.pdbx_refine_id                   'X-RAY DIFFRACTION' 
_refine_hist.cycle_id                         1 
_refine_hist.details                          ? 
_refine_hist.d_res_high                       1.29 
_refine_hist.d_res_low                        42.27 
_refine_hist.number_atoms_solvent             107 
_refine_hist.number_atoms_total               769 
_refine_hist.number_reflns_all                ? 
_refine_hist.number_reflns_obs                ? 
_refine_hist.number_reflns_R_free             ? 
_refine_hist.number_reflns_R_work             ? 
_refine_hist.R_factor_all                     ? 
_refine_hist.R_factor_obs                     ? 
_refine_hist.R_factor_R_free                  ? 
_refine_hist.R_factor_R_work                  ? 
_refine_hist.pdbx_number_residues_total       ? 
_refine_hist.pdbx_B_iso_mean_ligand           ? 
_refine_hist.pdbx_B_iso_mean_solvent          ? 
_refine_hist.pdbx_number_atoms_protein        662 
_refine_hist.pdbx_number_atoms_nucleic_acid   0 
_refine_hist.pdbx_number_atoms_ligand         0 
_refine_hist.pdbx_number_atoms_lipid          ? 
_refine_hist.pdbx_number_atoms_carb           ? 
_refine_hist.pdbx_pseudo_atom_details         ? 
# 
loop_
_refine_ls_restr.pdbx_refine_id 
_refine_ls_restr.criterion 
_refine_ls_restr.dev_ideal 
_refine_ls_restr.dev_ideal_target 
_refine_ls_restr.number 
_refine_ls_restr.rejects 
_refine_ls_restr.type 
_refine_ls_restr.weight 
_refine_ls_restr.pdbx_restraint_function 
'X-RAY DIFFRACTION' ? 0.026  0.013  798  ? r_bond_refined_d             ? ? 
'X-RAY DIFFRACTION' ? 0.003  0.016  810  ? r_bond_other_d               ? ? 
'X-RAY DIFFRACTION' ? 2.296  1.631  1089 ? r_angle_refined_deg          ? ? 
'X-RAY DIFFRACTION' ? 1.574  1.585  1891 ? r_angle_other_deg            ? ? 
'X-RAY DIFFRACTION' ? 5.204  5.000  110  ? r_dihedral_angle_1_deg       ? ? 
'X-RAY DIFFRACTION' ? 39.249 24.706 34   ? r_dihedral_angle_2_deg       ? ? 
'X-RAY DIFFRACTION' ? 13.587 15.000 173  ? r_dihedral_angle_3_deg       ? ? 
'X-RAY DIFFRACTION' ? 14.041 15.000 3    ? r_dihedral_angle_4_deg       ? ? 
'X-RAY DIFFRACTION' ? 0.112  0.200  109  ? r_chiral_restr               ? ? 
'X-RAY DIFFRACTION' ? 0.011  0.020  917  ? r_gen_planes_refined         ? ? 
'X-RAY DIFFRACTION' ? 0.003  0.020  173  ? r_gen_planes_other           ? ? 
'X-RAY DIFFRACTION' ? ?      ?      ?    ? r_nbd_refined                ? ? 
'X-RAY DIFFRACTION' ? ?      ?      ?    ? r_nbd_other                  ? ? 
'X-RAY DIFFRACTION' ? ?      ?      ?    ? r_nbtor_refined              ? ? 
'X-RAY DIFFRACTION' ? ?      ?      ?    ? r_nbtor_other                ? ? 
'X-RAY DIFFRACTION' ? ?      ?      ?    ? r_xyhbond_nbd_refined        ? ? 
'X-RAY DIFFRACTION' ? ?      ?      ?    ? r_xyhbond_nbd_other          ? ? 
'X-RAY DIFFRACTION' ? ?      ?      ?    ? r_metal_ion_refined          ? ? 
'X-RAY DIFFRACTION' ? ?      ?      ?    ? r_metal_ion_other            ? ? 
'X-RAY DIFFRACTION' ? ?      ?      ?    ? r_symmetry_vdw_refined       ? ? 
'X-RAY DIFFRACTION' ? ?      ?      ?    ? r_symmetry_vdw_other         ? ? 
'X-RAY DIFFRACTION' ? ?      ?      ?    ? r_symmetry_hbond_refined     ? ? 
'X-RAY DIFFRACTION' ? ?      ?      ?    ? r_symmetry_hbond_other       ? ? 
'X-RAY DIFFRACTION' ? ?      ?      ?    ? r_symmetry_metal_ion_refined ? ? 
'X-RAY DIFFRACTION' ? ?      ?      ?    ? r_symmetry_metal_ion_other   ? ? 
'X-RAY DIFFRACTION' ? 2.110  1.311  395  ? r_mcbond_it                  ? ? 
'X-RAY DIFFRACTION' ? 1.946  1.295  394  ? r_mcbond_other               ? ? 
'X-RAY DIFFRACTION' ? 2.278  1.954  506  ? r_mcangle_it                 ? ? 
'X-RAY DIFFRACTION' ? 2.396  1.964  507  ? r_mcangle_other              ? ? 
'X-RAY DIFFRACTION' ? 4.348  1.883  403  ? r_scbond_it                  ? ? 
'X-RAY DIFFRACTION' ? 4.343  1.886  404  ? r_scbond_other               ? ? 
'X-RAY DIFFRACTION' ? ?      ?      ?    ? r_scangle_it                 ? ? 
'X-RAY DIFFRACTION' ? 4.366  2.580  578  ? r_scangle_other              ? ? 
'X-RAY DIFFRACTION' ? 5.348  18.966 927  ? r_long_range_B_refined       ? ? 
'X-RAY DIFFRACTION' ? 4.818  17.727 904  ? r_long_range_B_other         ? ? 
'X-RAY DIFFRACTION' ? 8.786  3.000  1608 ? r_rigid_bond_restr           ? ? 
'X-RAY DIFFRACTION' ? ?      ?      ?    ? r_sphericity_free            ? ? 
'X-RAY DIFFRACTION' ? ?      ?      ?    ? r_sphericity_bonded          ? ? 
# 
_refine_ls_shell.pdbx_refine_id                   'X-RAY DIFFRACTION' 
_refine_ls_shell.d_res_high                       1.294 
_refine_ls_shell.d_res_low                        1.327 
_refine_ls_shell.number_reflns_all                ? 
_refine_ls_shell.number_reflns_obs                ? 
_refine_ls_shell.number_reflns_R_free             54 
_refine_ls_shell.number_reflns_R_work             1115 
_refine_ls_shell.percent_reflns_obs               61.20 
_refine_ls_shell.percent_reflns_R_free            ? 
_refine_ls_shell.R_factor_all                     ? 
_refine_ls_shell.R_factor_obs                     ? 
_refine_ls_shell.R_factor_R_free_error            ? 
_refine_ls_shell.R_factor_R_work                  0.616 
_refine_ls_shell.redundancy_reflns_all            ? 
_refine_ls_shell.redundancy_reflns_obs            ? 
_refine_ls_shell.wR_factor_all                    ? 
_refine_ls_shell.wR_factor_obs                    ? 
_refine_ls_shell.wR_factor_R_free                 ? 
_refine_ls_shell.wR_factor_R_work                 ? 
_refine_ls_shell.pdbx_R_complete                  ? 
_refine_ls_shell.pdbx_total_number_of_bins_used   20 
_refine_ls_shell.pdbx_phase_error                 ? 
_refine_ls_shell.pdbx_fsc_work                    ? 
_refine_ls_shell.pdbx_fsc_free                    ? 
_refine_ls_shell.R_factor_R_free                  0.657 
# 
_struct.entry_id                     8QAO 
_struct.title                        'Crystal structure of TP901-1 CI-NTD89 repressor N-terminal domain' 
_struct.pdbx_model_details           ? 
_struct.pdbx_formula_weight          ? 
_struct.pdbx_formula_weight_method   ? 
_struct.pdbx_model_type_details      ? 
_struct.pdbx_CASP_flag               N 
# 
_struct_keywords.entry_id        8QAO 
_struct_keywords.text            'repressor, DNA binding, genetic switch, temperate bacteriophage, DNA BINDING PROTEIN' 
_struct_keywords.pdbx_keywords   'DNA BINDING PROTEIN' 
# 
loop_
_struct_asym.id 
_struct_asym.pdbx_blank_PDB_chainid_flag 
_struct_asym.pdbx_modified 
_struct_asym.entity_id 
_struct_asym.details 
A N N 1 ? 
B N N 2 ? 
# 
_struct_ref.id                         1 
_struct_ref.db_name                    UNP 
_struct_ref.db_code                    O48503_9CAUD 
_struct_ref.pdbx_db_accession          O48503 
_struct_ref.pdbx_db_isoform            ? 
_struct_ref.entity_id                  1 
_struct_ref.pdbx_seq_one_letter_code   
;MKTDTSNRLKQIMAERNLKQVDILNLSIPFQKKFGIKLSKSTLSQYVNSVQSPDQNRIYLLAKTLGVSEAWLMGFDVPMV
ESSKIENDS
;
_struct_ref.pdbx_align_begin           1 
# 
_struct_ref_seq.align_id                      1 
_struct_ref_seq.ref_id                        1 
_struct_ref_seq.pdbx_PDB_id_code              8QAO 
_struct_ref_seq.pdbx_strand_id                A 
_struct_ref_seq.seq_align_beg                 1 
_struct_ref_seq.pdbx_seq_align_beg_ins_code   ? 
_struct_ref_seq.seq_align_end                 89 
_struct_ref_seq.pdbx_seq_align_end_ins_code   ? 
_struct_ref_seq.pdbx_db_accession             O48503 
_struct_ref_seq.db_align_beg                  1 
_struct_ref_seq.pdbx_db_align_beg_ins_code    ? 
_struct_ref_seq.db_align_end                  89 
_struct_ref_seq.pdbx_db_align_end_ins_code    ? 
_struct_ref_seq.pdbx_auth_seq_align_beg       1 
_struct_ref_seq.pdbx_auth_seq_align_end       89 
# 
loop_
_struct_ref_seq_dif.align_id 
_struct_ref_seq_dif.pdbx_pdb_id_code 
_struct_ref_seq_dif.mon_id 
_struct_ref_seq_dif.pdbx_pdb_strand_id 
_struct_ref_seq_dif.seq_num 
_struct_ref_seq_dif.pdbx_pdb_ins_code 
_struct_ref_seq_dif.pdbx_seq_db_name 
_struct_ref_seq_dif.pdbx_seq_db_accession_code 
_struct_ref_seq_dif.db_mon_id 
_struct_ref_seq_dif.pdbx_seq_db_seq_num 
_struct_ref_seq_dif.details 
_struct_ref_seq_dif.pdbx_auth_seq_num 
_struct_ref_seq_dif.pdbx_ordinal 
1 8QAO GLN A 2  ? UNP O48503 LYS 2 conflict         2  1 
1 8QAO HIS A 90 ? UNP O48503 ?   ? 'expression tag' 90 2 
1 8QAO HIS A 91 ? UNP O48503 ?   ? 'expression tag' 91 3 
1 8QAO HIS A 92 ? UNP O48503 ?   ? 'expression tag' 92 4 
1 8QAO HIS A 93 ? UNP O48503 ?   ? 'expression tag' 93 5 
1 8QAO HIS A 94 ? UNP O48503 ?   ? 'expression tag' 94 6 
1 8QAO HIS A 95 ? UNP O48503 ?   ? 'expression tag' 95 7 
# 
_pdbx_struct_assembly.id                   1 
_pdbx_struct_assembly.details              author_and_software_defined_assembly 
_pdbx_struct_assembly.method_details       PISA 
_pdbx_struct_assembly.oligomeric_details   monomeric 
_pdbx_struct_assembly.oligomeric_count     1 
# 
loop_
_pdbx_struct_assembly_prop.biol_id 
_pdbx_struct_assembly_prop.type 
_pdbx_struct_assembly_prop.value 
_pdbx_struct_assembly_prop.details 
1 'ABSA (A^2)' 0    ? 
1 MORE         0    ? 
1 'SSA (A^2)'  5040 ? 
# 
_pdbx_struct_assembly_gen.assembly_id       1 
_pdbx_struct_assembly_gen.oper_expression   1 
_pdbx_struct_assembly_gen.asym_id_list      A,B 
# 
_pdbx_struct_assembly_auth_evidence.id                     1 
_pdbx_struct_assembly_auth_evidence.assembly_id            1 
_pdbx_struct_assembly_auth_evidence.experimental_support   'gel filtration' 
_pdbx_struct_assembly_auth_evidence.details                ? 
# 
_pdbx_struct_oper_list.id                   1 
_pdbx_struct_oper_list.type                 'identity operation' 
_pdbx_struct_oper_list.name                 1_555 
_pdbx_struct_oper_list.symmetry_operation   x,y,z 
_pdbx_struct_oper_list.matrix[1][1]         1.0000000000 
_pdbx_struct_oper_list.matrix[1][2]         0.0000000000 
_pdbx_struct_oper_list.matrix[1][3]         0.0000000000 
_pdbx_struct_oper_list.vector[1]            0.0000000000 
_pdbx_struct_oper_list.matrix[2][1]         0.0000000000 
_pdbx_struct_oper_list.matrix[2][2]         1.0000000000 
_pdbx_struct_oper_list.matrix[2][3]         0.0000000000 
_pdbx_struct_oper_list.vector[2]            0.0000000000 
_pdbx_struct_oper_list.matrix[3][1]         0.0000000000 
_pdbx_struct_oper_list.matrix[3][2]         0.0000000000 
_pdbx_struct_oper_list.matrix[3][3]         1.0000000000 
_pdbx_struct_oper_list.vector[3]            0.0000000000 
# 
loop_
_struct_conf.conf_type_id 
_struct_conf.id 
_struct_conf.pdbx_PDB_helix_id 
_struct_conf.beg_label_comp_id 
_struct_conf.beg_label_asym_id 
_struct_conf.beg_label_seq_id 
_struct_conf.pdbx_beg_PDB_ins_code 
_struct_conf.end_label_comp_id 
_struct_conf.end_label_asym_id 
_struct_conf.end_label_seq_id 
_struct_conf.pdbx_end_PDB_ins_code 
_struct_conf.beg_auth_comp_id 
_struct_conf.beg_auth_asym_id 
_struct_conf.beg_auth_seq_id 
_struct_conf.end_auth_comp_id 
_struct_conf.end_auth_asym_id 
_struct_conf.end_auth_seq_id 
_struct_conf.pdbx_PDB_helix_class 
_struct_conf.details 
_struct_conf.pdbx_PDB_helix_length 
HELX_P HELX_P1 AA1 ASP A 4  ? ASN A 17 ? ASP A 4  ASN A 17 1 ? 14 
HELX_P HELX_P2 AA2 LYS A 19 ? GLY A 35 ? LYS A 19 GLY A 35 1 ? 17 
HELX_P HELX_P3 AA3 SER A 39 ? ASN A 48 ? SER A 39 ASN A 48 1 ? 10 
HELX_P HELX_P4 AA4 ASP A 54 ? GLY A 66 ? ASP A 54 GLY A 66 1 ? 13 
HELX_P HELX_P5 AA5 SER A 68 ? GLY A 74 ? SER A 68 GLY A 74 1 ? 7  
# 
_struct_conf_type.id          HELX_P 
_struct_conf_type.criteria    ? 
_struct_conf_type.reference   ? 
# 
loop_
_pdbx_validate_rmsd_bond.id 
_pdbx_validate_rmsd_bond.PDB_model_num 
_pdbx_validate_rmsd_bond.auth_atom_id_1 
_pdbx_validate_rmsd_bond.auth_asym_id_1 
_pdbx_validate_rmsd_bond.auth_comp_id_1 
_pdbx_validate_rmsd_bond.auth_seq_id_1 
_pdbx_validate_rmsd_bond.PDB_ins_code_1 
_pdbx_validate_rmsd_bond.label_alt_id_1 
_pdbx_validate_rmsd_bond.auth_atom_id_2 
_pdbx_validate_rmsd_bond.auth_asym_id_2 
_pdbx_validate_rmsd_bond.auth_comp_id_2 
_pdbx_validate_rmsd_bond.auth_seq_id_2 
_pdbx_validate_rmsd_bond.PDB_ins_code_2 
_pdbx_validate_rmsd_bond.label_alt_id_2 
_pdbx_validate_rmsd_bond.bond_value 
_pdbx_validate_rmsd_bond.bond_target_value 
_pdbx_validate_rmsd_bond.bond_deviation 
_pdbx_validate_rmsd_bond.bond_standard_deviation 
_pdbx_validate_rmsd_bond.linker_flag 
1 1 CD A GLU 69 ? A OE2 A GLU 69 ? A 1.331 1.252 0.079 0.011 N 
2 1 C  A LYS 84 ? A O   A LYS 84 ? A 1.801 1.229 0.572 0.019 N 
# 
loop_
_pdbx_validate_rmsd_angle.id 
_pdbx_validate_rmsd_angle.PDB_model_num 
_pdbx_validate_rmsd_angle.auth_atom_id_1 
_pdbx_validate_rmsd_angle.auth_asym_id_1 
_pdbx_validate_rmsd_angle.auth_comp_id_1 
_pdbx_validate_rmsd_angle.auth_seq_id_1 
_pdbx_validate_rmsd_angle.PDB_ins_code_1 
_pdbx_validate_rmsd_angle.label_alt_id_1 
_pdbx_validate_rmsd_angle.auth_atom_id_2 
_pdbx_validate_rmsd_angle.auth_asym_id_2 
_pdbx_validate_rmsd_angle.auth_comp_id_2 
_pdbx_validate_rmsd_angle.auth_seq_id_2 
_pdbx_validate_rmsd_angle.PDB_ins_code_2 
_pdbx_validate_rmsd_angle.label_alt_id_2 
_pdbx_validate_rmsd_angle.auth_atom_id_3 
_pdbx_validate_rmsd_angle.auth_asym_id_3 
_pdbx_validate_rmsd_angle.auth_comp_id_3 
_pdbx_validate_rmsd_angle.auth_seq_id_3 
_pdbx_validate_rmsd_angle.PDB_ins_code_3 
_pdbx_validate_rmsd_angle.label_alt_id_3 
_pdbx_validate_rmsd_angle.angle_value 
_pdbx_validate_rmsd_angle.angle_target_value 
_pdbx_validate_rmsd_angle.angle_deviation 
_pdbx_validate_rmsd_angle.angle_standard_deviation 
_pdbx_validate_rmsd_angle.linker_flag 
1 1 N  A SER 83 ? A CA A SER 83 ? A CB A SER 83 ? A 97.91  110.50 -12.59 1.50 N 
2 1 CA A SER 83 ? A CB A SER 83 ? A OG A SER 83 ? A 129.37 111.20 18.17  2.70 N 
3 1 O  A SER 83 ? A C  A SER 83 ? A N  A LYS 84 ? A 113.06 122.70 -9.64  1.60 Y 
4 1 CA A LYS 84 ? A C  A LYS 84 ? A O  A LYS 84 ? A 93.35  120.10 -26.75 2.10 N 
# 
_pdbx_validate_torsion.id              1 
_pdbx_validate_torsion.PDB_model_num   1 
_pdbx_validate_torsion.auth_comp_id    THR 
_pdbx_validate_torsion.auth_asym_id    A 
_pdbx_validate_torsion.auth_seq_id     3 
_pdbx_validate_torsion.PDB_ins_code    ? 
_pdbx_validate_torsion.label_alt_id    ? 
_pdbx_validate_torsion.phi             -124.61 
_pdbx_validate_torsion.psi             -167.55 
# 
_pdbx_struct_special_symmetry.id              1 
_pdbx_struct_special_symmetry.PDB_model_num   1 
_pdbx_struct_special_symmetry.auth_asym_id    A 
_pdbx_struct_special_symmetry.auth_comp_id    HOH 
_pdbx_struct_special_symmetry.auth_seq_id     206 
_pdbx_struct_special_symmetry.PDB_ins_code    ? 
_pdbx_struct_special_symmetry.label_asym_id   B 
_pdbx_struct_special_symmetry.label_comp_id   HOH 
_pdbx_struct_special_symmetry.label_seq_id    . 
# 
loop_
_pdbx_distant_solvent_atoms.id 
_pdbx_distant_solvent_atoms.PDB_model_num 
_pdbx_distant_solvent_atoms.auth_atom_id 
_pdbx_distant_solvent_atoms.label_alt_id 
_pdbx_distant_solvent_atoms.auth_asym_id 
_pdbx_distant_solvent_atoms.auth_comp_id 
_pdbx_distant_solvent_atoms.auth_seq_id 
_pdbx_distant_solvent_atoms.PDB_ins_code 
_pdbx_distant_solvent_atoms.neighbor_macromolecule_distance 
_pdbx_distant_solvent_atoms.neighbor_ligand_distance 
1 1 O ? A HOH 200 ? 6.15 . 
2 1 O ? A HOH 201 ? 6.41 . 
3 1 O ? A HOH 202 ? 6.88 . 
4 1 O ? A HOH 203 ? 6.89 . 
5 1 O ? A HOH 204 ? 7.32 . 
6 1 O ? A HOH 205 ? 7.41 . 
7 1 O ? A HOH 206 ? 7.74 . 
8 1 O ? A HOH 207 ? 9.65 . 
# 
loop_
_pdbx_unobs_or_zero_occ_residues.id 
_pdbx_unobs_or_zero_occ_residues.PDB_model_num 
_pdbx_unobs_or_zero_occ_residues.polymer_flag 
_pdbx_unobs_or_zero_occ_residues.occupancy_flag 
_pdbx_unobs_or_zero_occ_residues.auth_asym_id 
_pdbx_unobs_or_zero_occ_residues.auth_comp_id 
_pdbx_unobs_or_zero_occ_residues.auth_seq_id 
_pdbx_unobs_or_zero_occ_residues.PDB_ins_code 
_pdbx_unobs_or_zero_occ_residues.label_asym_id 
_pdbx_unobs_or_zero_occ_residues.label_comp_id 
_pdbx_unobs_or_zero_occ_residues.label_seq_id 
1  1 Y 1 A SER 82 ? A SER 82 
2  1 Y 1 A ILE 85 ? A ILE 85 
3  1 Y 1 A GLU 86 ? A GLU 86 
4  1 Y 1 A ASN 87 ? A ASN 87 
5  1 Y 1 A ASP 88 ? A ASP 88 
6  1 Y 1 A SER 89 ? A SER 89 
7  1 Y 1 A HIS 90 ? A HIS 90 
8  1 Y 1 A HIS 91 ? A HIS 91 
9  1 Y 1 A HIS 92 ? A HIS 92 
10 1 Y 1 A HIS 93 ? A HIS 93 
11 1 Y 1 A HIS 94 ? A HIS 94 
12 1 Y 1 A HIS 95 ? A HIS 95 
# 
loop_
_chem_comp_atom.comp_id 
_chem_comp_atom.atom_id 
_chem_comp_atom.type_symbol 
_chem_comp_atom.pdbx_aromatic_flag 
_chem_comp_atom.pdbx_stereo_config 
_chem_comp_atom.pdbx_ordinal 
ALA N    N N N 1   
ALA CA   C N S 2   
ALA C    C N N 3   
ALA O    O N N 4   
ALA CB   C N N 5   
ALA OXT  O N N 6   
ALA H    H N N 7   
ALA H2   H N N 8   
ALA HA   H N N 9   
ALA HB1  H N N 10  
ALA HB2  H N N 11  
ALA HB3  H N N 12  
ALA HXT  H N N 13  
ARG N    N N N 14  
ARG CA   C N S 15  
ARG C    C N N 16  
ARG O    O N N 17  
ARG CB   C N N 18  
ARG CG   C N N 19  
ARG CD   C N N 20  
ARG NE   N N N 21  
ARG CZ   C N N 22  
ARG NH1  N N N 23  
ARG NH2  N N N 24  
ARG OXT  O N N 25  
ARG H    H N N 26  
ARG H2   H N N 27  
ARG HA   H N N 28  
ARG HB2  H N N 29  
ARG HB3  H N N 30  
ARG HG2  H N N 31  
ARG HG3  H N N 32  
ARG HD2  H N N 33  
ARG HD3  H N N 34  
ARG HE   H N N 35  
ARG HH11 H N N 36  
ARG HH12 H N N 37  
ARG HH21 H N N 38  
ARG HH22 H N N 39  
ARG HXT  H N N 40  
ASN N    N N N 41  
ASN CA   C N S 42  
ASN C    C N N 43  
ASN O    O N N 44  
ASN CB   C N N 45  
ASN CG   C N N 46  
ASN OD1  O N N 47  
ASN ND2  N N N 48  
ASN OXT  O N N 49  
ASN H    H N N 50  
ASN H2   H N N 51  
ASN HA   H N N 52  
ASN HB2  H N N 53  
ASN HB3  H N N 54  
ASN HD21 H N N 55  
ASN HD22 H N N 56  
ASN HXT  H N N 57  
ASP N    N N N 58  
ASP CA   C N S 59  
ASP C    C N N 60  
ASP O    O N N 61  
ASP CB   C N N 62  
ASP CG   C N N 63  
ASP OD1  O N N 64  
ASP OD2  O N N 65  
ASP OXT  O N N 66  
ASP H    H N N 67  
ASP H2   H N N 68  
ASP HA   H N N 69  
ASP HB2  H N N 70  
ASP HB3  H N N 71  
ASP HD2  H N N 72  
ASP HXT  H N N 73  
GLN N    N N N 74  
GLN CA   C N S 75  
GLN C    C N N 76  
GLN O    O N N 77  
GLN CB   C N N 78  
GLN CG   C N N 79  
GLN CD   C N N 80  
GLN OE1  O N N 81  
GLN NE2  N N N 82  
GLN OXT  O N N 83  
GLN H    H N N 84  
GLN H2   H N N 85  
GLN HA   H N N 86  
GLN HB2  H N N 87  
GLN HB3  H N N 88  
GLN HG2  H N N 89  
GLN HG3  H N N 90  
GLN HE21 H N N 91  
GLN HE22 H N N 92  
GLN HXT  H N N 93  
GLU N    N N N 94  
GLU CA   C N S 95  
GLU C    C N N 96  
GLU O    O N N 97  
GLU CB   C N N 98  
GLU CG   C N N 99  
GLU CD   C N N 100 
GLU OE1  O N N 101 
GLU OE2  O N N 102 
GLU OXT  O N N 103 
GLU H    H N N 104 
GLU H2   H N N 105 
GLU HA   H N N 106 
GLU HB2  H N N 107 
GLU HB3  H N N 108 
GLU HG2  H N N 109 
GLU HG3  H N N 110 
GLU HE2  H N N 111 
GLU HXT  H N N 112 
GLY N    N N N 113 
GLY CA   C N N 114 
GLY C    C N N 115 
GLY O    O N N 116 
GLY OXT  O N N 117 
GLY H    H N N 118 
GLY H2   H N N 119 
GLY HA2  H N N 120 
GLY HA3  H N N 121 
GLY HXT  H N N 122 
HIS N    N N N 123 
HIS CA   C N S 124 
HIS C    C N N 125 
HIS O    O N N 126 
HIS CB   C N N 127 
HIS CG   C Y N 128 
HIS ND1  N Y N 129 
HIS CD2  C Y N 130 
HIS CE1  C Y N 131 
HIS NE2  N Y N 132 
HIS OXT  O N N 133 
HIS H    H N N 134 
HIS H2   H N N 135 
HIS HA   H N N 136 
HIS HB2  H N N 137 
HIS HB3  H N N 138 
HIS HD1  H N N 139 
HIS HD2  H N N 140 
HIS HE1  H N N 141 
HIS HE2  H N N 142 
HIS HXT  H N N 143 
HOH O    O N N 144 
HOH H1   H N N 145 
HOH H2   H N N 146 
ILE N    N N N 147 
ILE CA   C N S 148 
ILE C    C N N 149 
ILE O    O N N 150 
ILE CB   C N S 151 
ILE CG1  C N N 152 
ILE CG2  C N N 153 
ILE CD1  C N N 154 
ILE OXT  O N N 155 
ILE H    H N N 156 
ILE H2   H N N 157 
ILE HA   H N N 158 
ILE HB   H N N 159 
ILE HG12 H N N 160 
ILE HG13 H N N 161 
ILE HG21 H N N 162 
ILE HG22 H N N 163 
ILE HG23 H N N 164 
ILE HD11 H N N 165 
ILE HD12 H N N 166 
ILE HD13 H N N 167 
ILE HXT  H N N 168 
LEU N    N N N 169 
LEU CA   C N S 170 
LEU C    C N N 171 
LEU O    O N N 172 
LEU CB   C N N 173 
LEU CG   C N N 174 
LEU CD1  C N N 175 
LEU CD2  C N N 176 
LEU OXT  O N N 177 
LEU H    H N N 178 
LEU H2   H N N 179 
LEU HA   H N N 180 
LEU HB2  H N N 181 
LEU HB3  H N N 182 
LEU HG   H N N 183 
LEU HD11 H N N 184 
LEU HD12 H N N 185 
LEU HD13 H N N 186 
LEU HD21 H N N 187 
LEU HD22 H N N 188 
LEU HD23 H N N 189 
LEU HXT  H N N 190 
LYS N    N N N 191 
LYS CA   C N S 192 
LYS C    C N N 193 
LYS O    O N N 194 
LYS CB   C N N 195 
LYS CG   C N N 196 
LYS CD   C N N 197 
LYS CE   C N N 198 
LYS NZ   N N N 199 
LYS OXT  O N N 200 
LYS H    H N N 201 
LYS H2   H N N 202 
LYS HA   H N N 203 
LYS HB2  H N N 204 
LYS HB3  H N N 205 
LYS HG2  H N N 206 
LYS HG3  H N N 207 
LYS HD2  H N N 208 
LYS HD3  H N N 209 
LYS HE2  H N N 210 
LYS HE3  H N N 211 
LYS HZ1  H N N 212 
LYS HZ2  H N N 213 
LYS HZ3  H N N 214 
LYS HXT  H N N 215 
MET N    N N N 216 
MET CA   C N S 217 
MET C    C N N 218 
MET O    O N N 219 
MET CB   C N N 220 
MET CG   C N N 221 
MET SD   S N N 222 
MET CE   C N N 223 
MET OXT  O N N 224 
MET H    H N N 225 
MET H2   H N N 226 
MET HA   H N N 227 
MET HB2  H N N 228 
MET HB3  H N N 229 
MET HG2  H N N 230 
MET HG3  H N N 231 
MET HE1  H N N 232 
MET HE2  H N N 233 
MET HE3  H N N 234 
MET HXT  H N N 235 
PHE N    N N N 236 
PHE CA   C N S 237 
PHE C    C N N 238 
PHE O    O N N 239 
PHE CB   C N N 240 
PHE CG   C Y N 241 
PHE CD1  C Y N 242 
PHE CD2  C Y N 243 
PHE CE1  C Y N 244 
PHE CE2  C Y N 245 
PHE CZ   C Y N 246 
PHE OXT  O N N 247 
PHE H    H N N 248 
PHE H2   H N N 249 
PHE HA   H N N 250 
PHE HB2  H N N 251 
PHE HB3  H N N 252 
PHE HD1  H N N 253 
PHE HD2  H N N 254 
PHE HE1  H N N 255 
PHE HE2  H N N 256 
PHE HZ   H N N 257 
PHE HXT  H N N 258 
PRO N    N N N 259 
PRO CA   C N S 260 
PRO C    C N N 261 
PRO O    O N N 262 
PRO CB   C N N 263 
PRO CG   C N N 264 
PRO CD   C N N 265 
PRO OXT  O N N 266 
PRO H    H N N 267 
PRO HA   H N N 268 
PRO HB2  H N N 269 
PRO HB3  H N N 270 
PRO HG2  H N N 271 
PRO HG3  H N N 272 
PRO HD2  H N N 273 
PRO HD3  H N N 274 
PRO HXT  H N N 275 
SER N    N N N 276 
SER CA   C N S 277 
SER C    C N N 278 
SER O    O N N 279 
SER CB   C N N 280 
SER OG   O N N 281 
SER OXT  O N N 282 
SER H    H N N 283 
SER H2   H N N 284 
SER HA   H N N 285 
SER HB2  H N N 286 
SER HB3  H N N 287 
SER HG   H N N 288 
SER HXT  H N N 289 
THR N    N N N 290 
THR CA   C N S 291 
THR C    C N N 292 
THR O    O N N 293 
THR CB   C N R 294 
THR OG1  O N N 295 
THR CG2  C N N 296 
THR OXT  O N N 297 
THR H    H N N 298 
THR H2   H N N 299 
THR HA   H N N 300 
THR HB   H N N 301 
THR HG1  H N N 302 
THR HG21 H N N 303 
THR HG22 H N N 304 
THR HG23 H N N 305 
THR HXT  H N N 306 
TRP N    N N N 307 
TRP CA   C N S 308 
TRP C    C N N 309 
TRP O    O N N 310 
TRP CB   C N N 311 
TRP CG   C Y N 312 
TRP CD1  C Y N 313 
TRP CD2  C Y N 314 
TRP NE1  N Y N 315 
TRP CE2  C Y N 316 
TRP CE3  C Y N 317 
TRP CZ2  C Y N 318 
TRP CZ3  C Y N 319 
TRP CH2  C Y N 320 
TRP OXT  O N N 321 
TRP H    H N N 322 
TRP H2   H N N 323 
TRP HA   H N N 324 
TRP HB2  H N N 325 
TRP HB3  H N N 326 
TRP HD1  H N N 327 
TRP HE1  H N N 328 
TRP HE3  H N N 329 
TRP HZ2  H N N 330 
TRP HZ3  H N N 331 
TRP HH2  H N N 332 
TRP HXT  H N N 333 
TYR N    N N N 334 
TYR CA   C N S 335 
TYR C    C N N 336 
TYR O    O N N 337 
TYR CB   C N N 338 
TYR CG   C Y N 339 
TYR CD1  C Y N 340 
TYR CD2  C Y N 341 
TYR CE1  C Y N 342 
TYR CE2  C Y N 343 
TYR CZ   C Y N 344 
TYR OH   O N N 345 
TYR OXT  O N N 346 
TYR H    H N N 347 
TYR H2   H N N 348 
TYR HA   H N N 349 
TYR HB2  H N N 350 
TYR HB3  H N N 351 
TYR HD1  H N N 352 
TYR HD2  H N N 353 
TYR HE1  H N N 354 
TYR HE2  H N N 355 
TYR HH   H N N 356 
TYR HXT  H N N 357 
VAL N    N N N 358 
VAL CA   C N S 359 
VAL C    C N N 360 
VAL O    O N N 361 
VAL CB   C N N 362 
VAL CG1  C N N 363 
VAL CG2  C N N 364 
VAL OXT  O N N 365 
VAL H    H N N 366 
VAL H2   H N N 367 
VAL HA   H N N 368 
VAL HB   H N N 369 
VAL HG11 H N N 370 
VAL HG12 H N N 371 
VAL HG13 H N N 372 
VAL HG21 H N N 373 
VAL HG22 H N N 374 
VAL HG23 H N N 375 
VAL HXT  H N N 376 
# 
loop_
_chem_comp_bond.comp_id 
_chem_comp_bond.atom_id_1 
_chem_comp_bond.atom_id_2 
_chem_comp_bond.value_order 
_chem_comp_bond.pdbx_aromatic_flag 
_chem_comp_bond.pdbx_stereo_config 
_chem_comp_bond.pdbx_ordinal 
ALA N   CA   sing N N 1   
ALA N   H    sing N N 2   
ALA N   H2   sing N N 3   
ALA CA  C    sing N N 4   
ALA CA  CB   sing N N 5   
ALA CA  HA   sing N N 6   
ALA C   O    doub N N 7   
ALA C   OXT  sing N N 8   
ALA CB  HB1  sing N N 9   
ALA CB  HB2  sing N N 10  
ALA CB  HB3  sing N N 11  
ALA OXT HXT  sing N N 12  
ARG N   CA   sing N N 13  
ARG N   H    sing N N 14  
ARG N   H2   sing N N 15  
ARG CA  C    sing N N 16  
ARG CA  CB   sing N N 17  
ARG CA  HA   sing N N 18  
ARG C   O    doub N N 19  
ARG C   OXT  sing N N 20  
ARG CB  CG   sing N N 21  
ARG CB  HB2  sing N N 22  
ARG CB  HB3  sing N N 23  
ARG CG  CD   sing N N 24  
ARG CG  HG2  sing N N 25  
ARG CG  HG3  sing N N 26  
ARG CD  NE   sing N N 27  
ARG CD  HD2  sing N N 28  
ARG CD  HD3  sing N N 29  
ARG NE  CZ   sing N N 30  
ARG NE  HE   sing N N 31  
ARG CZ  NH1  sing N N 32  
ARG CZ  NH2  doub N N 33  
ARG NH1 HH11 sing N N 34  
ARG NH1 HH12 sing N N 35  
ARG NH2 HH21 sing N N 36  
ARG NH2 HH22 sing N N 37  
ARG OXT HXT  sing N N 38  
ASN N   CA   sing N N 39  
ASN N   H    sing N N 40  
ASN N   H2   sing N N 41  
ASN CA  C    sing N N 42  
ASN CA  CB   sing N N 43  
ASN CA  HA   sing N N 44  
ASN C   O    doub N N 45  
ASN C   OXT  sing N N 46  
ASN CB  CG   sing N N 47  
ASN CB  HB2  sing N N 48  
ASN CB  HB3  sing N N 49  
ASN CG  OD1  doub N N 50  
ASN CG  ND2  sing N N 51  
ASN ND2 HD21 sing N N 52  
ASN ND2 HD22 sing N N 53  
ASN OXT HXT  sing N N 54  
ASP N   CA   sing N N 55  
ASP N   H    sing N N 56  
ASP N   H2   sing N N 57  
ASP CA  C    sing N N 58  
ASP CA  CB   sing N N 59  
ASP CA  HA   sing N N 60  
ASP C   O    doub N N 61  
ASP C   OXT  sing N N 62  
ASP CB  CG   sing N N 63  
ASP CB  HB2  sing N N 64  
ASP CB  HB3  sing N N 65  
ASP CG  OD1  doub N N 66  
ASP CG  OD2  sing N N 67  
ASP OD2 HD2  sing N N 68  
ASP OXT HXT  sing N N 69  
GLN N   CA   sing N N 70  
GLN N   H    sing N N 71  
GLN N   H2   sing N N 72  
GLN CA  C    sing N N 73  
GLN CA  CB   sing N N 74  
GLN CA  HA   sing N N 75  
GLN C   O    doub N N 76  
GLN C   OXT  sing N N 77  
GLN CB  CG   sing N N 78  
GLN CB  HB2  sing N N 79  
GLN CB  HB3  sing N N 80  
GLN CG  CD   sing N N 81  
GLN CG  HG2  sing N N 82  
GLN CG  HG3  sing N N 83  
GLN CD  OE1  doub N N 84  
GLN CD  NE2  sing N N 85  
GLN NE2 HE21 sing N N 86  
GLN NE2 HE22 sing N N 87  
GLN OXT HXT  sing N N 88  
GLU N   CA   sing N N 89  
GLU N   H    sing N N 90  
GLU N   H2   sing N N 91  
GLU CA  C    sing N N 92  
GLU CA  CB   sing N N 93  
GLU CA  HA   sing N N 94  
GLU C   O    doub N N 95  
GLU C   OXT  sing N N 96  
GLU CB  CG   sing N N 97  
GLU CB  HB2  sing N N 98  
GLU CB  HB3  sing N N 99  
GLU CG  CD   sing N N 100 
GLU CG  HG2  sing N N 101 
GLU CG  HG3  sing N N 102 
GLU CD  OE1  doub N N 103 
GLU CD  OE2  sing N N 104 
GLU OE2 HE2  sing N N 105 
GLU OXT HXT  sing N N 106 
GLY N   CA   sing N N 107 
GLY N   H    sing N N 108 
GLY N   H2   sing N N 109 
GLY CA  C    sing N N 110 
GLY CA  HA2  sing N N 111 
GLY CA  HA3  sing N N 112 
GLY C   O    doub N N 113 
GLY C   OXT  sing N N 114 
GLY OXT HXT  sing N N 115 
HIS N   CA   sing N N 116 
HIS N   H    sing N N 117 
HIS N   H2   sing N N 118 
HIS CA  C    sing N N 119 
HIS CA  CB   sing N N 120 
HIS CA  HA   sing N N 121 
HIS C   O    doub N N 122 
HIS C   OXT  sing N N 123 
HIS CB  CG   sing N N 124 
HIS CB  HB2  sing N N 125 
HIS CB  HB3  sing N N 126 
HIS CG  ND1  sing Y N 127 
HIS CG  CD2  doub Y N 128 
HIS ND1 CE1  doub Y N 129 
HIS ND1 HD1  sing N N 130 
HIS CD2 NE2  sing Y N 131 
HIS CD2 HD2  sing N N 132 
HIS CE1 NE2  sing Y N 133 
HIS CE1 HE1  sing N N 134 
HIS NE2 HE2  sing N N 135 
HIS OXT HXT  sing N N 136 
HOH O   H1   sing N N 137 
HOH O   H2   sing N N 138 
ILE N   CA   sing N N 139 
ILE N   H    sing N N 140 
ILE N   H2   sing N N 141 
ILE CA  C    sing N N 142 
ILE CA  CB   sing N N 143 
ILE CA  HA   sing N N 144 
ILE C   O    doub N N 145 
ILE C   OXT  sing N N 146 
ILE CB  CG1  sing N N 147 
ILE CB  CG2  sing N N 148 
ILE CB  HB   sing N N 149 
ILE CG1 CD1  sing N N 150 
ILE CG1 HG12 sing N N 151 
ILE CG1 HG13 sing N N 152 
ILE CG2 HG21 sing N N 153 
ILE CG2 HG22 sing N N 154 
ILE CG2 HG23 sing N N 155 
ILE CD1 HD11 sing N N 156 
ILE CD1 HD12 sing N N 157 
ILE CD1 HD13 sing N N 158 
ILE OXT HXT  sing N N 159 
LEU N   CA   sing N N 160 
LEU N   H    sing N N 161 
LEU N   H2   sing N N 162 
LEU CA  C    sing N N 163 
LEU CA  CB   sing N N 164 
LEU CA  HA   sing N N 165 
LEU C   O    doub N N 166 
LEU C   OXT  sing N N 167 
LEU CB  CG   sing N N 168 
LEU CB  HB2  sing N N 169 
LEU CB  HB3  sing N N 170 
LEU CG  CD1  sing N N 171 
LEU CG  CD2  sing N N 172 
LEU CG  HG   sing N N 173 
LEU CD1 HD11 sing N N 174 
LEU CD1 HD12 sing N N 175 
LEU CD1 HD13 sing N N 176 
LEU CD2 HD21 sing N N 177 
LEU CD2 HD22 sing N N 178 
LEU CD2 HD23 sing N N 179 
LEU OXT HXT  sing N N 180 
LYS N   CA   sing N N 181 
LYS N   H    sing N N 182 
LYS N   H2   sing N N 183 
LYS CA  C    sing N N 184 
LYS CA  CB   sing N N 185 
LYS CA  HA   sing N N 186 
LYS C   O    doub N N 187 
LYS C   OXT  sing N N 188 
LYS CB  CG   sing N N 189 
LYS CB  HB2  sing N N 190 
LYS CB  HB3  sing N N 191 
LYS CG  CD   sing N N 192 
LYS CG  HG2  sing N N 193 
LYS CG  HG3  sing N N 194 
LYS CD  CE   sing N N 195 
LYS CD  HD2  sing N N 196 
LYS CD  HD3  sing N N 197 
LYS CE  NZ   sing N N 198 
LYS CE  HE2  sing N N 199 
LYS CE  HE3  sing N N 200 
LYS NZ  HZ1  sing N N 201 
LYS NZ  HZ2  sing N N 202 
LYS NZ  HZ3  sing N N 203 
LYS OXT HXT  sing N N 204 
MET N   CA   sing N N 205 
MET N   H    sing N N 206 
MET N   H2   sing N N 207 
MET CA  C    sing N N 208 
MET CA  CB   sing N N 209 
MET CA  HA   sing N N 210 
MET C   O    doub N N 211 
MET C   OXT  sing N N 212 
MET CB  CG   sing N N 213 
MET CB  HB2  sing N N 214 
MET CB  HB3  sing N N 215 
MET CG  SD   sing N N 216 
MET CG  HG2  sing N N 217 
MET CG  HG3  sing N N 218 
MET SD  CE   sing N N 219 
MET CE  HE1  sing N N 220 
MET CE  HE2  sing N N 221 
MET CE  HE3  sing N N 222 
MET OXT HXT  sing N N 223 
PHE N   CA   sing N N 224 
PHE N   H    sing N N 225 
PHE N   H2   sing N N 226 
PHE CA  C    sing N N 227 
PHE CA  CB   sing N N 228 
PHE CA  HA   sing N N 229 
PHE C   O    doub N N 230 
PHE C   OXT  sing N N 231 
PHE CB  CG   sing N N 232 
PHE CB  HB2  sing N N 233 
PHE CB  HB3  sing N N 234 
PHE CG  CD1  doub Y N 235 
PHE CG  CD2  sing Y N 236 
PHE CD1 CE1  sing Y N 237 
PHE CD1 HD1  sing N N 238 
PHE CD2 CE2  doub Y N 239 
PHE CD2 HD2  sing N N 240 
PHE CE1 CZ   doub Y N 241 
PHE CE1 HE1  sing N N 242 
PHE CE2 CZ   sing Y N 243 
PHE CE2 HE2  sing N N 244 
PHE CZ  HZ   sing N N 245 
PHE OXT HXT  sing N N 246 
PRO N   CA   sing N N 247 
PRO N   CD   sing N N 248 
PRO N   H    sing N N 249 
PRO CA  C    sing N N 250 
PRO CA  CB   sing N N 251 
PRO CA  HA   sing N N 252 
PRO C   O    doub N N 253 
PRO C   OXT  sing N N 254 
PRO CB  CG   sing N N 255 
PRO CB  HB2  sing N N 256 
PRO CB  HB3  sing N N 257 
PRO CG  CD   sing N N 258 
PRO CG  HG2  sing N N 259 
PRO CG  HG3  sing N N 260 
PRO CD  HD2  sing N N 261 
PRO CD  HD3  sing N N 262 
PRO OXT HXT  sing N N 263 
SER N   CA   sing N N 264 
SER N   H    sing N N 265 
SER N   H2   sing N N 266 
SER CA  C    sing N N 267 
SER CA  CB   sing N N 268 
SER CA  HA   sing N N 269 
SER C   O    doub N N 270 
SER C   OXT  sing N N 271 
SER CB  OG   sing N N 272 
SER CB  HB2  sing N N 273 
SER CB  HB3  sing N N 274 
SER OG  HG   sing N N 275 
SER OXT HXT  sing N N 276 
THR N   CA   sing N N 277 
THR N   H    sing N N 278 
THR N   H2   sing N N 279 
THR CA  C    sing N N 280 
THR CA  CB   sing N N 281 
THR CA  HA   sing N N 282 
THR C   O    doub N N 283 
THR C   OXT  sing N N 284 
THR CB  OG1  sing N N 285 
THR CB  CG2  sing N N 286 
THR CB  HB   sing N N 287 
THR OG1 HG1  sing N N 288 
THR CG2 HG21 sing N N 289 
THR CG2 HG22 sing N N 290 
THR CG2 HG23 sing N N 291 
THR OXT HXT  sing N N 292 
TRP N   CA   sing N N 293 
TRP N   H    sing N N 294 
TRP N   H2   sing N N 295 
TRP CA  C    sing N N 296 
TRP CA  CB   sing N N 297 
TRP CA  HA   sing N N 298 
TRP C   O    doub N N 299 
TRP C   OXT  sing N N 300 
TRP CB  CG   sing N N 301 
TRP CB  HB2  sing N N 302 
TRP CB  HB3  sing N N 303 
TRP CG  CD1  doub Y N 304 
TRP CG  CD2  sing Y N 305 
TRP CD1 NE1  sing Y N 306 
TRP CD1 HD1  sing N N 307 
TRP CD2 CE2  doub Y N 308 
TRP CD2 CE3  sing Y N 309 
TRP NE1 CE2  sing Y N 310 
TRP NE1 HE1  sing N N 311 
TRP CE2 CZ2  sing Y N 312 
TRP CE3 CZ3  doub Y N 313 
TRP CE3 HE3  sing N N 314 
TRP CZ2 CH2  doub Y N 315 
TRP CZ2 HZ2  sing N N 316 
TRP CZ3 CH2  sing Y N 317 
TRP CZ3 HZ3  sing N N 318 
TRP CH2 HH2  sing N N 319 
TRP OXT HXT  sing N N 320 
TYR N   CA   sing N N 321 
TYR N   H    sing N N 322 
TYR N   H2   sing N N 323 
TYR CA  C    sing N N 324 
TYR CA  CB   sing N N 325 
TYR CA  HA   sing N N 326 
TYR C   O    doub N N 327 
TYR C   OXT  sing N N 328 
TYR CB  CG   sing N N 329 
TYR CB  HB2  sing N N 330 
TYR CB  HB3  sing N N 331 
TYR CG  CD1  doub Y N 332 
TYR CG  CD2  sing Y N 333 
TYR CD1 CE1  sing Y N 334 
TYR CD1 HD1  sing N N 335 
TYR CD2 CE2  doub Y N 336 
TYR CD2 HD2  sing N N 337 
TYR CE1 CZ   doub Y N 338 
TYR CE1 HE1  sing N N 339 
TYR CE2 CZ   sing Y N 340 
TYR CE2 HE2  sing N N 341 
TYR CZ  OH   sing N N 342 
TYR OH  HH   sing N N 343 
TYR OXT HXT  sing N N 344 
VAL N   CA   sing N N 345 
VAL N   H    sing N N 346 
VAL N   H2   sing N N 347 
VAL CA  C    sing N N 348 
VAL CA  CB   sing N N 349 
VAL CA  HA   sing N N 350 
VAL C   O    doub N N 351 
VAL C   OXT  sing N N 352 
VAL CB  CG1  sing N N 353 
VAL CB  CG2  sing N N 354 
VAL CB  HB   sing N N 355 
VAL CG1 HG11 sing N N 356 
VAL CG1 HG12 sing N N 357 
VAL CG1 HG13 sing N N 358 
VAL CG2 HG21 sing N N 359 
VAL CG2 HG22 sing N N 360 
VAL CG2 HG23 sing N N 361 
VAL OXT HXT  sing N N 362 
# 
_pdbx_audit_support.funding_organization   'Novo Nordisk Foundation' 
_pdbx_audit_support.country                Denmark 
_pdbx_audit_support.grant_number           ? 
_pdbx_audit_support.ordinal                1 
# 
_pdbx_initial_refinement_model.id               1 
_pdbx_initial_refinement_model.entity_id_list   ? 
_pdbx_initial_refinement_model.type             'experimental model' 
_pdbx_initial_refinement_model.source_name      PDB 
_pdbx_initial_refinement_model.accession_code   3ZHI 
_pdbx_initial_refinement_model.details          ? 
# 
_atom_sites.entry_id                    8QAO 
_atom_sites.Cartn_transf_matrix[1][1]   ? 
_atom_sites.Cartn_transf_matrix[1][2]   ? 
_atom_sites.Cartn_transf_matrix[1][3]   ? 
_atom_sites.Cartn_transf_matrix[2][1]   ? 
_atom_sites.Cartn_transf_matrix[2][2]   ? 
_atom_sites.Cartn_transf_matrix[2][3]   ? 
_atom_sites.Cartn_transf_matrix[3][1]   ? 
_atom_sites.Cartn_transf_matrix[3][2]   ? 
_atom_sites.Cartn_transf_matrix[3][3]   ? 
_atom_sites.Cartn_transf_vector[1]      ? 
_atom_sites.Cartn_transf_vector[2]      ? 
_atom_sites.Cartn_transf_vector[3]      ? 
_atom_sites.Cartn_transform_axes        ? 
_atom_sites.fract_transf_matrix[1][1]   -0.01537133 
_atom_sites.fract_transf_matrix[1][2]   0.01381511 
_atom_sites.fract_transf_matrix[1][3]   0.00052845 
_atom_sites.fract_transf_matrix[2][1]   0.01039565 
_atom_sites.fract_transf_matrix[2][2]   0.01102883 
_atom_sites.fract_transf_matrix[2][3]   0.01406093 
_atom_sites.fract_transf_matrix[3][1]   0.00507020 
_atom_sites.fract_transf_matrix[3][2]   0.00596366 
_atom_sites.fract_transf_matrix[3][3]   -0.00842620 
_atom_sites.fract_transf_vector[1]      0.341278 
_atom_sites.fract_transf_vector[2]      0.145327 
_atom_sites.fract_transf_vector[3]      0.133824 
_atom_sites.solution_primary            ? 
_atom_sites.solution_secondary          ? 
_atom_sites.solution_hydrogens          ? 
_atom_sites.special_details             ? 
# 
loop_
_atom_type.symbol 
C 
N 
O 
S 
# 
loop_
_atom_site.group_PDB 
_atom_site.id 
_atom_site.type_symbol 
_atom_site.label_atom_id 
_atom_site.label_alt_id 
_atom_site.label_comp_id 
_atom_site.label_asym_id 
_atom_site.label_entity_id 
_atom_site.label_seq_id 
_atom_site.pdbx_PDB_ins_code 
_atom_site.Cartn_x 
_atom_site.Cartn_y 
_atom_site.Cartn_z 
_atom_site.occupancy 
_atom_site.B_iso_or_equiv 
_atom_site.pdbx_formal_charge 
_atom_site.auth_seq_id 
_atom_site.auth_comp_id 
_atom_site.auth_asym_id 
_atom_site.auth_atom_id 
_atom_site.pdbx_PDB_model_num 
ATOM   1   N N   . MET A 1 1  ? -11.975 -4.187  15.947  1.00 29.32 ? 1   MET A N   1 
ATOM   2   C CA  A MET A 1 1  ? -12.308 -3.763  14.562  0.50 26.13 ? 1   MET A CA  1 
ATOM   3   C CA  B MET A 1 1  ? -12.286 -3.567  14.606  0.50 21.40 ? 1   MET A CA  1 
ATOM   4   C C   . MET A 1 1  ? -11.012 -3.591  13.748  1.00 16.77 ? 1   MET A C   1 
ATOM   5   O O   . MET A 1 1  ? -9.931  -3.379  14.297  1.00 18.84 ? 1   MET A O   1 
ATOM   6   C CB  A MET A 1 1  ? -13.168 -2.492  14.534  0.50 35.40 ? 1   MET A CB  1 
ATOM   7   C CB  B MET A 1 1  ? -12.749 -2.115  14.770  0.50 24.40 ? 1   MET A CB  1 
ATOM   8   C CG  A MET A 1 1  ? -12.610 -1.331  15.346  0.50 41.01 ? 1   MET A CG  1 
ATOM   9   C CG  B MET A 1 1  ? -13.150 -1.434  13.466  0.50 26.69 ? 1   MET A CG  1 
ATOM   10  S SD  A MET A 1 1  ? -13.879 -0.459  16.312  0.50 51.76 ? 1   MET A SD  1 
ATOM   11  S SD  B MET A 1 1  ? -13.713 0.257   13.814  0.50 37.82 ? 1   MET A SD  1 
ATOM   12  C CE  A MET A 1 1  ? -15.374 -1.205  15.659  0.50 60.54 ? 1   MET A CE  1 
ATOM   13  C CE  B MET A 1 1  ? -15.370 -0.153  14.360  0.50 34.83 ? 1   MET A CE  1 
ATOM   14  N N   . GLN A 1 2  ? -11.119 -3.788  12.449  1.00 16.13 ? 2   GLN A N   1 
ATOM   15  C CA  . GLN A 1 2  ? -10.001 -3.698  11.505  1.00 16.58 ? 2   GLN A CA  1 
ATOM   16  C C   . GLN A 1 2  ? -10.594 -3.391  10.124  1.00 16.90 ? 2   GLN A C   1 
ATOM   17  O O   . GLN A 1 2  ? -11.858 -3.457  9.910   1.00 21.23 ? 2   GLN A O   1 
ATOM   18  C CB  . GLN A 1 2  ? -9.183  -5.010  11.478  1.00 19.00 ? 2   GLN A CB  1 
ATOM   19  C CG  . GLN A 1 2  ? -9.918  -6.251  10.973  1.00 20.93 ? 2   GLN A CG  1 
ATOM   20  C CD  . GLN A 1 2  ? -10.790 -6.843  12.022  1.00 25.05 ? 2   GLN A CD  1 
ATOM   21  O OE1 . GLN A 1 2  ? -10.348 -6.990  13.174  1.00 25.67 ? 2   GLN A OE1 1 
ATOM   22  N NE2 . GLN A 1 2  ? -11.982 -7.317  11.580  1.00 23.72 ? 2   GLN A NE2 1 
ATOM   23  N N   . THR A 1 3  ? -9.730  -3.080  9.192   1.00 11.91 ? 3   THR A N   1 
ATOM   24  C CA  . THR A 1 3  ? -10.058 -2.988  7.767   1.00 11.14 ? 3   THR A CA  1 
ATOM   25  C C   . THR A 1 3  ? -9.134  -3.900  6.966   1.00 11.95 ? 3   THR A C   1 
ATOM   26  O O   . THR A 1 3  ? -8.475  -4.776  7.553   1.00 13.99 ? 3   THR A O   1 
ATOM   27  C CB  . THR A 1 3  ? -10.161 -1.529  7.314   1.00 13.02 ? 3   THR A CB  1 
ATOM   28  O OG1 . THR A 1 3  ? -10.790 -1.448  6.021   1.00 15.58 ? 3   THR A OG1 1 
ATOM   29  C CG2 . THR A 1 3  ? -8.825  -0.846  7.260   1.00 13.61 ? 3   THR A CG2 1 
ATOM   30  N N   . ASP A 1 4  ? -9.142  -3.731  5.662   1.00 11.20 ? 4   ASP A N   1 
ATOM   31  C CA  . ASP A 1 4  ? -8.268  -4.519  4.769   1.00 11.22 ? 4   ASP A CA  1 
ATOM   32  C C   . ASP A 1 4  ? -7.304  -3.593  4.018   1.00 10.46 ? 4   ASP A C   1 
ATOM   33  O O   . ASP A 1 4  ? -7.477  -2.362  3.902   1.00 10.97 ? 4   ASP A O   1 
ATOM   34  C CB  . ASP A 1 4  ? -9.123  -5.385  3.824   1.00 13.40 ? 4   ASP A CB  1 
ATOM   35  C CG  . ASP A 1 4  ? -10.061 -4.637  2.909   1.00 14.95 ? 4   ASP A CG  1 
ATOM   36  O OD1 . ASP A 1 4  ? -10.089 -3.408  2.908   1.00 15.29 ? 4   ASP A OD1 1 
ATOM   37  O OD2 . ASP A 1 4  ? -10.879 -5.319  2.192   1.00 18.61 ? 4   ASP A OD2 1 
ATOM   38  N N   . THR A 1 5  ? -6.325  -4.195  3.350   1.00 10.07 ? 5   THR A N   1 
ATOM   39  C CA  . THR A 1 5  ? -5.311  -3.467  2.578   1.00 10.11 ? 5   THR A CA  1 
ATOM   40  C C   . THR A 1 5  ? -5.931  -2.731  1.387   1.00 10.75 ? 5   THR A C   1 
ATOM   41  O O   . THR A 1 5  ? -5.508  -1.591  1.063   1.00 11.15 ? 5   THR A O   1 
ATOM   42  C CB  . THR A 1 5  ? -4.120  -4.350  2.186   1.00 12.14 ? 5   THR A CB  1 
ATOM   43  O OG1 . THR A 1 5  ? -3.506  -4.862  3.379   1.00 12.06 ? 5   THR A OG1 1 
ATOM   44  C CG2 . THR A 1 5  ? -3.106  -3.594  1.339   1.00 13.01 ? 5   THR A CG2 1 
ATOM   45  N N   . SER A 1 6  ? -6.955  -3.319  0.749   1.00 10.80 ? 6   SER A N   1 
ATOM   46  C CA  A SER A 1 6  ? -7.615  -2.614  -0.375  0.50 10.63 ? 6   SER A CA  1 
ATOM   47  C CA  B SER A 1 6  ? -7.600  -2.598  -0.379  0.50 12.21 ? 6   SER A CA  1 
ATOM   48  C C   . SER A 1 6  ? -8.193  -1.264  0.076   1.00 11.71 ? 6   SER A C   1 
ATOM   49  O O   . SER A 1 6  ? -7.962  -0.261  -0.636  1.00 12.86 ? 6   SER A O   1 
ATOM   50  C CB  A SER A 1 6  ? -8.657  -3.534  -1.044  0.50 9.61  ? 6   SER A CB  1 
ATOM   51  C CB  B SER A 1 6  ? -8.657  -3.441  -1.063  0.50 17.99 ? 6   SER A CB  1 
ATOM   52  O OG  A SER A 1 6  ? -9.757  -3.877  -0.187  0.50 9.84  ? 6   SER A OG  1 
ATOM   53  O OG  B SER A 1 6  ? -9.514  -2.622  -1.868  0.50 28.74 ? 6   SER A OG  1 
ATOM   54  N N   . ASN A 1 7  ? -8.872  -1.260  1.232   1.00 11.68 ? 7   ASN A N   1 
ATOM   55  C CA  . ASN A 1 7  ? -9.408  0.021   1.775   1.00 12.26 ? 7   ASN A CA  1 
ATOM   56  C C   . ASN A 1 7  ? -8.282  0.994   2.124   1.00 9.21  ? 7   ASN A C   1 
ATOM   57  O O   . ASN A 1 7  ? -8.423  2.213   1.937   1.00 11.88 ? 7   ASN A O   1 
ATOM   58  C CB  . ASN A 1 7  ? -10.453 -0.231  2.874   1.00 14.59 ? 7   ASN A CB  1 
ATOM   59  C CG  . ASN A 1 7  ? -11.802 -0.569  2.217   1.00 23.21 ? 7   ASN A CG  1 
ATOM   60  O OD1 . ASN A 1 7  ? -12.398 0.302   1.683   1.00 37.54 ? 7   ASN A OD1 1 
ATOM   61  N ND2 . ASN A 1 7  ? -12.186 -1.832  2.162   1.00 36.81 ? 7   ASN A ND2 1 
ATOM   62  N N   . ARG A 1 8  ? -7.191  0.473   2.688   1.00 9.08  ? 8   ARG A N   1 
ATOM   63  C CA  . ARG A 1 8  ? -6.064  1.365   2.999   1.00 9.69  ? 8   ARG A CA  1 
ATOM   64  C C   . ARG A 1 8  ? -5.482  2.040   1.758   1.00 9.71  ? 8   ARG A C   1 
ATOM   65  O O   . ARG A 1 8  ? -5.185  3.269   1.748   1.00 10.34 ? 8   ARG A O   1 
ATOM   66  C CB  . ARG A 1 8  ? -4.985  0.579   3.756   1.00 9.90  ? 8   ARG A CB  1 
ATOM   67  C CG  . ARG A 1 8  ? -5.402  0.119   5.149   1.00 8.74  ? 8   ARG A CG  1 
ATOM   68  C CD  . ARG A 1 8  ? -5.845  1.278   6.043   1.00 8.86  ? 8   ARG A CD  1 
ATOM   69  N NE  . ARG A 1 8  ? -5.783  0.947   7.463   1.00 9.57  ? 8   ARG A NE  1 
ATOM   70  C CZ  . ARG A 1 8  ? -6.507  1.551   8.426   1.00 9.89  ? 8   ARG A CZ  1 
ATOM   71  N NH1 . ARG A 1 8  ? -7.353  2.534   8.091   1.00 10.32 ? 8   ARG A NH1 1 
ATOM   72  N NH2 . ARG A 1 8  ? -6.386  1.172   9.674   1.00 10.28 ? 8   ARG A NH2 1 
ATOM   73  N N   . LEU A 1 9  ? -5.294  1.286   0.670   1.00 10.19 ? 9   LEU A N   1 
ATOM   74  C CA  . LEU A 1 9  ? -4.794  1.854   -0.585  1.00 12.04 ? 9   LEU A CA  1 
ATOM   75  C C   . LEU A 1 9  ? -5.775  2.894   -1.136  1.00 12.27 ? 9   LEU A C   1 
ATOM   76  O O   . LEU A 1 9  ? -5.334  3.938   -1.634  1.00 12.38 ? 9   LEU A O   1 
ATOM   77  C CB  . LEU A 1 9  ? -4.500  0.740   -1.595  1.00 11.78 ? 9   LEU A CB  1 
ATOM   78  C CG  . LEU A 1 9  ? -3.320  -0.167  -1.240  1.00 11.96 ? 9   LEU A CG  1 
ATOM   79  C CD1 . LEU A 1 9  ? -3.275  -1.392  -2.142  1.00 13.28 ? 9   LEU A CD1 1 
ATOM   80  C CD2 . LEU A 1 9  ? -1.989  0.574   -1.321  1.00 13.90 ? 9   LEU A CD2 1 
ATOM   81  N N   . LYS A 1 10 ? -7.069  2.587   -1.048  1.00 11.73 ? 10  LYS A N   1 
ATOM   82  C CA  . LYS A 1 10 ? -8.078  3.576   -1.508  1.00 12.34 ? 10  LYS A CA  1 
ATOM   83  C C   . LYS A 1 10 ? -8.049  4.843   -0.657  1.00 10.55 ? 10  LYS A C   1 
ATOM   84  O O   . LYS A 1 10 ? -8.260  5.968   -1.180  1.00 12.77 ? 10  LYS A O   1 
ATOM   85  C CB  . LYS A 1 10 ? -9.444  2.901   -1.540  1.00 13.28 ? 10  LYS A CB  1 
ATOM   86  C CG  . LYS A 1 10 ? -9.577  1.867   -2.641  1.00 16.61 ? 10  LYS A CG  1 
ATOM   87  C CD  . LYS A 1 10 ? -10.877 1.056   -2.669  1.00 20.91 ? 10  LYS A CD  1 
ATOM   88  C CE  . LYS A 1 10 ? -10.885 0.019   -3.804  1.00 29.10 ? 10  LYS A CE  1 
ATOM   89  N NZ  . LYS A 1 10 ? -11.977 -0.951  -3.659  1.00 51.43 ? 10  LYS A NZ  1 
ATOM   90  N N   A GLN A 1 11 ? -7.768  4.720   0.639   0.50 10.27 ? 11  GLN A N   1 
ATOM   91  N N   B GLN A 1 11 ? -7.817  4.682   0.651   0.50 11.55 ? 11  GLN A N   1 
ATOM   92  C CA  A GLN A 1 11 ? -7.658  5.923   1.524   0.50 10.20 ? 11  GLN A CA  1 
ATOM   93  C CA  B GLN A 1 11 ? -7.733  5.833   1.607   0.50 13.03 ? 11  GLN A CA  1 
ATOM   94  C C   A GLN A 1 11 ? -6.466  6.786   1.068   0.50 11.01 ? 11  GLN A C   1 
ATOM   95  C C   B GLN A 1 11 ? -6.533  6.725   1.200   0.50 12.46 ? 11  GLN A C   1 
ATOM   96  O O   A GLN A 1 11 ? -6.565  8.021   0.974   0.50 12.15 ? 11  GLN A O   1 
ATOM   97  O O   B GLN A 1 11 ? -6.698  7.954   1.103   0.50 13.10 ? 11  GLN A O   1 
ATOM   98  C CB  A GLN A 1 11 ? -7.485  5.479   2.980   0.50 9.15  ? 11  GLN A CB  1 
ATOM   99  C CB  B GLN A 1 11 ? -7.682  5.340   3.070   0.50 14.31 ? 11  GLN A CB  1 
ATOM   100 C CG  A GLN A 1 11 ? -7.595  6.625   3.966   0.50 10.21 ? 11  GLN A CG  1 
ATOM   101 C CG  B GLN A 1 11 ? -9.017  4.796   3.621   0.50 15.99 ? 11  GLN A CG  1 
ATOM   102 C CD  A GLN A 1 11 ? -7.472  6.162   5.414   0.50 12.71 ? 11  GLN A CD  1 
ATOM   103 C CD  B GLN A 1 11 ? -8.938  3.935   4.896   0.50 20.01 ? 11  GLN A CD  1 
ATOM   104 O OE1 A GLN A 1 11 ? -7.857  5.038   5.778   0.50 17.02 ? 11  GLN A OE1 1 
ATOM   105 O OE1 B GLN A 1 11 ? -7.957  3.959   5.667   0.50 27.31 ? 11  GLN A OE1 1 
ATOM   106 N NE2 A GLN A 1 11 ? -6.758  6.938   6.219   0.50 8.74  ? 11  GLN A NE2 1 
ATOM   107 N NE2 B GLN A 1 11 ? -10.016 3.216   5.208   0.50 19.70 ? 11  GLN A NE2 1 
ATOM   108 N N   A ILE A 1 12 ? -5.322  6.146   0.847   0.50 10.13 ? 12  ILE A N   1 
ATOM   109 N N   B ILE A 1 12 ? -5.349  6.156   0.932   0.50 11.08 ? 12  ILE A N   1 
ATOM   110 C CA  A ILE A 1 12 ? -4.121  6.830   0.281   0.50 11.79 ? 12  ILE A CA  1 
ATOM   111 C CA  B ILE A 1 12 ? -4.166  6.955   0.465   0.50 12.11 ? 12  ILE A CA  1 
ATOM   112 C C   A ILE A 1 12 ? -4.483  7.589   -1.004  0.50 11.71 ? 12  ILE A C   1 
ATOM   113 C C   B ILE A 1 12 ? -4.473  7.635   -0.880  0.50 11.74 ? 12  ILE A C   1 
ATOM   114 O O   A ILE A 1 12 ? -4.126  8.791   -1.147  0.50 11.62 ? 12  ILE A O   1 
ATOM   115 O O   B ILE A 1 12 ? -4.102  8.829   -1.073  0.50 12.58 ? 12  ILE A O   1 
ATOM   116 C CB  A ILE A 1 12 ? -3.002  5.792   0.041   0.50 14.64 ? 12  ILE A CB  1 
ATOM   117 C CB  B ILE A 1 12 ? -2.881  6.089   0.379   0.50 13.94 ? 12  ILE A CB  1 
ATOM   118 C CG1 A ILE A 1 12 ? -2.413  5.329   1.369   0.50 15.72 ? 12  ILE A CG1 1 
ATOM   119 C CG1 B ILE A 1 12 ? -2.455  5.535   1.738   0.50 16.08 ? 12  ILE A CG1 1 
ATOM   120 C CG2 A ILE A 1 12 ? -1.940  6.359   -0.897  0.50 16.42 ? 12  ILE A CG2 1 
ATOM   121 C CG2 B ILE A 1 12 ? -1.739  6.868   -0.293  0.50 15.36 ? 12  ILE A CG2 1 
ATOM   122 C CD1 A ILE A 1 12 ? -1.758  6.461   2.147   0.50 19.33 ? 12  ILE A CD1 1 
ATOM   123 C CD1 B ILE A 1 12 ? -1.256  4.587   1.653   0.50 19.04 ? 12  ILE A CD1 1 
ATOM   124 N N   A MET A 1 13 ? -5.147  6.916   -1.924  0.50 10.85 ? 13  MET A N   1 
ATOM   125 N N   B MET A 1 13 ? -5.089  6.903   -1.800  0.50 11.75 ? 13  MET A N   1 
ATOM   126 C CA  A MET A 1 13 ? -5.437  7.530   -3.238  0.50 12.13 ? 13  MET A CA  1 
ATOM   127 C CA  B MET A 1 13 ? -5.470  7.461   -3.120  0.50 12.58 ? 13  MET A CA  1 
ATOM   128 C C   A MET A 1 13 ? -6.415  8.710   -3.047  0.50 11.67 ? 13  MET A C   1 
ATOM   129 C C   B MET A 1 13 ? -6.311  8.728   -2.922  0.50 12.53 ? 13  MET A C   1 
ATOM   130 O O   A MET A 1 13 ? -6.256  9.703   -3.788  0.50 11.36 ? 13  MET A O   1 
ATOM   131 O O   B MET A 1 13 ? -5.979  9.757   -3.535  0.50 14.82 ? 13  MET A O   1 
ATOM   132 C CB  A MET A 1 13 ? -5.960  6.471   -4.223  0.50 14.11 ? 13  MET A CB  1 
ATOM   133 C CB  B MET A 1 13 ? -6.258  6.430   -3.940  0.50 13.97 ? 13  MET A CB  1 
ATOM   134 C CG  A MET A 1 13 ? -4.808  5.607   -4.765  0.50 13.90 ? 13  MET A CG  1 
ATOM   135 C CG  B MET A 1 13 ? -5.377  5.286   -4.400  0.50 17.79 ? 13  MET A CG  1 
ATOM   136 S SD  A MET A 1 13 ? -5.251  4.437   -6.107  0.50 20.75 ? 13  MET A SD  1 
ATOM   137 S SD  B MET A 1 13 ? -6.193  4.305   -5.707  0.50 30.46 ? 13  MET A SD  1 
ATOM   138 C CE  A MET A 1 13 ? -5.885  3.173   -4.985  0.50 18.67 ? 13  MET A CE  1 
ATOM   139 C CE  B MET A 1 13 ? -7.729  3.769   -4.961  0.50 26.78 ? 13  MET A CE  1 
ATOM   140 N N   . ALA A 1 14 ? -7.333  8.655   -2.061  1.00 12.23 ? 14  ALA A N   1 
ATOM   141 C CA  . ALA A 1 14 ? -8.243  9.789   -1.794  1.00 12.69 ? 14  ALA A CA  1 
ATOM   142 C C   . ALA A 1 14 ? -7.532  10.931  -1.064  1.00 12.73 ? 14  ALA A C   1 
ATOM   143 O O   . ALA A 1 14 ? -7.785  12.095  -1.373  1.00 16.42 ? 14  ALA A O   1 
ATOM   144 C CB  . ALA A 1 14 ? -9.472  9.346   -1.021  1.00 14.55 ? 14  ALA A CB  1 
ATOM   145 N N   A GLU A 1 15 ? -6.678  10.613  -0.071  0.50 12.56 ? 15  GLU A N   1 
ATOM   146 N N   B GLU A 1 15 ? -6.653  10.614  -0.115  0.50 12.46 ? 15  GLU A N   1 
ATOM   147 C CA  A GLU A 1 15 ? -5.924  11.634  0.728   0.50 14.04 ? 15  GLU A CA  1 
ATOM   148 C CA  B GLU A 1 15 ? -5.958  11.665  0.673   0.50 13.57 ? 15  GLU A CA  1 
ATOM   149 C C   A GLU A 1 15 ? -4.997  12.446  -0.186  0.50 13.63 ? 15  GLU A C   1 
ATOM   150 C C   B GLU A 1 15 ? -4.938  12.433  -0.153  0.50 12.94 ? 15  GLU A C   1 
ATOM   151 O O   A GLU A 1 15 ? -4.845  13.686  0.031   0.50 17.26 ? 15  GLU A O   1 
ATOM   152 O O   B GLU A 1 15 ? -4.628  13.606  0.211   0.50 15.06 ? 15  GLU A O   1 
ATOM   153 C CB  A GLU A 1 15 ? -5.075  10.988  1.832   0.50 18.88 ? 15  GLU A CB  1 
ATOM   154 C CB  B GLU A 1 15 ? -5.178  11.025  1.798   0.50 17.54 ? 15  GLU A CB  1 
ATOM   155 C CG  A GLU A 1 15 ? -5.886  10.344  2.933   0.50 18.50 ? 15  GLU A CG  1 
ATOM   156 C CG  B GLU A 1 15 ? -6.049  10.768  2.964   0.50 18.29 ? 15  GLU A CG  1 
ATOM   157 C CD  A GLU A 1 15 ? -5.156  9.370   3.902   0.50 25.61 ? 15  GLU A CD  1 
ATOM   158 C CD  B GLU A 1 15 ? -5.181  10.688  4.179   0.50 21.82 ? 15  GLU A CD  1 
ATOM   159 O OE1 A GLU A 1 15 ? -3.872  9.155   3.794   0.50 41.98 ? 15  GLU A OE1 1 
ATOM   160 O OE1 B GLU A 1 15 ? -5.218  9.603   4.804   0.50 20.24 ? 15  GLU A OE1 1 
ATOM   161 O OE2 A GLU A 1 15 ? -5.935  8.901   4.833   0.50 29.58 ? 15  GLU A OE2 1 
ATOM   162 O OE2 B GLU A 1 15 ? -4.418  11.657  4.396   0.50 32.01 ? 15  GLU A OE2 1 
ATOM   163 N N   . ARG A 1 16 ? -4.382  11.793  -1.181  1.00 12.13 ? 16  ARG A N   1 
ATOM   164 C CA  . ARG A 1 16 ? -3.272  12.392  -1.958  1.00 12.88 ? 16  ARG A CA  1 
ATOM   165 C C   . ARG A 1 16 ? -3.554  12.543  -3.457  1.00 12.06 ? 16  ARG A C   1 
ATOM   166 O O   . ARG A 1 16 ? -2.655  12.996  -4.185  1.00 14.87 ? 16  ARG A O   1 
ATOM   167 C CB  . ARG A 1 16 ? -2.023  11.530  -1.758  1.00 12.83 ? 16  ARG A CB  1 
ATOM   168 C CG  . ARG A 1 16 ? -1.597  11.385  -0.300  1.00 15.37 ? 16  ARG A CG  1 
ATOM   169 C CD  . ARG A 1 16 ? -0.339  10.568  -0.098  1.00 17.35 ? 16  ARG A CD  1 
ATOM   170 N NE  . ARG A 1 16 ? -0.112  10.282  1.302   1.00 19.20 ? 16  ARG A NE  1 
ATOM   171 C CZ  . ARG A 1 16 ? 0.866   9.499   1.760   1.00 20.04 ? 16  ARG A CZ  1 
ATOM   172 N NH1 . ARG A 1 16 ? 1.728   8.971   0.919   1.00 17.73 ? 16  ARG A NH1 1 
ATOM   173 N NH2 . ARG A 1 16 ? 0.962   9.266   3.065   1.00 24.73 ? 16  ARG A NH2 1 
ATOM   174 N N   . ASN A 1 17 ? -4.791  12.258  -3.890  1.00 12.25 ? 17  ASN A N   1 
ATOM   175 C CA  . ASN A 1 17 ? -5.169  12.314  -5.316  1.00 12.43 ? 17  ASN A CA  1 
ATOM   176 C C   . ASN A 1 17 ? -4.165  11.535  -6.176  1.00 11.52 ? 17  ASN A C   1 
ATOM   177 O O   . ASN A 1 17 ? -3.573  12.081  -7.118  1.00 12.57 ? 17  ASN A O   1 
ATOM   178 C CB  . ASN A 1 17 ? -5.349  13.740  -5.811  1.00 12.61 ? 17  ASN A CB  1 
ATOM   179 C CG  . ASN A 1 17 ? -6.603  14.384  -5.240  1.00 13.52 ? 17  ASN A CG  1 
ATOM   180 O OD1 . ASN A 1 17 ? -7.571  13.769  -4.847  1.00 20.16 ? 17  ASN A OD1 1 
ATOM   181 N ND2 . ASN A 1 17 ? -6.580  15.685  -5.144  1.00 20.27 ? 17  ASN A ND2 1 
ATOM   182 N N   . LEU A 1 18 ? -4.015  10.266  -5.806  1.00 11.79 ? 18  LEU A N   1 
ATOM   183 C CA  . LEU A 1 18 ? -3.173  9.327   -6.577  1.00 11.86 ? 18  LEU A CA  1 
ATOM   184 C C   . LEU A 1 18 ? -4.033  8.278   -7.265  1.00 12.05 ? 18  LEU A C   1 
ATOM   185 O O   . LEU A 1 18 ? -5.117  7.945   -6.789  1.00 15.74 ? 18  LEU A O   1 
ATOM   186 C CB  . LEU A 1 18 ? -2.152  8.616   -5.680  1.00 12.99 ? 18  LEU A CB  1 
ATOM   187 C CG  . LEU A 1 18 ? -1.209  9.538   -4.929  1.00 15.77 ? 18  LEU A CG  1 
ATOM   188 C CD1 . LEU A 1 18 ? -0.279  8.725   -4.051  1.00 17.06 ? 18  LEU A CD1 1 
ATOM   189 C CD2 . LEU A 1 18 ? -0.399  10.427  -5.883  1.00 16.99 ? 18  LEU A CD2 1 
ATOM   190 N N   A LYS A 1 19 ? -3.535  7.796   -8.394  0.50 12.10 ? 19  LYS A N   1 
ATOM   191 N N   B LYS A 1 19 ? -3.529  7.785   -8.389  0.50 12.69 ? 19  LYS A N   1 
ATOM   192 C CA  A LYS A 1 19 ? -4.050  6.575   -9.054  0.50 12.72 ? 19  LYS A CA  1 
ATOM   193 C CA  B LYS A 1 19 ? -4.064  6.570   -9.054  0.50 13.05 ? 19  LYS A CA  1 
ATOM   194 C C   A LYS A 1 19 ? -3.039  5.430   -8.935  0.50 12.48 ? 19  LYS A C   1 
ATOM   195 C C   B LYS A 1 19 ? -3.035  5.438   -8.962  0.50 12.57 ? 19  LYS A C   1 
ATOM   196 O O   A LYS A 1 19 ? -1.906  5.643   -8.435  0.50 12.12 ? 19  LYS A O   1 
ATOM   197 O O   B LYS A 1 19 ? -1.896  5.664   -8.480  0.50 12.36 ? 19  LYS A O   1 
ATOM   198 C CB  A LYS A 1 19 ? -4.368  6.870   -10.524 0.50 14.37 ? 19  LYS A CB  1 
ATOM   199 C CB  B LYS A 1 19 ? -4.475  6.879   -10.503 0.50 15.17 ? 19  LYS A CB  1 
ATOM   200 C CG  A LYS A 1 19 ? -5.379  7.995   -10.755 0.50 17.44 ? 19  LYS A CG  1 
ATOM   201 C CG  B LYS A 1 19 ? -5.742  7.737   -10.639 0.50 18.76 ? 19  LYS A CG  1 
ATOM   202 C CD  A LYS A 1 19 ? -5.762  8.153   -12.213 0.50 26.00 ? 19  LYS A CD  1 
ATOM   203 C CD  B LYS A 1 19 ? -6.298  7.869   -12.046 0.50 24.65 ? 19  LYS A CD  1 
ATOM   204 C CE  A LYS A 1 19 ? -6.215  6.863   -12.869 0.50 31.78 ? 19  LYS A CE  1 
ATOM   205 C CE  B LYS A 1 19 ? -6.911  6.629   -12.665 0.50 25.42 ? 19  LYS A CE  1 
ATOM   206 N NZ  A LYS A 1 19 ? -6.586  7.035   -14.296 0.50 35.12 ? 19  LYS A NZ  1 
ATOM   207 N NZ  B LYS A 1 19 ? -8.296  6.359   -12.208 0.50 29.45 ? 19  LYS A NZ  1 
ATOM   208 N N   . GLN A 1 20 ? -3.397  4.252   -9.433  1.00 11.77 ? 20  GLN A N   1 
ATOM   209 C CA  . GLN A 1 20 ? -2.467  3.120   -9.368  1.00 11.93 ? 20  GLN A CA  1 
ATOM   210 C C   . GLN A 1 20 ? -1.185  3.474   -10.117 1.00 11.61 ? 20  GLN A C   1 
ATOM   211 O O   . GLN A 1 20 ? -0.118  2.998   -9.660  1.00 13.01 ? 20  GLN A O   1 
ATOM   212 C CB  . GLN A 1 20 ? -3.116  1.861   -9.930  1.00 13.00 ? 20  GLN A CB  1 
ATOM   213 C CG  . GLN A 1 20 ? -4.197  1.301   -9.038  1.00 14.98 ? 20  GLN A CG  1 
ATOM   214 C CD  . GLN A 1 20 ? -4.801  0.033   -9.603  1.00 16.45 ? 20  GLN A CD  1 
ATOM   215 O OE1 . GLN A 1 20 ? -4.084  -0.889  -10.020 1.00 21.50 ? 20  GLN A OE1 1 
ATOM   216 N NE2 . GLN A 1 20 ? -6.121  -0.032  -9.627  1.00 20.81 ? 20  GLN A NE2 1 
ATOM   217 N N   . VAL A 1 21 ? -1.238  4.189   -11.237 1.00 12.35 ? 21  VAL A N   1 
ATOM   218 C CA  . VAL A 1 21 ? 0.010   4.513   -11.995 1.00 13.91 ? 21  VAL A CA  1 
ATOM   219 C C   . VAL A 1 21 ? 0.981   5.268   -11.090 1.00 12.83 ? 21  VAL A C   1 
ATOM   220 O O   . VAL A 1 21 ? 2.231   5.089   -11.218 1.00 13.72 ? 21  VAL A O   1 
ATOM   221 C CB  . VAL A 1 21 ? -0.311  5.272   -13.294 1.00 16.96 ? 21  VAL A CB  1 
ATOM   222 C CG1 . VAL A 1 21 ? -1.012  6.607   -13.031 1.00 16.88 ? 21  VAL A CG1 1 
ATOM   223 C CG2 . VAL A 1 21 ? 0.914   5.448   -14.185 1.00 19.42 ? 21  VAL A CG2 1 
ATOM   224 N N   . ASP A 1 22 ? 0.470   6.173   -10.258 1.00 11.40 ? 22  ASP A N   1 
ATOM   225 C CA  . ASP A 1 22 ? 1.353   6.940   -9.353  1.00 11.87 ? 22  ASP A CA  1 
ATOM   226 C C   . ASP A 1 22 ? 2.007   6.006   -8.311  1.00 11.41 ? 22  ASP A C   1 
ATOM   227 O O   . ASP A 1 22 ? 3.223   6.098   -8.074  1.00 13.18 ? 22  ASP A O   1 
ATOM   228 C CB  . ASP A 1 22 ? 0.606   8.030   -8.572  1.00 13.88 ? 22  ASP A CB  1 
ATOM   229 C CG  . ASP A 1 22 ? -0.009  9.089   -9.428  1.00 15.02 ? 22  ASP A CG  1 
ATOM   230 O OD1 . ASP A 1 22 ? 0.727   9.959   -9.917  1.00 18.23 ? 22  ASP A OD1 1 
ATOM   231 O OD2 . ASP A 1 22 ? -1.268  8.950   -9.661  1.00 17.89 ? 22  ASP A OD2 1 
ATOM   232 N N   A ILE A 1 23 ? 1.205   5.170   -7.664  0.50 11.60 ? 23  ILE A N   1 
ATOM   233 N N   B ILE A 1 23 ? 1.216   5.135   -7.692  0.50 10.52 ? 23  ILE A N   1 
ATOM   234 C CA  A ILE A 1 23 ? 1.698   4.202   -6.655  0.50 12.30 ? 23  ILE A CA  1 
ATOM   235 C CA  B ILE A 1 23 ? 1.739   4.249   -6.626  0.50 10.51 ? 23  ILE A CA  1 
ATOM   236 C C   A ILE A 1 23 ? 2.845   3.408   -7.298  0.50 12.72 ? 23  ILE A C   1 
ATOM   237 C C   B ILE A 1 23 ? 2.800   3.321   -7.236  0.50 11.31 ? 23  ILE A C   1 
ATOM   238 O O   A ILE A 1 23 ? 3.999   3.342   -6.749  0.50 11.22 ? 23  ILE A O   1 
ATOM   239 O O   B ILE A 1 23 ? 3.850   3.049   -6.571  0.50 11.67 ? 23  ILE A O   1 
ATOM   240 C CB  A ILE A 1 23 ? 0.531   3.313   -6.169  0.50 15.48 ? 23  ILE A CB  1 
ATOM   241 C CB  B ILE A 1 23 ? 0.636   3.471   -5.881  0.50 10.35 ? 23  ILE A CB  1 
ATOM   242 C CG1 A ILE A 1 23 ? -0.579  4.158   -5.529  0.50 20.96 ? 23  ILE A CG1 1 
ATOM   243 C CG1 B ILE A 1 23 ? -0.322  4.416   -5.141  0.50 10.16 ? 23  ILE A CG1 1 
ATOM   244 C CG2 A ILE A 1 23 ? 1.037   2.226   -5.247  0.50 16.75 ? 23  ILE A CG2 1 
ATOM   245 C CG2 B ILE A 1 23 ? 1.308   2.496   -4.943  0.50 11.06 ? 23  ILE A CG2 1 
ATOM   246 C CD1 A ILE A 1 23 ? -0.076  5.244   -4.634  0.50 27.28 ? 23  ILE A CD1 1 
ATOM   247 C CD1 B ILE A 1 23 ? -1.600  3.735   -4.663  0.50 13.72 ? 23  ILE A CD1 1 
ATOM   248 N N   . LEU A 1 24 ? 2.549   2.794   -8.442  1.00 12.45 ? 24  LEU A N   1 
ATOM   249 C CA  . LEU A 1 24 ? 3.534   1.889   -9.095  1.00 11.50 ? 24  LEU A CA  1 
ATOM   250 C C   . LEU A 1 24 ? 4.798   2.667   -9.444  1.00 11.44 ? 24  LEU A C   1 
ATOM   251 O O   . LEU A 1 24 ? 5.931   2.242   -9.123  1.00 12.62 ? 24  LEU A O   1 
ATOM   252 C CB  . LEU A 1 24 ? 2.925   1.278   -10.357 1.00 13.68 ? 24  LEU A CB  1 
ATOM   253 C CG  . LEU A 1 24 ? 3.757   0.154   -10.963 1.00 16.97 ? 24  LEU A CG  1 
ATOM   254 C CD1 . LEU A 1 24 ? 3.871   -1.045  -10.019 1.00 20.89 ? 24  LEU A CD1 1 
ATOM   255 C CD2 . LEU A 1 24 ? 3.205   -0.284  -12.318 1.00 21.48 ? 24  LEU A CD2 1 
ATOM   256 N N   . ASN A 1 25 ? 4.679   3.862   -10.029 1.00 11.57 ? 25  ASN A N   1 
ATOM   257 C CA  . ASN A 1 25 ? 5.902   4.618   -10.453 1.00 12.50 ? 25  ASN A CA  1 
ATOM   258 C C   . ASN A 1 25 ? 6.696   5.101   -9.220  1.00 11.69 ? 25  ASN A C   1 
ATOM   259 O O   . ASN A 1 25 ? 7.924   5.052   -9.279  1.00 14.54 ? 25  ASN A O   1 
ATOM   260 C CB  . ASN A 1 25 ? 5.516   5.713   -11.465 1.00 13.49 ? 25  ASN A CB  1 
ATOM   261 C CG  . ASN A 1 25 ? 5.096   5.188   -12.829 1.00 20.43 ? 25  ASN A CG  1 
ATOM   262 O OD1 . ASN A 1 25 ? 5.156   4.001   -13.090 1.00 29.11 ? 25  ASN A OD1 1 
ATOM   263 N ND2 . ASN A 1 25 ? 4.644   6.012   -13.749 1.00 24.06 ? 25  ASN A ND2 1 
ATOM   264 N N   . LEU A 1 26 ? 6.038   5.593   -8.184  1.00 11.93 ? 26  LEU A N   1 
ATOM   265 C CA  . LEU A 1 26 ? 6.712   6.006   -6.940  1.00 10.94 ? 26  LEU A CA  1 
ATOM   266 C C   . LEU A 1 26 ? 7.454   4.827   -6.333  1.00 10.68 ? 26  LEU A C   1 
ATOM   267 O O   . LEU A 1 26 ? 8.521   5.020   -5.736  1.00 12.89 ? 26  LEU A O   1 
ATOM   268 C CB  . LEU A 1 26 ? 5.670   6.541   -5.946  1.00 12.76 ? 26  LEU A CB  1 
ATOM   269 C CG  . LEU A 1 26 ? 5.013   7.873   -6.256  1.00 13.95 ? 26  LEU A CG  1 
ATOM   270 C CD1 . LEU A 1 26 ? 3.843   8.105   -5.301  1.00 16.48 ? 26  LEU A CD1 1 
ATOM   271 C CD2 . LEU A 1 26 ? 5.995   9.017   -6.210  1.00 17.33 ? 26  LEU A CD2 1 
ATOM   272 N N   . SER A 1 27 ? 6.962   3.608   -6.516  1.00 11.06 ? 27  SER A N   1 
ATOM   273 C CA  . SER A 1 27 ? 7.581   2.393   -5.906  1.00 10.82 ? 27  SER A CA  1 
ATOM   274 C C   . SER A 1 27 ? 8.860   2.004   -6.655  1.00 10.67 ? 27  SER A C   1 
ATOM   275 O O   . SER A 1 27 ? 9.654   1.259   -6.048  1.00 11.23 ? 27  SER A O   1 
ATOM   276 C CB  . SER A 1 27 ? 6.627   1.194   -5.844  1.00 11.97 ? 27  SER A CB  1 
ATOM   277 O OG  . SER A 1 27 ? 6.494   0.547   -7.110  1.00 12.00 ? 27  SER A OG  1 
ATOM   278 N N   . ILE A 1 28 ? 9.068   2.422   -7.899  1.00 12.57 ? 28  ILE A N   1 
ATOM   279 C CA  . ILE A 1 28 ? 10.178  1.853   -8.743  1.00 13.68 ? 28  ILE A CA  1 
ATOM   280 C C   . ILE A 1 28 ? 11.544  2.001   -8.054  1.00 13.21 ? 28  ILE A C   1 
ATOM   281 O O   . ILE A 1 28 ? 12.324  1.037   -7.948  1.00 14.41 ? 28  ILE A O   1 
ATOM   282 C CB  . ILE A 1 28 ? 10.132  2.370   -10.181 1.00 16.68 ? 28  ILE A CB  1 
ATOM   283 C CG1 . ILE A 1 28 ? 8.904   1.833   -10.919 1.00 21.70 ? 28  ILE A CG1 1 
ATOM   284 C CG2 . ILE A 1 28 ? 11.431  2.086   -10.897 1.00 20.68 ? 28  ILE A CG2 1 
ATOM   285 C CD1 . ILE A 1 28 ? 8.819   0.343   -11.027 1.00 35.40 ? 28  ILE A CD1 1 
ATOM   286 N N   . PRO A 1 29 ? 11.935  3.196   -7.548  1.00 14.13 ? 29  PRO A N   1 
ATOM   287 C CA  . PRO A 1 29 ? 13.236  3.315   -6.876  1.00 15.27 ? 29  PRO A CA  1 
ATOM   288 C C   . PRO A 1 29 ? 13.374  2.422   -5.631  1.00 13.12 ? 29  PRO A C   1 
ATOM   289 O O   . PRO A 1 29 ? 14.490  1.955   -5.298  1.00 15.74 ? 29  PRO A O   1 
ATOM   290 C CB  . PRO A 1 29 ? 13.374  4.799   -6.519  1.00 19.19 ? 29  PRO A CB  1 
ATOM   291 C CG  . PRO A 1 29 ? 12.130  5.448   -6.936  1.00 22.02 ? 29  PRO A CG  1 
ATOM   292 C CD  . PRO A 1 29 ? 11.308  4.498   -7.747  1.00 16.18 ? 29  PRO A CD  1 
ATOM   293 N N   . PHE A 1 30 ? 12.268  2.220   -4.919  1.00 12.07 ? 30  PHE A N   1 
ATOM   294 C CA  . PHE A 1 30 ? 12.213  1.343   -3.731  1.00 11.19 ? 30  PHE A CA  1 
ATOM   295 C C   . PHE A 1 30 ? 12.358  -0.129  -4.153  1.00 10.59 ? 30  PHE A C   1 
ATOM   296 O O   . PHE A 1 30 ? 12.975  -0.913  -3.409  1.00 11.12 ? 30  PHE A O   1 
ATOM   297 C CB  . PHE A 1 30 ? 10.966  1.626   -2.870  1.00 11.24 ? 30  PHE A CB  1 
ATOM   298 C CG  . PHE A 1 30 ? 10.917  3.007   -2.279  1.00 11.94 ? 30  PHE A CG  1 
ATOM   299 C CD1 . PHE A 1 30 ? 11.541  3.241   -1.073  1.00 17.61 ? 30  PHE A CD1 1 
ATOM   300 C CD2 . PHE A 1 30 ? 10.321  4.075   -2.958  1.00 13.40 ? 30  PHE A CD2 1 
ATOM   301 C CE1 . PHE A 1 30 ? 11.483  4.505   -0.492  1.00 19.14 ? 30  PHE A CE1 1 
ATOM   302 C CE2 . PHE A 1 30 ? 10.278  5.340   -2.389  1.00 17.16 ? 30  PHE A CE2 1 
ATOM   303 C CZ  . PHE A 1 30 ? 10.892  5.552   -1.166  1.00 19.49 ? 30  PHE A CZ  1 
ATOM   304 N N   . GLN A 1 31 ? 11.722  -0.535  -5.244  1.00 11.00 ? 31  GLN A N   1 
ATOM   305 C CA  . GLN A 1 31 ? 11.844  -1.916  -5.744  1.00 11.28 ? 31  GLN A CA  1 
ATOM   306 C C   . GLN A 1 31 ? 13.329  -2.218  -5.991  1.00 10.23 ? 31  GLN A C   1 
ATOM   307 O O   . GLN A 1 31 ? 13.807  -3.315  -5.609  1.00 12.17 ? 31  GLN A O   1 
ATOM   308 C CB  . GLN A 1 31 ? 11.075  -2.113  -7.074  1.00 10.85 ? 31  GLN A CB  1 
ATOM   309 C CG  . GLN A 1 31 ? 9.558   -2.062  -6.928  1.00 10.91 ? 31  GLN A CG  1 
ATOM   310 C CD  . GLN A 1 31 ? 8.828   -2.421  -8.188  1.00 11.34 ? 31  GLN A CD  1 
ATOM   311 O OE1 . GLN A 1 31 ? 9.203   -3.374  -8.888  1.00 13.88 ? 31  GLN A OE1 1 
ATOM   312 N NE2 . GLN A 1 31 ? 7.740   -1.734  -8.459  1.00 14.83 ? 31  GLN A NE2 1 
ATOM   313 N N   . LYS A 1 32 ? 14.030  -1.271  -6.586  1.00 12.18 ? 32  LYS A N   1 
ATOM   314 C CA  . LYS A 1 32 ? 15.465  -1.440  -6.895  1.00 12.97 ? 32  LYS A CA  1 
ATOM   315 C C   . LYS A 1 32 ? 16.306  -1.471  -5.605  1.00 13.57 ? 32  LYS A C   1 
ATOM   316 O O   . LYS A 1 32 ? 17.175  -2.400  -5.440  1.00 16.14 ? 32  LYS A O   1 
ATOM   317 C CB  . LYS A 1 32 ? 15.893  -0.336  -7.872  1.00 16.44 ? 32  LYS A CB  1 
ATOM   318 C CG  . LYS A 1 32 ? 15.237  -0.380  -9.237  1.00 23.78 ? 32  LYS A CG  1 
ATOM   319 C CD  . LYS A 1 32 ? 15.558  0.827   -10.149 1.00 36.29 ? 32  LYS A CD  1 
ATOM   320 C CE  . LYS A 1 32 ? 15.087  0.653   -11.575 1.00 35.39 ? 32  LYS A CE  1 
ATOM   321 N NZ  . LYS A 1 32 ? 15.108  1.949   -12.305 1.00 53.62 ? 32  LYS A NZ  1 
ATOM   322 N N   . LYS A 1 33 ? 16.065  -0.540  -4.667  1.00 13.08 ? 33  LYS A N   1 
ATOM   323 C CA  . LYS A 1 33 ? 16.846  -0.455  -3.406  1.00 14.68 ? 33  LYS A CA  1 
ATOM   324 C C   . LYS A 1 33 ? 16.655  -1.726  -2.587  1.00 10.65 ? 33  LYS A C   1 
ATOM   325 O O   . LYS A 1 33 ? 17.645  -2.151  -1.930  1.00 13.21 ? 33  LYS A O   1 
ATOM   326 C CB  . LYS A 1 33 ? 16.370  0.808   -2.648  1.00 20.81 ? 33  LYS A CB  1 
ATOM   327 C CG  . LYS A 1 33 ? 16.790  1.030   -1.207  1.00 29.08 ? 33  LYS A CG  1 
ATOM   328 C CD  . LYS A 1 33 ? 16.318  2.412   -0.642  1.00 40.39 ? 33  LYS A CD  1 
ATOM   329 C CE  . LYS A 1 33 ? 16.918  3.593   -1.381  1.00 65.28 ? 33  LYS A CE  1 
ATOM   330 N NZ  . LYS A 1 33 ? 15.887  4.621   -1.660  1.00 78.92 ? 33  LYS A NZ  1 
ATOM   331 N N   . PHE A 1 34 ? 15.423  -2.249  -2.488  1.00 10.89 ? 34  PHE A N   1 
ATOM   332 C CA  . PHE A 1 34 ? 15.109  -3.341  -1.547  1.00 11.58 ? 34  PHE A CA  1 
ATOM   333 C C   . PHE A 1 34 ? 15.203  -4.714  -2.205  1.00 10.92 ? 34  PHE A C   1 
ATOM   334 O O   . PHE A 1 34 ? 15.274  -5.717  -1.470  1.00 11.24 ? 34  PHE A O   1 
ATOM   335 C CB  . PHE A 1 34 ? 13.677  -3.209  -1.025  1.00 12.14 ? 34  PHE A CB  1 
ATOM   336 C CG  . PHE A 1 34 ? 13.407  -1.958  -0.228  1.00 13.22 ? 34  PHE A CG  1 
ATOM   337 C CD1 . PHE A 1 34 ? 14.379  -1.383  0.580   1.00 16.34 ? 34  PHE A CD1 1 
ATOM   338 C CD2 . PHE A 1 34 ? 12.136  -1.401  -0.238  1.00 14.54 ? 34  PHE A CD2 1 
ATOM   339 C CE1 . PHE A 1 34 ? 14.100  -0.224  1.316   1.00 20.93 ? 34  PHE A CE1 1 
ATOM   340 C CE2 . PHE A 1 34 ? 11.845  -0.281  0.518   1.00 18.17 ? 34  PHE A CE2 1 
ATOM   341 C CZ  . PHE A 1 34 ? 12.818  0.310   1.280   1.00 20.19 ? 34  PHE A CZ  1 
ATOM   342 N N   . GLY A 1 35 ? 15.182  -4.766  -3.532  1.00 10.82 ? 35  GLY A N   1 
ATOM   343 C CA  . GLY A 1 35 ? 15.181  -6.067  -4.218  1.00 10.68 ? 35  GLY A CA  1 
ATOM   344 C C   . GLY A 1 35 ? 13.826  -6.765  -4.223  1.00 10.88 ? 35  GLY A C   1 
ATOM   345 O O   . GLY A 1 35 ? 13.767  -8.015  -4.099  1.00 12.51 ? 35  GLY A O   1 
ATOM   346 N N   . ILE A 1 36 ? 12.723  -6.018  -4.236  1.00 10.68 ? 36  ILE A N   1 
ATOM   347 C CA  . ILE A 1 36 ? 11.333  -6.527  -4.132  1.00 9.75  ? 36  ILE A CA  1 
ATOM   348 C C   . ILE A 1 36 ? 10.549  -6.062  -5.355  1.00 11.22 ? 36  ILE A C   1 
ATOM   349 O O   . ILE A 1 36 ? 10.351  -4.841  -5.522  1.00 12.96 ? 36  ILE A O   1 
ATOM   350 C CB  . ILE A 1 36 ? 10.660  -6.084  -2.824  1.00 10.42 ? 36  ILE A CB  1 
ATOM   351 C CG1 . ILE A 1 36 ? 11.433  -6.532  -1.571  1.00 12.01 ? 36  ILE A CG1 1 
ATOM   352 C CG2 . ILE A 1 36 ? 9.212   -6.515  -2.814  1.00 12.64 ? 36  ILE A CG2 1 
ATOM   353 C CD1 . ILE A 1 36 ? 10.992  -5.828  -0.289  1.00 13.71 ? 36  ILE A CD1 1 
ATOM   354 N N   . LYS A 1 37 ? 10.083  -6.970  -6.220  1.00 14.75 ? 37  LYS A N   1 
ATOM   355 C CA  . LYS A 1 37 ? 9.371   -6.618  -7.464  1.00 14.72 ? 37  LYS A CA  1 
ATOM   356 C C   . LYS A 1 37 ? 7.874   -6.426  -7.160  1.00 14.41 ? 37  LYS A C   1 
ATOM   357 O O   . LYS A 1 37 ? 7.315   -7.155  -6.349  1.00 15.18 ? 37  LYS A O   1 
ATOM   358 C CB  . LYS A 1 37 ? 9.562   -7.724  -8.513  1.00 17.75 ? 37  LYS A CB  1 
ATOM   359 C CG  . LYS A 1 37 ? 8.726   -7.618  -9.743  1.00 27.37 ? 37  LYS A CG  1 
ATOM   360 C CD  . LYS A 1 37 ? 9.238   -6.701  -10.783 1.00 37.37 ? 37  LYS A CD  1 
ATOM   361 C CE  . LYS A 1 37 ? 8.387   -6.850  -12.040 1.00 51.59 ? 37  LYS A CE  1 
ATOM   362 N NZ  . LYS A 1 37 ? 8.637   -5.764  -13.012 1.00 57.22 ? 37  LYS A NZ  1 
ATOM   363 N N   . LEU A 1 38 ? 7.274   -5.473  -7.876  1.00 12.76 ? 38  LEU A N   1 
ATOM   364 C CA  . LEU A 1 38 ? 5.811   -5.295  -7.910  1.00 12.61 ? 38  LEU A CA  1 
ATOM   365 C C   . LEU A 1 38 ? 5.380   -4.949  -9.327  1.00 12.20 ? 38  LEU A C   1 
ATOM   366 O O   . LEU A 1 38 ? 5.835   -3.912  -9.859  1.00 14.39 ? 38  LEU A O   1 
ATOM   367 C CB  . LEU A 1 38 ? 5.387   -4.201  -6.925  1.00 13.59 ? 38  LEU A CB  1 
ATOM   368 C CG  . LEU A 1 38 ? 3.887   -3.862  -6.903  1.00 13.54 ? 38  LEU A CG  1 
ATOM   369 C CD1 . LEU A 1 38 ? 3.017   -5.009  -6.417  1.00 16.47 ? 38  LEU A CD1 1 
ATOM   370 C CD2 . LEU A 1 38 ? 3.631   -2.639  -6.049  1.00 17.57 ? 38  LEU A CD2 1 
ATOM   371 N N   . SER A 1 39 ? 4.461   -5.743  -9.868  1.00 14.22 ? 39  SER A N   1 
ATOM   372 C CA  . SER A 1 39 ? 3.949   -5.485  -11.236 1.00 14.29 ? 39  SER A CA  1 
ATOM   373 C C   . SER A 1 39 ? 2.639   -4.701  -11.224 1.00 11.71 ? 39  SER A C   1 
ATOM   374 O O   . SER A 1 39 ? 1.930   -4.661  -10.170 1.00 11.94 ? 39  SER A O   1 
ATOM   375 C CB  . SER A 1 39 ? 3.772   -6.801  -11.920 1.00 16.91 ? 39  SER A CB  1 
ATOM   376 O OG  . SER A 1 39 ? 2.638   -7.508  -11.412 1.00 17.23 ? 39  SER A OG  1 
ATOM   377 N N   . LYS A 1 40 ? 2.303   -4.104  -12.376 1.00 13.62 ? 40  LYS A N   1 
ATOM   378 C CA  . LYS A 1 40 ? 0.989   -3.436  -12.580 1.00 15.34 ? 40  LYS A CA  1 
ATOM   379 C C   . LYS A 1 40 ? -0.142  -4.420  -12.229 1.00 13.34 ? 40  LYS A C   1 
ATOM   380 O O   . LYS A 1 40 ? -1.121  -4.022  -11.518 1.00 13.76 ? 40  LYS A O   1 
ATOM   381 C CB  . LYS A 1 40 ? 0.891   -2.891  -14.010 1.00 18.29 ? 40  LYS A CB  1 
ATOM   382 C CG  . LYS A 1 40 ? -0.429  -2.251  -14.381 1.00 21.44 ? 40  LYS A CG  1 
ATOM   383 C CD  . LYS A 1 40 ? -0.490  -1.784  -15.832 1.00 28.20 ? 40  LYS A CD  1 
ATOM   384 C CE  . LYS A 1 40 ? -1.862  -1.235  -16.217 1.00 32.49 ? 40  LYS A CE  1 
ATOM   385 N NZ  . LYS A 1 40 ? -1.848  -0.638  -17.571 1.00 48.58 ? 40  LYS A NZ  1 
ATOM   386 N N   . SER A 1 41 ? -0.109  -5.651  -12.766 1.00 13.88 ? 41  SER A N   1 
ATOM   387 C CA  A SER A 1 41 ? -1.169  -6.665  -12.533 0.50 14.98 ? 41  SER A CA  1 
ATOM   388 C CA  B SER A 1 41 ? -1.221  -6.607  -12.535 0.50 15.05 ? 41  SER A CA  1 
ATOM   389 C C   . SER A 1 41 ? -1.333  -6.977  -11.045 1.00 12.71 ? 41  SER A C   1 
ATOM   390 O O   . SER A 1 41 ? -2.483  -7.023  -10.528 1.00 15.34 ? 41  SER A O   1 
ATOM   391 C CB  A SER A 1 41 ? -0.857  -7.924  -13.292 0.50 17.95 ? 41  SER A CB  1 
ATOM   392 C CB  B SER A 1 41 ? -1.113  -7.813  -13.443 0.50 19.22 ? 41  SER A CB  1 
ATOM   393 O OG  A SER A 1 41 ? -1.838  -8.920  -13.021 0.50 24.83 ? 41  SER A OG  1 
ATOM   394 O OG  B SER A 1 41 ? 0.091   -8.527  -13.218 0.50 24.04 ? 41  SER A OG  1 
ATOM   395 N N   . THR A 1 42 ? -0.218  -7.160  -10.346 1.00 12.54 ? 42  THR A N   1 
ATOM   396 C CA  . THR A 1 42 ? -0.289  -7.488  -8.889  1.00 13.25 ? 42  THR A CA  1 
ATOM   397 C C   . THR A 1 42 ? -0.898  -6.323  -8.101  1.00 11.80 ? 42  THR A C   1 
ATOM   398 O O   . THR A 1 42 ? -1.791  -6.572  -7.253  1.00 12.25 ? 42  THR A O   1 
ATOM   399 C CB  . THR A 1 42 ? 1.084   -7.890  -8.357  1.00 13.63 ? 42  THR A CB  1 
ATOM   400 O OG1 . THR A 1 42 ? 1.481   -9.078  -9.058  1.00 16.25 ? 42  THR A OG1 1 
ATOM   401 C CG2 . THR A 1 42 ? 1.074   -8.149  -6.867  1.00 15.70 ? 42  THR A CG2 1 
ATOM   402 N N   . LEU A 1 43 ? -0.445  -5.110  -8.395  1.00 10.99 ? 43  LEU A N   1 
ATOM   403 C CA  . LEU A 1 43 ? -1.034  -3.956  -7.671  1.00 11.67 ? 43  LEU A CA  1 
ATOM   404 C C   . LEU A 1 43 ? -2.556  -3.849  -7.926  1.00 11.23 ? 43  LEU A C   1 
ATOM   405 O O   . LEU A 1 43 ? -3.330  -3.579  -6.958  1.00 12.66 ? 43  LEU A O   1 
ATOM   406 C CB  . LEU A 1 43 ? -0.298  -2.671  -8.052  1.00 11.09 ? 43  LEU A CB  1 
ATOM   407 C CG  . LEU A 1 43 ? -0.857  -1.392  -7.431  1.00 10.90 ? 43  LEU A CG  1 
ATOM   408 C CD1 . LEU A 1 43 ? -0.812  -1.450  -5.897  1.00 12.26 ? 43  LEU A CD1 1 
ATOM   409 C CD2 . LEU A 1 43 ? -0.088  -0.169  -7.958  1.00 13.98 ? 43  LEU A CD2 1 
ATOM   410 N N   A SER A 1 44 ? -3.002  -4.080  -9.170  0.25 11.18 ? 44  SER A N   1 
ATOM   411 N N   B SER A 1 44 ? -3.007  -4.119  -9.159  0.25 10.51 ? 44  SER A N   1 
ATOM   412 N N   C SER A 1 44 ? -3.018  -4.071  -9.165  0.50 12.23 ? 44  SER A N   1 
ATOM   413 C CA  A SER A 1 44 ? -4.451  -4.094  -9.499  0.25 12.83 ? 44  SER A CA  1 
ATOM   414 C CA  B SER A 1 44 ? -4.451  -4.086  -9.509  0.25 11.87 ? 44  SER A CA  1 
ATOM   415 C CA  C SER A 1 44 ? -4.480  -4.065  -9.430  0.50 13.67 ? 44  SER A CA  1 
ATOM   416 C C   A SER A 1 44 ? -5.198  -5.115  -8.601  0.25 15.39 ? 44  SER A C   1 
ATOM   417 C C   B SER A 1 44 ? -5.246  -5.167  -8.738  0.25 14.92 ? 44  SER A C   1 
ATOM   418 C C   C SER A 1 44 ? -5.213  -5.133  -8.583  0.50 13.21 ? 44  SER A C   1 
ATOM   419 O O   A SER A 1 44 ? -6.292  -4.742  -7.983  0.25 23.74 ? 44  SER A O   1 
ATOM   420 O O   B SER A 1 44 ? -6.457  -4.933  -8.460  0.25 24.52 ? 44  SER A O   1 
ATOM   421 O O   C SER A 1 44 ? -6.292  -4.856  -8.008  0.50 12.49 ? 44  SER A O   1 
ATOM   422 C CB  A SER A 1 44 ? -4.703  -4.366  -10.962 0.25 11.87 ? 44  SER A CB  1 
ATOM   423 C CB  B SER A 1 44 ? -4.658  -4.216  -11.000 0.25 10.42 ? 44  SER A CB  1 
ATOM   424 C CB  C SER A 1 44 ? -4.768  -4.266  -10.895 0.50 18.17 ? 44  SER A CB  1 
ATOM   425 O OG  A SER A 1 44 ? -6.079  -4.643  -11.177 0.25 11.35 ? 44  SER A OG  1 
ATOM   426 O OG  B SER A 1 44 ? -6.009  -3.944  -11.345 0.25 10.03 ? 44  SER A OG  1 
ATOM   427 O OG  C SER A 1 44 ? -4.238  -3.201  -11.674 0.50 24.58 ? 44  SER A OG  1 
ATOM   428 N N   . GLN A 1 45 ? -4.612  -6.336  -8.476  1.00 13.35 ? 45  GLN A N   1 
ATOM   429 C CA  . GLN A 1 45 ? -5.217  -7.411  -7.641  1.00 15.41 ? 45  GLN A CA  1 
ATOM   430 C C   . GLN A 1 45 ? -5.337  -6.954  -6.174  1.00 13.13 ? 45  GLN A C   1 
ATOM   431 O O   . GLN A 1 45 ? -6.366  -7.246  -5.508  1.00 15.11 ? 45  GLN A O   1 
ATOM   432 C CB  . GLN A 1 45 ? -4.444  -8.724  -7.799  1.00 16.19 ? 45  GLN A CB  1 
ATOM   433 C CG  . GLN A 1 45 ? -4.589  -9.346  -9.194  1.00 19.17 ? 45  GLN A CG  1 
ATOM   434 C CD  . GLN A 1 45 ? -3.742  -10.593 -9.216  1.00 32.48 ? 45  GLN A CD  1 
ATOM   435 O OE1 . GLN A 1 45 ? -3.750  -11.396 -8.298  1.00 40.48 ? 45  GLN A OE1 1 
ATOM   436 N NE2 . GLN A 1 45 ? -2.997  -10.772 -10.285 1.00 54.58 ? 45  GLN A NE2 1 
ATOM   437 N N   . TYR A 1 46 ? -4.371  -6.182  -5.682  1.00 12.99 ? 46  TYR A N   1 
ATOM   438 C CA  . TYR A 1 46 ? -4.463  -5.695  -4.287  1.00 13.21 ? 46  TYR A CA  1 
ATOM   439 C C   . TYR A 1 46 ? -5.607  -4.672  -4.163  1.00 12.71 ? 46  TYR A C   1 
ATOM   440 O O   . TYR A 1 46 ? -6.413  -4.774  -3.179  1.00 14.73 ? 46  TYR A O   1 
ATOM   441 C CB  . TYR A 1 46 ? -3.166  -5.020  -3.830  1.00 12.26 ? 46  TYR A CB  1 
ATOM   442 C CG  . TYR A 1 46 ? -1.908  -5.873  -3.787  1.00 13.08 ? 46  TYR A CG  1 
ATOM   443 C CD1 . TYR A 1 46 ? -1.972  -7.246  -3.667  1.00 13.87 ? 46  TYR A CD1 1 
ATOM   444 C CD2 . TYR A 1 46 ? -0.659  -5.272  -3.771  1.00 13.53 ? 46  TYR A CD2 1 
ATOM   445 C CE1 . TYR A 1 46 ? -0.814  -8.000  -3.586  1.00 13.32 ? 46  TYR A CE1 1 
ATOM   446 C CE2 . TYR A 1 46 ? 0.501   -6.027  -3.671  1.00 14.43 ? 46  TYR A CE2 1 
ATOM   447 C CZ  . TYR A 1 46 ? 0.430   -7.408  -3.587  1.00 13.71 ? 46  TYR A CZ  1 
ATOM   448 O OH  . TYR A 1 46 ? 1.605   -8.122  -3.446  1.00 16.00 ? 46  TYR A OH  1 
ATOM   449 N N   . VAL A 1 47 ? -5.708  -3.743  -5.118  1.00 12.20 ? 47  VAL A N   1 
ATOM   450 C CA  . VAL A 1 47 ? -6.772  -2.707  -5.031  1.00 13.22 ? 47  VAL A CA  1 
ATOM   451 C C   . VAL A 1 47 ? -8.152  -3.365  -5.189  1.00 13.65 ? 47  VAL A C   1 
ATOM   452 O O   . VAL A 1 47 ? -9.108  -2.917  -4.501  1.00 17.22 ? 47  VAL A O   1 
ATOM   453 C CB  . VAL A 1 47 ? -6.517  -1.591  -6.072  1.00 14.49 ? 47  VAL A CB  1 
ATOM   454 C CG1 . VAL A 1 47 ? -7.717  -0.637  -6.160  1.00 18.87 ? 47  VAL A CG1 1 
ATOM   455 C CG2 . VAL A 1 47 ? -5.194  -0.877  -5.778  1.00 14.98 ? 47  VAL A CG2 1 
ATOM   456 N N   . ASN A 1 48 ? -8.272  -4.429  -5.989  1.00 15.07 ? 48  ASN A N   1 
ATOM   457 C CA  . ASN A 1 48 ? -9.583  -5.066  -6.263  1.00 16.97 ? 48  ASN A CA  1 
ATOM   458 C C   . ASN A 1 48 ? -9.892  -6.189  -5.249  1.00 17.12 ? 48  ASN A C   1 
ATOM   459 O O   . ASN A 1 48 ? -10.893 -6.935  -5.479  1.00 19.67 ? 48  ASN A O   1 
ATOM   460 C CB  . ASN A 1 48 ? -9.571  -5.539  -7.730  1.00 20.26 ? 48  ASN A CB  1 
ATOM   461 C CG  . ASN A 1 48 ? -9.566  -4.372  -8.750  1.00 35.38 ? 48  ASN A CG  1 
ATOM   462 O OD1 . ASN A 1 48 ? -8.740  -4.319  -9.664  1.00 54.13 ? 48  ASN A OD1 1 
ATOM   463 N ND2 . ASN A 1 48 ? -10.313 -3.350  -8.445  1.00 35.01 ? 48  ASN A ND2 1 
ATOM   464 N N   . SER A 1 49 ? -9.120  -6.378  -4.164  1.00 15.46 ? 49  SER A N   1 
ATOM   465 C CA  . SER A 1 49 ? -9.386  -7.389  -3.115  1.00 19.20 ? 49  SER A CA  1 
ATOM   466 C C   . SER A 1 49 ? -9.382  -8.823  -3.684  1.00 19.92 ? 49  SER A C   1 
ATOM   467 O O   . SER A 1 49 ? -10.078 -9.719  -3.102  1.00 22.33 ? 49  SER A O   1 
ATOM   468 C CB  . SER A 1 49 ? -10.706 -7.116  -2.428  1.00 19.90 ? 49  SER A CB  1 
ATOM   469 O OG  . SER A 1 49 ? -10.762 -5.830  -1.822  1.00 21.29 ? 49  SER A OG  1 
ATOM   470 N N   . VAL A 1 50 ? -8.580  -9.072  -4.716  1.00 17.21 ? 50  VAL A N   1 
ATOM   471 C CA  . VAL A 1 50 ? -8.383  -10.433 -5.291  1.00 19.38 ? 50  VAL A CA  1 
ATOM   472 C C   . VAL A 1 50 ? -7.257  -11.178 -4.532  1.00 18.68 ? 50  VAL A C   1 
ATOM   473 O O   . VAL A 1 50 ? -7.262  -12.436 -4.537  1.00 21.62 ? 50  VAL A O   1 
ATOM   474 C CB  . VAL A 1 50 ? -8.107  -10.238 -6.796  1.00 21.55 ? 50  VAL A CB  1 
ATOM   475 C CG1 . VAL A 1 50 ? -7.550  -11.493 -7.444  1.00 26.93 ? 50  VAL A CG1 1 
ATOM   476 C CG2 . VAL A 1 50 ? -9.360  -9.723  -7.492  1.00 28.99 ? 50  VAL A CG2 1 
ATOM   477 N N   . GLN A 1 51 ? -6.248  -10.461 -3.987  1.00 17.65 ? 51  GLN A N   1 
ATOM   478 C CA  . GLN A 1 51 ? -5.137  -11.046 -3.198  1.00 19.24 ? 51  GLN A CA  1 
ATOM   479 C C   . GLN A 1 51 ? -4.711  -10.050 -2.137  1.00 16.19 ? 51  GLN A C   1 
ATOM   480 O O   . GLN A 1 51 ? -4.907  -8.838  -2.349  1.00 16.94 ? 51  GLN A O   1 
ATOM   481 C CB  . GLN A 1 51 ? -4.034  -11.443 -4.181  1.00 25.96 ? 51  GLN A CB  1 
ATOM   482 C CG  . GLN A 1 51 ? -2.688  -10.850 -4.091  1.00 39.02 ? 51  GLN A CG  1 
ATOM   483 C CD  . GLN A 1 51 ? -1.793  -11.715 -4.949  1.00 42.73 ? 51  GLN A CD  1 
ATOM   484 O OE1 . GLN A 1 51 ? -1.307  -12.733 -4.482  1.00 61.60 ? 51  GLN A OE1 1 
ATOM   485 N NE2 . GLN A 1 51 ? -1.673  -11.412 -6.236  1.00 36.36 ? 51  GLN A NE2 1 
ATOM   486 N N   . SER A 1 52 ? -4.193  -10.557 -1.018  1.00 16.61 ? 52  SER A N   1 
ATOM   487 C CA  . SER A 1 52 ? -3.526  -9.751  0.025   1.00 16.59 ? 52  SER A CA  1 
ATOM   488 C C   . SER A 1 52 ? -2.025  -9.718  -0.303  1.00 14.93 ? 52  SER A C   1 
ATOM   489 O O   . SER A 1 52 ? -1.466  -10.750 -0.736  1.00 17.72 ? 52  SER A O   1 
ATOM   490 C CB  . SER A 1 52 ? -3.753  -10.350 1.444   1.00 16.34 ? 52  SER A CB  1 
ATOM   491 O OG  . SER A 1 52 ? -5.097  -10.333 1.861   1.00 18.95 ? 52  SER A OG  1 
ATOM   492 N N   . PRO A 1 53 ? -1.327  -8.589  -0.034  1.00 14.10 ? 53  PRO A N   1 
ATOM   493 C CA  . PRO A 1 53 ? 0.134   -8.531  -0.196  1.00 14.19 ? 53  PRO A CA  1 
ATOM   494 C C   . PRO A 1 53 ? 0.839   -9.474  0.779   1.00 14.72 ? 53  PRO A C   1 
ATOM   495 O O   . PRO A 1 53 ? 0.436   -9.619  1.923   1.00 19.58 ? 53  PRO A O   1 
ATOM   496 C CB  . PRO A 1 53 ? 0.514   -7.084  0.103   1.00 15.12 ? 53  PRO A CB  1 
ATOM   497 C CG  . PRO A 1 53 ? -0.749  -6.325  -0.030  1.00 20.34 ? 53  PRO A CG  1 
ATOM   498 C CD  . PRO A 1 53 ? -1.898  -7.272  0.327   1.00 15.56 ? 53  PRO A CD  1 
ATOM   499 N N   . ASP A 1 54 ? 1.888   -10.086 0.270   1.00 15.63 ? 54  ASP A N   1 
ATOM   500 C CA  . ASP A 1 54 ? 2.808   -10.837 1.155   1.00 18.04 ? 54  ASP A CA  1 
ATOM   501 C C   . ASP A 1 54 ? 3.682   -9.872  1.987   1.00 14.63 ? 54  ASP A C   1 
ATOM   502 O O   . ASP A 1 54 ? 3.622   -8.608  1.848   1.00 15.08 ? 54  ASP A O   1 
ATOM   503 C CB  . ASP A 1 54 ? 3.590   -11.856 0.328   1.00 20.90 ? 54  ASP A CB  1 
ATOM   504 C CG  . ASP A 1 54 ? 4.531   -11.272 -0.714  1.00 21.46 ? 54  ASP A CG  1 
ATOM   505 O OD1 . ASP A 1 54 ? 4.774   -10.047 -0.708  1.00 20.02 ? 54  ASP A OD1 1 
ATOM   506 O OD2 . ASP A 1 54 ? 5.041   -12.067 -1.554  1.00 27.80 ? 54  ASP A OD2 1 
ATOM   507 N N   . GLN A 1 55 ? 4.466   -10.478 2.871   1.00 18.68 ? 55  GLN A N   1 
ATOM   508 C CA  . GLN A 1 55 ? 5.298   -9.738  3.813   1.00 19.29 ? 55  GLN A CA  1 
ATOM   509 C C   . GLN A 1 55 ? 6.212   -8.728  3.073   1.00 15.73 ? 55  GLN A C   1 
ATOM   510 O O   . GLN A 1 55 ? 6.412   -7.541  3.522   1.00 16.32 ? 55  GLN A O   1 
ATOM   511 C CB  . GLN A 1 55 ? 6.073   -10.834 4.561   1.00 25.38 ? 55  GLN A CB  1 
ATOM   512 C CG  . GLN A 1 55 ? 6.954   -10.274 5.602   1.00 33.59 ? 55  GLN A CG  1 
ATOM   513 C CD  . GLN A 1 55 ? 7.500   -11.521 6.418   1.00 46.93 ? 55  GLN A CD  1 
ATOM   514 O OE1 . GLN A 1 55 ? 7.007   -11.809 7.460   1.00 58.15 ? 55  GLN A OE1 1 
ATOM   515 N NE2 . GLN A 1 55 ? 8.385   -12.242 5.759   1.00 56.95 ? 55  GLN A NE2 1 
ATOM   516 N N   . ASN A 1 56 ? 6.818   -9.139  1.966   1.00 14.15 ? 56  ASN A N   1 
ATOM   517 C CA  . ASN A 1 56 ? 7.793   -8.289  1.249   1.00 13.40 ? 56  ASN A CA  1 
ATOM   518 C C   . ASN A 1 56 ? 7.068   -7.088  0.597   1.00 12.16 ? 56  ASN A C   1 
ATOM   519 O O   . ASN A 1 56 ? 7.604   -5.988  0.579   1.00 11.64 ? 56  ASN A O   1 
ATOM   520 C CB  . ASN A 1 56 ? 8.563   -9.089  0.182   1.00 15.65 ? 56  ASN A CB  1 
ATOM   521 C CG  . ASN A 1 56 ? 9.592   -10.024 0.780   1.00 26.14 ? 56  ASN A CG  1 
ATOM   522 O OD1 . ASN A 1 56 ? 9.930   -9.897  1.977   1.00 28.61 ? 56  ASN A OD1 1 
ATOM   523 N ND2 . ASN A 1 56 ? 10.032  -10.954 -0.065  1.00 33.27 ? 56  ASN A ND2 1 
ATOM   524 N N   . ARG A 1 57 ? 5.892   -7.302  -0.009  1.00 12.42 ? 57  ARG A N   1 
ATOM   525 C CA  . ARG A 1 57 ? 5.221   -6.212  -0.750  1.00 12.18 ? 57  ARG A CA  1 
ATOM   526 C C   . ARG A 1 57 ? 4.533   -5.263  0.229   1.00 11.45 ? 57  ARG A C   1 
ATOM   527 O O   . ARG A 1 57 ? 4.441   -4.070  -0.118  1.00 11.63 ? 57  ARG A O   1 
ATOM   528 C CB  . ARG A 1 57 ? 4.288   -6.753  -1.805  1.00 13.48 ? 57  ARG A CB  1 
ATOM   529 C CG  . ARG A 1 57 ? 4.924   -6.770  -3.180  1.00 20.85 ? 57  ARG A CG  1 
ATOM   530 C CD  . ARG A 1 57 ? 5.829   -7.905  -3.276  1.00 25.80 ? 57  ARG A CD  1 
ATOM   531 N NE  . ARG A 1 57 ? 5.115   -9.156  -3.442  1.00 27.26 ? 57  ARG A NE  1 
ATOM   532 C CZ  . ARG A 1 57 ? 4.787   -9.684  -4.588  1.00 32.57 ? 57  ARG A CZ  1 
ATOM   533 N NH1 . ARG A 1 57 ? 5.050   -9.006  -5.692  1.00 36.36 ? 57  ARG A NH1 1 
ATOM   534 N NH2 . ARG A 1 57 ? 4.142   -10.848 -4.646  1.00 41.09 ? 57  ARG A NH2 1 
ATOM   535 N N   A ILE A 1 58 ? 4.089   -5.694  1.426   0.50 11.77 ? 58  ILE A N   1 
ATOM   536 N N   B ILE A 1 58 ? 4.148   -5.744  1.405   0.50 11.51 ? 58  ILE A N   1 
ATOM   537 C CA  A ILE A 1 58 ? 3.656   -4.702  2.472   0.50 11.69 ? 58  ILE A CA  1 
ATOM   538 C CA  B ILE A 1 58 ? 3.551   -4.812  2.397   0.50 12.29 ? 58  ILE A CA  1 
ATOM   539 C C   A ILE A 1 58 ? 4.825   -3.749  2.720   0.50 10.93 ? 58  ILE A C   1 
ATOM   540 C C   B ILE A 1 58 ? 4.688   -3.896  2.951   0.50 11.29 ? 58  ILE A C   1 
ATOM   541 O O   A ILE A 1 58 ? 4.678   -2.499  2.737   0.50 9.47  ? 58  ILE A O   1 
ATOM   542 O O   B ILE A 1 58 ? 4.384   -2.737  3.226   0.50 12.79 ? 58  ILE A O   1 
ATOM   543 C CB  A ILE A 1 58 ? 3.254   -5.376  3.804   0.50 11.18 ? 58  ILE A CB  1 
ATOM   544 C CB  B ILE A 1 58 ? 2.668   -5.635  3.377   0.50 12.95 ? 58  ILE A CB  1 
ATOM   545 C CG1 A ILE A 1 58 ? 1.884   -6.028  3.711   0.50 10.50 ? 58  ILE A CG1 1 
ATOM   546 C CG1 B ILE A 1 58 ? 1.591   -4.799  4.048   0.50 14.06 ? 58  ILE A CG1 1 
ATOM   547 C CG2 A ILE A 1 58 ? 3.287   -4.406  4.974   0.50 10.90 ? 58  ILE A CG2 1 
ATOM   548 C CG2 B ILE A 1 58 ? 3.490   -6.384  4.406   0.50 14.41 ? 58  ILE A CG2 1 
ATOM   549 C CD1 A ILE A 1 58 ? 0.746   -5.063  3.452   0.50 12.67 ? 58  ILE A CD1 1 
ATOM   550 C CD1 B ILE A 1 58 ? 0.386   -4.446  3.194   0.50 13.76 ? 58  ILE A CD1 1 
ATOM   551 N N   . TYR A 1 59 ? 5.965   -4.338  3.045   1.00 11.80 ? 59  TYR A N   1 
ATOM   552 C CA  . TYR A 1 59 ? 7.136   -3.511  3.414   1.00 12.75 ? 59  TYR A CA  1 
ATOM   553 C C   . TYR A 1 59 ? 7.414   -2.508  2.281   1.00 10.35 ? 59  TYR A C   1 
ATOM   554 O O   . TYR A 1 59 ? 7.597   -1.282  2.520   1.00 12.65 ? 59  TYR A O   1 
ATOM   555 C CB  . TYR A 1 59 ? 8.327   -4.412  3.703   1.00 13.87 ? 59  TYR A CB  1 
ATOM   556 C CG  . TYR A 1 59 ? 9.588   -3.668  4.045   1.00 14.34 ? 59  TYR A CG  1 
ATOM   557 C CD1 . TYR A 1 59 ? 9.802   -3.140  5.306   1.00 15.52 ? 59  TYR A CD1 1 
ATOM   558 C CD2 . TYR A 1 59 ? 10.539  -3.424  3.083   1.00 15.81 ? 59  TYR A CD2 1 
ATOM   559 C CE1 . TYR A 1 59 ? 10.967  -2.452  5.621   1.00 16.09 ? 59  TYR A CE1 1 
ATOM   560 C CE2 . TYR A 1 59 ? 11.704  -2.726  3.381   1.00 16.46 ? 59  TYR A CE2 1 
ATOM   561 C CZ  . TYR A 1 59 ? 11.948  -2.258  4.664   1.00 14.57 ? 59  TYR A CZ  1 
ATOM   562 O OH  . TYR A 1 59 ? 13.104  -1.546  4.956   1.00 19.48 ? 59  TYR A OH  1 
ATOM   563 N N   . LEU A 1 60 ? 7.499   -3.013  1.022   1.00 10.08 ? 60  LEU A N   1 
ATOM   564 C CA  . LEU A 1 60 ? 7.731   -2.155  -0.155  1.00 10.19 ? 60  LEU A CA  1 
ATOM   565 C C   . LEU A 1 60 ? 6.751   -0.977  -0.170  1.00 9.90  ? 60  LEU A C   1 
ATOM   566 O O   . LEU A 1 60 ? 7.171   0.175   -0.366  1.00 10.43 ? 60  LEU A O   1 
ATOM   567 C CB  . LEU A 1 60 ? 7.635   -2.968  -1.453  1.00 10.50 ? 60  LEU A CB  1 
ATOM   568 C CG  . LEU A 1 60 ? 7.678   -2.153  -2.736  1.00 11.06 ? 60  LEU A CG  1 
ATOM   569 C CD1 . LEU A 1 60 ? 9.031   -1.508  -2.990  1.00 12.27 ? 60  LEU A CD1 1 
ATOM   570 C CD2 . LEU A 1 60 ? 7.266   -3.006  -3.938  1.00 13.05 ? 60  LEU A CD2 1 
ATOM   571 N N   . LEU A 1 61 ? 5.464   -1.290  -0.089  1.00 9.82  ? 61  LEU A N   1 
ATOM   572 C CA  . LEU A 1 61 ? 4.444   -0.226  -0.250  1.00 10.52 ? 61  LEU A CA  1 
ATOM   573 C C   . LEU A 1 61 ? 4.380   0.709   0.964   1.00 10.03 ? 61  LEU A C   1 
ATOM   574 O O   . LEU A 1 61 ? 4.187   1.943   0.771   1.00 11.51 ? 61  LEU A O   1 
ATOM   575 C CB  . LEU A 1 61 ? 3.073   -0.842  -0.545  1.00 12.07 ? 61  LEU A CB  1 
ATOM   576 C CG  . LEU A 1 61 ? 2.947   -1.454  -1.953  1.00 12.96 ? 61  LEU A CG  1 
ATOM   577 C CD1 . LEU A 1 61 ? 1.688   -2.310  -2.066  1.00 16.77 ? 61  LEU A CD1 1 
ATOM   578 C CD2 . LEU A 1 61 ? 2.865   -0.331  -2.982  1.00 18.61 ? 61  LEU A CD2 1 
ATOM   579 N N   . ALA A 1 62 ? 4.611   0.186   2.162   1.00 9.67  ? 62  ALA A N   1 
ATOM   580 C CA  . ALA A 1 62 ? 4.623   1.057   3.347   1.00 10.28 ? 62  ALA A CA  1 
ATOM   581 C C   . ALA A 1 62 ? 5.778   2.058   3.272   1.00 11.08 ? 62  ALA A C   1 
ATOM   582 O O   . ALA A 1 62 ? 5.578   3.252   3.576   1.00 12.28 ? 62  ALA A O   1 
ATOM   583 C CB  . ALA A 1 62 ? 4.706   0.213   4.615   1.00 12.52 ? 62  ALA A CB  1 
ATOM   584 N N   . LYS A 1 63 ? 6.969   1.620   2.857   1.00 10.92 ? 63  LYS A N   1 
ATOM   585 C CA  . LYS A 1 63 ? 8.117   2.536   2.684   1.00 10.70 ? 63  LYS A CA  1 
ATOM   586 C C   . LYS A 1 63 ? 7.880   3.533   1.543   1.00 12.18 ? 63  LYS A C   1 
ATOM   587 O O   . LYS A 1 63 ? 8.190   4.740   1.690   1.00 15.49 ? 63  LYS A O   1 
ATOM   588 C CB  . LYS A 1 63 ? 9.403   1.739   2.513   1.00 13.75 ? 63  LYS A CB  1 
ATOM   589 C CG  . LYS A 1 63 ? 9.876   0.929   3.733   1.00 16.10 ? 63  LYS A CG  1 
ATOM   590 C CD  . LYS A 1 63 ? 10.252  1.832   4.914   1.00 27.75 ? 63  LYS A CD  1 
ATOM   591 C CE  . LYS A 1 63 ? 10.158  1.075   6.211   1.00 58.93 ? 63  LYS A CE  1 
ATOM   592 N NZ  . LYS A 1 63 ? 9.835   2.051   7.272   1.00 67.31 ? 63  LYS A NZ  1 
ATOM   593 N N   . THR A 1 64 ? 7.340   3.061   0.423   1.00 10.80 ? 64  THR A N   1 
ATOM   594 C CA  . THR A 1 64 ? 7.064   3.929   -0.736  1.00 12.23 ? 64  THR A CA  1 
ATOM   595 C C   . THR A 1 64 ? 6.136   5.097   -0.325  1.00 11.95 ? 64  THR A C   1 
ATOM   596 O O   . THR A 1 64 ? 6.379   6.246   -0.744  1.00 14.93 ? 64  THR A O   1 
ATOM   597 C CB  . THR A 1 64 ? 6.420   3.116   -1.872  1.00 11.69 ? 64  THR A CB  1 
ATOM   598 O OG1 . THR A 1 64 ? 7.344   2.121   -2.379  1.00 12.01 ? 64  THR A OG1 1 
ATOM   599 C CG2 . THR A 1 64 ? 5.985   3.966   -3.033  1.00 13.84 ? 64  THR A CG2 1 
ATOM   600 N N   . LEU A 1 65 ? 5.073   4.750   0.403   1.00 11.25 ? 65  LEU A N   1 
ATOM   601 C CA  . LEU A 1 65 ? 4.007   5.712   0.735   1.00 12.22 ? 65  LEU A CA  1 
ATOM   602 C C   . LEU A 1 65 ? 4.242   6.414   2.087   1.00 11.29 ? 65  LEU A C   1 
ATOM   603 O O   . LEU A 1 65 ? 3.492   7.350   2.415   1.00 15.37 ? 65  LEU A O   1 
ATOM   604 C CB  . LEU A 1 65 ? 2.663   4.960   0.734   1.00 14.12 ? 65  LEU A CB  1 
ATOM   605 C CG  . LEU A 1 65 ? 2.316   4.371   -0.625  1.00 15.35 ? 65  LEU A CG  1 
ATOM   606 C CD1 . LEU A 1 65 ? 1.080   3.474   -0.520  1.00 19.32 ? 65  LEU A CD1 1 
ATOM   607 C CD2 . LEU A 1 65 ? 2.109   5.460   -1.640  1.00 19.84 ? 65  LEU A CD2 1 
ATOM   608 N N   . GLY A 1 66 ? 5.276   6.051   2.840   1.00 12.14 ? 66  GLY A N   1 
ATOM   609 C CA  . GLY A 1 66 ? 5.556   6.750   4.109   1.00 13.11 ? 66  GLY A CA  1 
ATOM   610 C C   . GLY A 1 66 ? 4.513   6.492   5.183   1.00 12.14 ? 66  GLY A C   1 
ATOM   611 O O   . GLY A 1 66 ? 4.233   7.431   5.958   1.00 15.24 ? 66  GLY A O   1 
ATOM   612 N N   . VAL A 1 67 ? 4.028   5.246   5.303   1.00 11.07 ? 67  VAL A N   1 
ATOM   613 C CA  . VAL A 1 67 ? 2.983   4.888   6.297   1.00 10.59 ? 67  VAL A CA  1 
ATOM   614 C C   . VAL A 1 67 ? 3.445   3.686   7.143   1.00 9.30  ? 67  VAL A C   1 
ATOM   615 O O   . VAL A 1 67 ? 4.379   2.937   6.731   1.00 11.98 ? 67  VAL A O   1 
ATOM   616 C CB  . VAL A 1 67 ? 1.600   4.645   5.656   1.00 10.59 ? 67  VAL A CB  1 
ATOM   617 C CG1 . VAL A 1 67 ? 1.084   5.848   4.904   1.00 12.54 ? 67  VAL A CG1 1 
ATOM   618 C CG2 . VAL A 1 67 ? 1.613   3.430   4.741   1.00 11.06 ? 67  VAL A CG2 1 
ATOM   619 N N   . SER A 1 68 ? 2.817   3.478   8.276   1.00 8.91  ? 68  SER A N   1 
ATOM   620 C CA  . SER A 1 68 ? 3.008   2.314   9.157   1.00 9.47  ? 68  SER A CA  1 
ATOM   621 C C   . SER A 1 68 ? 2.669   1.043   8.378   1.00 9.75  ? 68  SER A C   1 
ATOM   622 O O   . SER A 1 68 ? 1.586   0.941   7.814   1.00 10.37 ? 68  SER A O   1 
ATOM   623 C CB  . SER A 1 68 ? 2.138   2.460   10.418  1.00 11.89 ? 68  SER A CB  1 
ATOM   624 O OG  . SER A 1 68 ? 1.878   1.245   11.098  1.00 13.75 ? 68  SER A OG  1 
ATOM   625 N N   A GLU A 1 69 ? 3.502   0.020   8.527   0.50 10.38 ? 69  GLU A N   1 
ATOM   626 N N   B GLU A 1 69 ? 3.546   0.029   8.494   0.50 10.52 ? 69  GLU A N   1 
ATOM   627 C CA  A GLU A 1 69 ? 3.196   -1.287  7.890   0.50 8.86  ? 69  GLU A CA  1 
ATOM   628 C CA  B GLU A 1 69 ? 3.315   -1.343  7.940   0.50 9.95  ? 69  GLU A CA  1 
ATOM   629 C C   A GLU A 1 69 ? 1.980   -1.939  8.569   0.50 8.67  ? 69  GLU A C   1 
ATOM   630 C C   B GLU A 1 69 ? 2.039   -1.948  8.567   0.50 9.04  ? 69  GLU A C   1 
ATOM   631 O O   A GLU A 1 69 ? 1.092   -2.525  7.883   0.50 9.52  ? 69  GLU A O   1 
ATOM   632 O O   B GLU A 1 69 ? 1.175   -2.516  7.837   0.50 10.26 ? 69  GLU A O   1 
ATOM   633 C CB  A GLU A 1 69 ? 4.402   -2.199  7.975   0.50 10.95 ? 69  GLU A CB  1 
ATOM   634 C CB  B GLU A 1 69 ? 4.504   -2.276  8.223   0.50 11.07 ? 69  GLU A CB  1 
ATOM   635 C CG  A GLU A 1 69 ? 4.068   -3.553  7.456   0.50 12.40 ? 69  GLU A CG  1 
ATOM   636 C CG  B GLU A 1 69 ? 5.777   -2.032  7.405   0.50 11.88 ? 69  GLU A CG  1 
ATOM   637 C CD  A GLU A 1 69 ? 5.290   -4.426  7.188   0.50 13.27 ? 69  GLU A CD  1 
ATOM   638 C CD  B GLU A 1 69 ? 6.884   -3.029  7.769   0.50 20.01 ? 69  GLU A CD  1 
ATOM   639 O OE1 A GLU A 1 69 ? 5.128   -5.671  7.306   0.50 19.84 ? 69  GLU A OE1 1 
ATOM   640 O OE1 B GLU A 1 69 ? 6.579   -4.202  7.860   0.50 28.30 ? 69  GLU A OE1 1 
ATOM   641 O OE2 A GLU A 1 69 ? 6.460   -3.896  6.841   0.50 13.82 ? 69  GLU A OE2 1 
ATOM   642 O OE2 B GLU A 1 69 ? 8.006   -2.621  8.073   0.50 26.68 ? 69  GLU A OE2 1 
ATOM   643 N N   . ALA A 1 70 ? 1.890   -1.865  9.895   1.00 8.82  ? 70  ALA A N   1 
ATOM   644 C CA  . ALA A 1 70 ? 0.700   -2.390  10.589  1.00 8.62  ? 70  ALA A CA  1 
ATOM   645 C C   . ALA A 1 70 ? -0.587  -1.725  10.078  1.00 7.96  ? 70  ALA A C   1 
ATOM   646 O O   . ALA A 1 70 ? -1.602  -2.407  9.877   1.00 9.45  ? 70  ALA A O   1 
ATOM   647 C CB  . ALA A 1 70 ? 0.807   -2.245  12.081  1.00 9.11  ? 70  ALA A CB  1 
ATOM   648 N N   . TRP A 1 71 ? -0.563  -0.422  9.882   1.00 7.81  ? 71  TRP A N   1 
ATOM   649 C CA  . TRP A 1 71 ? -1.712  0.304   9.352   1.00 7.31  ? 71  TRP A CA  1 
ATOM   650 C C   . TRP A 1 71 ? -2.061  -0.207  7.959   1.00 7.63  ? 71  TRP A C   1 
ATOM   651 O O   . TRP A 1 71 ? -3.267  -0.473  7.667   1.00 8.93  ? 71  TRP A O   1 
ATOM   652 C CB  . TRP A 1 71 ? -1.404  1.806   9.332   1.00 8.34  ? 71  TRP A CB  1 
ATOM   653 C CG  . TRP A 1 71 ? -2.537  2.644   8.780   1.00 8.13  ? 71  TRP A CG  1 
ATOM   654 C CD1 . TRP A 1 71 ? -3.559  3.214   9.500   1.00 8.15  ? 71  TRP A CD1 1 
ATOM   655 C CD2 . TRP A 1 71 ? -2.718  3.079   7.431   1.00 8.89  ? 71  TRP A CD2 1 
ATOM   656 N NE1 . TRP A 1 71 ? -4.335  3.985   8.670   1.00 9.95  ? 71  TRP A NE1 1 
ATOM   657 C CE2 . TRP A 1 71 ? -3.845  3.947   7.393   1.00 9.58  ? 71  TRP A CE2 1 
ATOM   658 C CE3 . TRP A 1 71 ? -2.000  2.890   6.224   1.00 9.86  ? 71  TRP A CE3 1 
ATOM   659 C CZ2 . TRP A 1 71 ? -4.287  4.524   6.215   1.00 11.21 ? 71  TRP A CZ2 1 
ATOM   660 C CZ3 . TRP A 1 71 ? -2.466  3.463   5.070   1.00 11.60 ? 71  TRP A CZ3 1 
ATOM   661 C CH2 . TRP A 1 71 ? -3.592  4.283   5.060   1.00 11.95 ? 71  TRP A CH2 1 
ATOM   662 N N   . LEU A 1 72 ? -1.056  -0.378  7.098   1.00 8.58  ? 72  LEU A N   1 
ATOM   663 C CA  . LEU A 1 72 ? -1.305  -0.791  5.685   1.00 8.62  ? 72  LEU A CA  1 
ATOM   664 C C   . LEU A 1 72 ? -1.873  -2.216  5.662   1.00 8.16  ? 72  LEU A C   1 
ATOM   665 O O   . LEU A 1 72 ? -2.675  -2.507  4.722   1.00 9.82  ? 72  LEU A O   1 
ATOM   666 C CB  . LEU A 1 72 ? -0.041  -0.642  4.853   1.00 9.70  ? 72  LEU A CB  1 
ATOM   667 C CG  . LEU A 1 72 ? -0.186  -0.839  3.358   1.00 11.16 ? 72  LEU A CG  1 
ATOM   668 C CD1 . LEU A 1 72 ? -1.128  0.173   2.734   1.00 13.22 ? 72  LEU A CD1 1 
ATOM   669 C CD2 . LEU A 1 72 ? 1.212   -0.772  2.712   1.00 12.23 ? 72  LEU A CD2 1 
ATOM   670 N N   . MET A 1 73 ? -1.535  -3.068  6.606   1.00 8.81  ? 73  MET A N   1 
ATOM   671 C CA  A MET A 1 73 ? -2.111  -4.427  6.693   0.50 9.86  ? 73  MET A CA  1 
ATOM   672 C CA  B MET A 1 73 ? -2.114  -4.427  6.740   0.50 10.09 ? 73  MET A CA  1 
ATOM   673 C C   . MET A 1 73 ? -3.600  -4.401  7.075   1.00 9.49  ? 73  MET A C   1 
ATOM   674 O O   . MET A 1 73 ? -4.284  -5.435  6.883   1.00 12.44 ? 73  MET A O   1 
ATOM   675 C CB  A MET A 1 73 ? -1.314  -5.271  7.697   0.50 10.30 ? 73  MET A CB  1 
ATOM   676 C CB  B MET A 1 73 ? -1.431  -5.218  7.858   0.50 10.66 ? 73  MET A CB  1 
ATOM   677 C CG  A MET A 1 73 ? 0.134   -5.528  7.235   0.50 9.31  ? 73  MET A CG  1 
ATOM   678 C CG  B MET A 1 73 ? -0.057  -5.648  7.489   0.50 12.42 ? 73  MET A CG  1 
ATOM   679 S SD  A MET A 1 73 ? 1.151   -6.178  8.584   0.50 11.79 ? 73  MET A SD  1 
ATOM   680 S SD  B MET A 1 73 ? 0.735   -6.510  8.863   0.50 18.25 ? 73  MET A SD  1 
ATOM   681 C CE  A MET A 1 73 ? 0.338   -7.799  8.766   0.50 11.15 ? 73  MET A CE  1 
ATOM   682 C CE  B MET A 1 73 ? 2.231   -6.911  7.967   0.50 21.78 ? 73  MET A CE  1 
ATOM   683 N N   . GLY A 1 74 ? -4.084  -3.271  7.630   1.00 9.67  ? 74  GLY A N   1 
ATOM   684 C CA  . GLY A 1 74 ? -5.506  -3.110  8.012   1.00 9.92  ? 74  GLY A CA  1 
ATOM   685 C C   . GLY A 1 74 ? -5.784  -3.086  9.495   1.00 9.62  ? 74  GLY A C   1 
ATOM   686 O O   . GLY A 1 74 ? -6.914  -2.931  9.929   1.00 11.54 ? 74  GLY A O   1 
ATOM   687 N N   . PHE A 1 75 ? -4.748  -3.161  10.336  1.00 9.59  ? 75  PHE A N   1 
ATOM   688 C CA  . PHE A 1 75 ? -4.978  -3.078  11.799  1.00 10.29 ? 75  PHE A CA  1 
ATOM   689 C C   . PHE A 1 75 ? -5.409  -1.623  12.158  1.00 11.29 ? 75  PHE A C   1 
ATOM   690 O O   . PHE A 1 75 ? -5.016  -0.648  11.501  1.00 11.12 ? 75  PHE A O   1 
ATOM   691 C CB  . PHE A 1 75 ? -3.700  -3.436  12.543  1.00 10.49 ? 75  PHE A CB  1 
ATOM   692 C CG  . PHE A 1 75 ? -3.275  -4.894  12.460  1.00 10.41 ? 75  PHE A CG  1 
ATOM   693 C CD1 . PHE A 1 75 ? -3.984  -5.900  13.106  1.00 10.94 ? 75  PHE A CD1 1 
ATOM   694 C CD2 . PHE A 1 75 ? -2.144  -5.223  11.759  1.00 11.23 ? 75  PHE A CD2 1 
ATOM   695 C CE1 . PHE A 1 75 ? -3.568  -7.213  13.031  1.00 12.86 ? 75  PHE A CE1 1 
ATOM   696 C CE2 . PHE A 1 75 ? -1.694  -6.552  11.701  1.00 13.72 ? 75  PHE A CE2 1 
ATOM   697 C CZ  . PHE A 1 75 ? -2.408  -7.525  12.327  1.00 14.41 ? 75  PHE A CZ  1 
ATOM   698 N N   . ASP A 1 76 ? -6.220  -1.490  13.221  1.00 14.28 ? 76  ASP A N   1 
ATOM   699 C CA  . ASP A 1 76 ? -6.715  -0.162  13.716  1.00 15.25 ? 76  ASP A CA  1 
ATOM   700 C C   . ASP A 1 76 ? -5.630  0.436   14.634  1.00 13.07 ? 76  ASP A C   1 
ATOM   701 O O   . ASP A 1 76 ? -5.737  0.407   15.884  1.00 16.07 ? 76  ASP A O   1 
ATOM   702 C CB  . ASP A 1 76 ? -8.134  -0.245  14.257  1.00 21.78 ? 76  ASP A CB  1 
ATOM   703 C CG  . ASP A 1 76 ? -9.287  -0.138  13.193  1.00 25.33 ? 76  ASP A CG  1 
ATOM   704 O OD1 . ASP A 1 76 ? -9.084  -0.328  11.894  1.00 27.94 ? 76  ASP A OD1 1 
ATOM   705 O OD2 . ASP A 1 76 ? -10.439 0.187   13.668  1.00 27.43 ? 76  ASP A OD2 1 
ATOM   706 N N   . VAL A 1 77 ? -4.640  1.011   13.973  1.00 10.25 ? 77  VAL A N   1 
ATOM   707 C CA  . VAL A 1 77 ? -3.487  1.696   14.564  1.00 9.69  ? 77  VAL A CA  1 
ATOM   708 C C   . VAL A 1 77 ? -3.296  3.049   13.873  1.00 10.00 ? 77  VAL A C   1 
ATOM   709 O O   . VAL A 1 77 ? -3.904  3.329   12.807  1.00 10.50 ? 77  VAL A O   1 
ATOM   710 C CB  . VAL A 1 77 ? -2.252  0.804   14.418  1.00 10.76 ? 77  VAL A CB  1 
ATOM   711 C CG1 . VAL A 1 77 ? -2.419  -0.566  15.108  1.00 11.78 ? 77  VAL A CG1 1 
ATOM   712 C CG2 . VAL A 1 77 ? -1.855  0.595   12.978  1.00 11.22 ? 77  VAL A CG2 1 
ATOM   713 N N   . PRO A 1 78 ? -2.390  3.906   14.367  1.00 10.21 ? 78  PRO A N   1 
ATOM   714 C CA  . PRO A 1 78 ? -2.136  5.164   13.670  1.00 10.07 ? 78  PRO A CA  1 
ATOM   715 C C   . PRO A 1 78 ? -1.540  5.000   12.265  1.00 8.83  ? 78  PRO A C   1 
ATOM   716 O O   . PRO A 1 78 ? -0.728  4.086   12.037  1.00 10.82 ? 78  PRO A O   1 
ATOM   717 C CB  . PRO A 1 78 ? -1.153  5.886   14.598  1.00 12.76 ? 78  PRO A CB  1 
ATOM   718 C CG  . PRO A 1 78 ? -1.457  5.293   15.999  1.00 13.34 ? 78  PRO A CG  1 
ATOM   719 C CD  . PRO A 1 78 ? -1.737  3.835   15.687  1.00 11.69 ? 78  PRO A CD  1 
ATOM   720 N N   . MET A 1 79 ? -1.889  5.876   11.339  1.00 8.85  ? 79  MET A N   1 
ATOM   721 C CA  A MET A 1 79 ? -1.336  5.834   9.971   0.33 9.50  ? 79  MET A CA  1 
ATOM   722 C CA  B MET A 1 79 ? -1.328  5.817   9.961   0.33 9.29  ? 79  MET A CA  1 
ATOM   723 C CA  C MET A 1 79 ? -1.344  5.899   9.975   0.33 9.26  ? 79  MET A CA  1 
ATOM   724 C C   . MET A 1 79 ? 0.183   6.080   10.007  1.00 10.81 ? 79  MET A C   1 
ATOM   725 O O   . MET A 1 79 ? 0.879   5.490   9.136   1.00 13.06 ? 79  MET A O   1 
ATOM   726 C CB  A MET A 1 79 ? -2.055  6.843   9.056   0.33 11.30 ? 79  MET A CB  1 
ATOM   727 C CB  B MET A 1 79 ? -1.984  6.793   8.963   0.33 10.19 ? 79  MET A CB  1 
ATOM   728 C CB  C MET A 1 79 ? -2.024  7.048   9.217   0.33 10.91 ? 79  MET A CB  1 
ATOM   729 C CG  A MET A 1 79 ? -1.916  6.539   7.568   0.33 12.48 ? 79  MET A CG  1 
ATOM   730 C CG  B MET A 1 79 ? -1.397  6.659   7.532   0.33 10.86 ? 79  MET A CG  1 
ATOM   731 C CG  C MET A 1 79 ? -1.711  7.074   7.761   0.33 11.29 ? 79  MET A CG  1 
ATOM   732 S SD  A MET A 1 79 ? -2.837  7.760   6.594   0.33 16.61 ? 79  MET A SD  1 
ATOM   733 S SD  B MET A 1 79 ? -1.782  8.007   6.393   0.33 16.56 ? 79  MET A SD  1 
ATOM   734 S SD  C MET A 1 79 ? -2.463  8.536   7.039   0.33 16.21 ? 79  MET A SD  1 
ATOM   735 C CE  A MET A 1 79 ? -1.639  9.073   6.890   0.33 14.41 ? 79  MET A CE  1 
ATOM   736 C CE  B MET A 1 79 ? -3.552  8.054   6.724   0.33 11.17 ? 79  MET A CE  1 
ATOM   737 C CE  C MET A 1 79 ? -2.417  8.015   5.320   0.33 10.83 ? 79  MET A CE  1 
ATOM   738 N N   A VAL A 1 80 ? 0.673   6.999   10.841  0.52 12.40 ? 80  VAL A N   1 
ATOM   739 N N   C VAL A 1 80 ? 0.703   6.976   10.865  0.47 11.40 ? 80  VAL A N   1 
ATOM   740 C CA  A VAL A 1 80 ? 2.140   7.169   10.992  0.52 17.72 ? 80  VAL A CA  1 
ATOM   741 C CA  C VAL A 1 80 ? 2.148   7.364   10.926  0.47 15.99 ? 80  VAL A CA  1 
ATOM   742 C C   A VAL A 1 80 ? 2.497   7.115   12.479  0.52 21.37 ? 80  VAL A C   1 
ATOM   743 C C   C VAL A 1 80 ? 2.591   7.330   12.399  0.47 21.99 ? 80  VAL A C   1 
ATOM   744 O O   A VAL A 1 80 ? 1.669   7.468   13.354  0.52 26.05 ? 80  VAL A O   1 
ATOM   745 O O   C VAL A 1 80 ? 1.902   8.030   13.169  0.47 26.21 ? 80  VAL A O   1 
ATOM   746 C CB  A VAL A 1 80 ? 2.641   8.445   10.304  0.52 19.42 ? 80  VAL A CB  1 
ATOM   747 C CB  C VAL A 1 80 ? 2.339   8.775   10.338  0.47 19.62 ? 80  VAL A CB  1 
ATOM   748 C CG1 A VAL A 1 80 ? 2.510   8.384   8.791   0.52 23.79 ? 80  VAL A CG1 1 
ATOM   749 C CG1 C VAL A 1 80 ? 3.807   9.189   10.348  0.47 24.60 ? 80  VAL A CG1 1 
ATOM   750 C CG2 A VAL A 1 80 ? 1.989   9.693   10.871  0.52 23.98 ? 80  VAL A CG2 1 
ATOM   751 C CG2 C VAL A 1 80 ? 1.739   8.933   8.949   0.47 23.54 ? 80  VAL A CG2 1 
ATOM   752 N N   . GLU A 1 81 ? 3.709   6.631   12.730  0.80 26.72 ? 81  GLU A N   1 
ATOM   753 C CA  . GLU A 1 81 ? 4.211   6.484   14.133  0.80 34.10 ? 81  GLU A CA  1 
ATOM   754 C C   . GLU A 1 81 ? 4.851   7.801   14.601  0.80 42.20 ? 81  GLU A C   1 
ATOM   755 O O   . GLU A 1 81 ? 5.414   8.505   13.667  0.80 48.69 ? 81  GLU A O   1 
ATOM   756 C CB  . GLU A 1 81 ? 5.116   5.256   14.202  0.80 41.48 ? 81  GLU A CB  1 
ATOM   757 C CG  . GLU A 1 81 ? 4.284   3.976   14.231  0.80 66.37 ? 81  GLU A CG  1 
ATOM   758 C CD  . GLU A 1 81 ? 4.866   2.696   13.632  0.80 81.61 ? 81  GLU A CD  1 
ATOM   759 O OE1 . GLU A 1 81 ? 6.151   2.605   13.512  1.00 96.21 ? 81  GLU A OE1 1 
ATOM   760 O OE2 . GLU A 1 81 ? 4.020   1.752   13.332  1.00 64.31 ? 81  GLU A OE2 1 
ATOM   761 N N   A SER A 1 83 ? 3.922   -0.450  11.860  0.80 10.23 ? 83  SER A N   1 
ATOM   762 C CA  A SER A 1 83 ? 5.274   0.100   11.948  0.80 17.12 ? 83  SER A CA  1 
ATOM   763 C C   A SER A 1 83 ? 6.123   -0.091  10.625  0.80 27.96 ? 83  SER A C   1 
ATOM   764 O O   A SER A 1 83 ? 6.120   0.616   9.649   0.80 21.85 ? 83  SER A O   1 
ATOM   765 C CB  A SER A 1 83 ? 5.764   -0.727  13.217  0.80 24.89 ? 83  SER A CB  1 
ATOM   766 O OG  A SER A 1 83 ? 7.042   -0.701  13.889  0.80 17.61 ? 83  SER A OG  1 
ATOM   767 N N   A LYS A 1 84 ? 7.123   -0.892  10.664  0.80 40.09 ? 84  LYS A N   1 
ATOM   768 C CA  A LYS A 1 84 ? 8.164   -0.792  9.566   0.80 35.72 ? 84  LYS A CA  1 
ATOM   769 C C   A LYS A 1 84 ? 8.762   -2.281  9.244   0.80 65.77 ? 84  LYS A C   1 
ATOM   770 O O   A LYS A 1 84 ? 7.963   -3.027  10.676  0.80 60.34 ? 84  LYS A O   1 
ATOM   771 C CB  A LYS A 1 84 ? 9.391   0.069   9.939   0.80 53.21 ? 84  LYS A CB  1 
ATOM   772 C CG  A LYS A 1 84 ? 10.579  -0.030  8.960   0.80 40.78 ? 84  LYS A CG  1 
ATOM   773 C CD  A LYS A 1 84 ? 11.884  0.752   9.268   0.80 51.87 ? 84  LYS A CD  1 
ATOM   774 C CE  . LYS A 1 84 ? 12.866  0.939   8.112   0.80 49.94 ? 84  LYS A CE  1 
ATOM   775 N NZ  . LYS A 1 84 ? 13.332  -0.326  7.476   0.80 29.55 ? 84  LYS A NZ  1 
HETATM 776 O O   . HOH B 2 .  ? -13.925 -2.377  8.978   1.00 46.87 ? 101 HOH A O   1 
HETATM 777 O O   . HOH B 2 .  ? -11.883 -2.318  -1.057  1.00 35.05 ? 102 HOH A O   1 
HETATM 778 O O   . HOH B 2 .  ? -2.921  -9.988  -15.130 1.00 75.74 ? 103 HOH A O   1 
HETATM 779 O O   . HOH B 2 .  ? -5.485  -7.784  2.203   1.00 20.68 ? 104 HOH A O   1 
HETATM 780 O O   . HOH B 2 .  ? -10.596 0.659   10.016  1.00 25.59 ? 105 HOH A O   1 
HETATM 781 O O   . HOH B 2 .  ? 4.406   -14.595 -1.399  1.00 70.81 ? 106 HOH A O   1 
HETATM 782 O O   . HOH B 2 .  ? 0.334   -11.360 -8.501  1.00 65.64 ? 107 HOH A O   1 
HETATM 783 O O   . HOH B 2 .  ? -7.682  7.814   -7.317  1.00 36.19 ? 108 HOH A O   1 
HETATM 784 O O   . HOH B 2 .  ? 1.659   -10.753 -3.046  1.00 22.59 ? 109 HOH A O   1 
HETATM 785 O O   . HOH B 2 .  ? 8.624   3.376   14.142  1.00 44.08 ? 110 HOH A O   1 
HETATM 786 O O   . HOH B 2 .  ? -12.669 0.448   5.943   1.00 46.96 ? 111 HOH A O   1 
HETATM 787 O O   . HOH B 2 .  ? 2.999   9.686   5.225   1.00 46.09 ? 112 HOH A O   1 
HETATM 788 O O   . HOH B 2 .  ? -1.709  -1.250  -11.195 1.00 18.15 ? 113 HOH A O   1 
HETATM 789 O O   . HOH B 2 .  ? -1.510  -11.524 -13.550 1.00 72.56 ? 114 HOH A O   1 
HETATM 790 O O   . HOH B 2 .  ? 9.444   5.761   3.829   1.00 44.43 ? 115 HOH A O   1 
HETATM 791 O O   . HOH B 2 .  ? 9.714   6.925   -9.988  1.00 35.28 ? 116 HOH A O   1 
HETATM 792 O O   . HOH B 2 .  ? -11.643 -3.946  -3.523  1.00 25.20 ? 117 HOH A O   1 
HETATM 793 O O   . HOH B 2 .  ? 3.790   2.576   -14.937 1.00 55.43 ? 118 HOH A O   1 
HETATM 794 O O   . HOH B 2 .  ? 7.405   -11.208 -2.558  1.00 53.16 ? 119 HOH A O   1 
HETATM 795 O O   . HOH B 2 .  ? -5.890  -6.493  -1.148  1.00 24.04 ? 120 HOH A O   1 
HETATM 796 O O   . HOH B 2 .  ? -6.188  15.138  1.899   1.00 23.37 ? 121 HOH A O   1 
HETATM 797 O O   A HOH B 2 .  ? 13.775  1.387   -14.610 0.50 48.43 ? 122 HOH A O   1 
HETATM 798 O O   B HOH B 2 .  ? 14.482  -0.291  -14.876 0.50 47.54 ? 122 HOH A O   1 
HETATM 799 O O   . HOH B 2 .  ? 9.044   -3.372  -11.614 1.00 56.10 ? 123 HOH A O   1 
HETATM 800 O O   . HOH B 2 .  ? 2.724   9.659   -1.538  1.00 30.23 ? 124 HOH A O   1 
HETATM 801 O O   . HOH B 2 .  ? 9.509   7.534   -5.273  1.00 21.50 ? 125 HOH A O   1 
HETATM 802 O O   . HOH B 2 .  ? 10.400  -9.590  -5.469  1.00 61.92 ? 126 HOH A O   1 
HETATM 803 O O   . HOH B 2 .  ? 16.844  3.231   -5.924  1.00 29.93 ? 127 HOH A O   1 
HETATM 804 O O   . HOH B 2 .  ? -6.829  -12.082 0.619   1.00 21.71 ? 128 HOH A O   1 
HETATM 805 O O   . HOH B 2 .  ? 2.718   -10.131 -12.271 1.00 43.12 ? 129 HOH A O   1 
HETATM 806 O O   . HOH B 2 .  ? 5.179   8.736   -0.992  1.00 43.03 ? 130 HOH A O   1 
HETATM 807 O O   . HOH B 2 .  ? -7.831  -1.874  -11.687 1.00 65.81 ? 131 HOH A O   1 
HETATM 808 O O   . HOH B 2 .  ? 7.075   2.241   6.996   1.00 42.00 ? 132 HOH A O   1 
HETATM 809 O O   . HOH B 2 .  ? -0.020  -8.393  4.388   1.00 40.64 ? 133 HOH A O   1 
HETATM 810 O O   . HOH B 2 .  ? -2.577  -7.367  4.241   1.00 34.72 ? 134 HOH A O   1 
HETATM 811 O O   . HOH B 2 .  ? 6.224   -5.735  -14.459 1.00 70.92 ? 135 HOH A O   1 
HETATM 812 O O   . HOH B 2 .  ? -4.368  -13.358 -0.698  1.00 45.65 ? 136 HOH A O   1 
HETATM 813 O O   . HOH B 2 .  ? -5.698  -6.801  4.790   1.00 16.56 ? 137 HOH A O   1 
HETATM 814 O O   . HOH B 2 .  ? -4.122  -3.461  -14.533 1.00 56.16 ? 138 HOH A O   1 
HETATM 815 O O   . HOH B 2 .  ? 8.010   -9.647  -5.061  1.00 55.80 ? 139 HOH A O   1 
HETATM 816 O O   . HOH B 2 .  ? 12.772  -10.731 -4.280  1.00 28.39 ? 140 HOH A O   1 
HETATM 817 O O   . HOH B 2 .  ? 6.875   -6.552  9.554   1.00 46.35 ? 141 HOH A O   1 
HETATM 818 O O   . HOH B 2 .  ? -8.487  -10.397 -0.758  1.00 22.90 ? 142 HOH A O   1 
HETATM 819 O O   . HOH B 2 .  ? -11.971 -1.999  -6.382  1.00 47.05 ? 143 HOH A O   1 
HETATM 820 O O   . HOH B 2 .  ? -5.102  -11.575 4.501   1.00 26.34 ? 144 HOH A O   1 
HETATM 821 O O   . HOH B 2 .  ? 3.171   -11.644 -7.306  1.00 67.80 ? 145 HOH A O   1 
HETATM 822 O O   . HOH B 2 .  ? 7.129   -12.010 1.273   1.00 28.04 ? 146 HOH A O   1 
HETATM 823 O O   . HOH B 2 .  ? 18.375  -4.804  -4.175  1.00 13.23 ? 147 HOH A O   1 
HETATM 824 O O   . HOH B 2 .  ? -13.918 -9.142  12.915  1.00 25.39 ? 148 HOH A O   1 
HETATM 825 O O   . HOH B 2 .  ? 6.889   -2.270  -12.111 1.00 47.67 ? 149 HOH A O   1 
HETATM 826 O O   . HOH B 2 .  ? -1.275  11.464  3.779   1.00 48.74 ? 150 HOH A O   1 
HETATM 827 O O   . HOH B 2 .  ? -4.681  -7.826  -12.394 1.00 49.62 ? 151 HOH A O   1 
HETATM 828 O O   . HOH B 2 .  ? 4.428   -3.871  -14.478 1.00 28.15 ? 152 HOH A O   1 
HETATM 829 O O   . HOH B 2 .  ? 4.435   -8.629  -8.673  1.00 17.97 ? 153 HOH A O   1 
HETATM 830 O O   . HOH B 2 .  ? 1.708   -6.569  -15.005 1.00 21.32 ? 154 HOH A O   1 
HETATM 831 O O   . HOH B 2 .  ? -7.476  -7.292  -10.734 1.00 36.88 ? 155 HOH A O   1 
HETATM 832 O O   . HOH B 2 .  ? 10.142  -10.420 -3.056  1.00 44.15 ? 156 HOH A O   1 
HETATM 833 O O   . HOH B 2 .  ? 8.405   7.727   1.050   1.00 43.04 ? 157 HOH A O   1 
HETATM 834 O O   . HOH B 2 .  ? -15.127 -2.613  1.771   1.00 29.53 ? 158 HOH A O   1 
HETATM 835 O O   . HOH B 2 .  ? -7.567  -6.330  0.869   1.00 16.12 ? 159 HOH A O   1 
HETATM 836 O O   . HOH B 2 .  ? 4.037   -13.498 3.385   1.00 32.45 ? 160 HOH A O   1 
HETATM 837 O O   . HOH B 2 .  ? 7.888   8.239   -2.619  1.00 50.49 ? 161 HOH A O   1 
HETATM 838 O O   . HOH B 2 .  ? 14.512  4.270   -10.278 1.00 47.51 ? 162 HOH A O   1 
HETATM 839 O O   . HOH B 2 .  ? 5.164   5.371   10.146  1.00 38.17 ? 163 HOH A O   1 
HETATM 840 O O   . HOH B 2 .  ? 12.441  -9.145  -6.834  1.00 50.52 ? 164 HOH A O   1 
HETATM 841 O O   . HOH B 2 .  ? 4.315   11.534  13.204  1.00 72.78 ? 165 HOH A O   1 
HETATM 842 O O   . HOH B 2 .  ? -14.249 -4.517  11.918  1.00 28.97 ? 166 HOH A O   1 
HETATM 843 O O   . HOH B 2 .  ? -11.386 3.646   2.267   1.00 50.86 ? 167 HOH A O   1 
HETATM 844 O O   . HOH B 2 .  ? 2.918   -9.160  -14.814 1.00 56.95 ? 168 HOH A O   1 
HETATM 845 O O   . HOH B 2 .  ? -13.224 -5.731  -7.535  1.00 82.89 ? 169 HOH A O   1 
HETATM 846 O O   . HOH B 2 .  ? 8.034   4.728   6.352   1.00 68.19 ? 170 HOH A O   1 
HETATM 847 O O   A HOH B 2 .  ? 13.385  -5.678  -7.963  0.50 28.21 ? 171 HOH A O   1 
HETATM 848 O O   B HOH B 2 .  ? 14.212  -7.045  -7.675  0.50 31.45 ? 171 HOH A O   1 
HETATM 849 O O   . HOH B 2 .  ? -9.949  -0.161  -9.611  1.00 82.45 ? 172 HOH A O   1 
HETATM 850 O O   . HOH B 2 .  ? 4.792   10.539  2.986   1.00 47.05 ? 173 HOH A O   1 
HETATM 851 O O   . HOH B 2 .  ? -15.019 -5.569  14.912  1.00 92.13 ? 174 HOH A O   1 
HETATM 852 O O   . HOH B 2 .  ? -0.530  0.927   -12.483 1.00 34.79 ? 175 HOH A O   1 
HETATM 853 O O   . HOH B 2 .  ? -4.252  16.549  -1.974  1.00 52.03 ? 176 HOH A O   1 
HETATM 854 O O   . HOH B 2 .  ? -10.291 -5.855  18.635  1.00 49.39 ? 177 HOH A O   1 
HETATM 855 O O   . HOH B 2 .  ? 1.138   11.234  6.142   1.00 47.79 ? 178 HOH A O   1 
HETATM 856 O O   . HOH B 2 .  ? 12.767  -4.236  -9.628  1.00 67.62 ? 179 HOH A O   1 
HETATM 857 O O   . HOH B 2 .  ? 6.437   9.465   1.489   1.00 57.86 ? 180 HOH A O   1 
HETATM 858 O O   . HOH B 2 .  ? -2.715  -13.912 0.954   1.00 62.56 ? 181 HOH A O   1 
HETATM 859 O O   . HOH B 2 .  ? -15.759 -7.836  11.508  1.00 52.16 ? 182 HOH A O   1 
HETATM 860 O O   . HOH B 2 .  ? -2.753  -5.087  -15.552 1.00 53.23 ? 183 HOH A O   1 
HETATM 861 O O   . HOH B 2 .  ? 1.857   -9.502  5.609   1.00 39.65 ? 184 HOH A O   1 
HETATM 862 O O   . HOH B 2 .  ? -2.778  1.865   -14.132 1.00 34.67 ? 185 HOH A O   1 
HETATM 863 O O   A HOH B 2 .  ? -2.567  -8.947  7.957   0.50 21.17 ? 186 HOH A O   1 
HETATM 864 O O   B HOH B 2 .  ? -3.296  -8.900  6.750   0.50 35.45 ? 186 HOH A O   1 
HETATM 865 O O   A HOH B 2 .  ? 2.823   7.143   -17.253 0.50 38.20 ? 187 HOH A O   1 
HETATM 866 O O   B HOH B 2 .  ? 3.680   5.959   -16.296 0.50 40.93 ? 187 HOH A O   1 
HETATM 867 O O   . HOH B 2 .  ? 5.780   -8.501  -14.581 1.00 63.38 ? 188 HOH A O   1 
HETATM 868 O O   . HOH B 2 .  ? 9.522   8.825   -7.959  1.00 27.48 ? 189 HOH A O   1 
HETATM 869 O O   . HOH B 2 .  ? -6.693  -14.436 2.176   1.00 44.86 ? 190 HOH A O   1 
HETATM 870 O O   . HOH B 2 .  ? 6.204   10.344  -2.419  1.00 53.28 ? 191 HOH A O   1 
HETATM 871 O O   . HOH B 2 .  ? 11.496  0.116   11.545  1.00 47.01 ? 192 HOH A O   1 
HETATM 872 O O   . HOH B 2 .  ? 1.079   1.431   -14.655 1.00 37.40 ? 193 HOH A O   1 
HETATM 873 O O   A HOH B 2 .  ? 16.569  -6.205  -8.052  0.50 31.45 ? 194 HOH A O   1 
HETATM 874 O O   B HOH B 2 .  ? 17.525  -4.245  -7.490  0.50 27.44 ? 194 HOH A O   1 
HETATM 875 O O   . HOH B 2 .  ? 20.577  1.250   -3.230  1.00 62.49 ? 195 HOH A O   1 
HETATM 876 O O   . HOH B 2 .  ? 12.167  7.850   -4.133  1.00 33.56 ? 196 HOH A O   1 
HETATM 877 O O   . HOH B 2 .  ? 6.439   -1.183  -13.985 1.00 57.49 ? 197 HOH A O   1 
HETATM 878 O O   . HOH B 2 .  ? 13.388  3.693   2.604   1.00 36.02 ? 198 HOH A O   1 
HETATM 879 O O   . HOH B 2 .  ? -16.702 -4.969  2.464   1.00 16.27 ? 199 HOH A O   1 
HETATM 880 O O   . HOH B 2 .  ? 2.188   12.636  8.915   1.00 52.67 ? 200 HOH A O   1 
HETATM 881 O O   . HOH B 2 .  ? -18.312 -7.794  10.714  1.00 40.86 ? 201 HOH A O   1 
HETATM 882 O O   . HOH B 2 .  ? -17.003 -5.929  6.077   1.00 24.29 ? 202 HOH A O   1 
HETATM 883 O O   . HOH B 2 .  ? 16.927  -6.585  -10.912 1.00 52.46 ? 203 HOH A O   1 
HETATM 884 O O   . HOH B 2 .  ? -18.460 -6.975  8.187   1.00 30.69 ? 204 HOH A O   1 
HETATM 885 O O   . HOH B 2 .  ? 19.952  -6.954  -10.582 1.00 22.94 ? 205 HOH A O   1 
HETATM 886 O O   . HOH B 2 .  ? 15.373  -9.778  -11.459 0.50 54.07 ? 206 HOH A O   1 
HETATM 887 O O   . HOH B 2 .  ? 22.284  -8.218  -11.205 1.00 25.08 ? 207 HOH A O   1 
# 
loop_
_atom_site_anisotrop.id 
_atom_site_anisotrop.type_symbol 
_atom_site_anisotrop.pdbx_label_atom_id 
_atom_site_anisotrop.pdbx_label_alt_id 
_atom_site_anisotrop.pdbx_label_comp_id 
_atom_site_anisotrop.pdbx_label_asym_id 
_atom_site_anisotrop.pdbx_label_seq_id 
_atom_site_anisotrop.pdbx_PDB_ins_code 
_atom_site_anisotrop.U[1][1] 
_atom_site_anisotrop.U[2][2] 
_atom_site_anisotrop.U[3][3] 
_atom_site_anisotrop.U[1][2] 
_atom_site_anisotrop.U[1][3] 
_atom_site_anisotrop.U[2][3] 
_atom_site_anisotrop.pdbx_auth_seq_id 
_atom_site_anisotrop.pdbx_auth_comp_id 
_atom_site_anisotrop.pdbx_auth_asym_id 
_atom_site_anisotrop.pdbx_auth_atom_id 
1   N N   . MET A 1  ? 0.3359 0.4997 0.2784 -0.0190 0.0271  -0.0241 1   MET A N   
2   C CA  A MET A 1  ? 0.3038 0.3727 0.3163 0.0506  0.0479  -0.0036 1   MET A CA  
3   C CA  B MET A 1  ? 0.2691 0.2658 0.2781 0.0251  0.0252  -0.0802 1   MET A CA  
4   C C   . MET A 1  ? 0.2414 0.2076 0.1882 0.0552  -0.0124 -0.0872 1   MET A C   
5   O O   . MET A 1  ? 0.2310 0.2703 0.2142 0.0101  -0.0219 -0.0725 1   MET A O   
6   C CB  A MET A 1  ? 0.4133 0.4253 0.5062 0.1323  0.0643  0.0171  1   MET A CB  
7   C CB  B MET A 1  ? 0.3203 0.2851 0.3216 0.0720  0.0299  -0.0631 1   MET A CB  
8   C CG  A MET A 1  ? 0.4599 0.5078 0.5904 -0.0160 0.0006  0.0562  1   MET A CG  
9   C CG  B MET A 1  ? 0.4027 0.3073 0.3040 0.0295  -0.0068 -0.0769 1   MET A CG  
10  S SD  A MET A 1  ? 0.5580 0.5897 0.8186 0.1285  -0.0396 -0.0146 1   MET A SD  
11  S SD  B MET A 1  ? 0.4164 0.3296 0.6907 0.1359  -0.0531 -0.0728 1   MET A SD  
12  C CE  A MET A 1  ? 0.6515 0.5955 1.0532 0.0433  -0.0663 -0.0833 1   MET A CE  
13  C CE  B MET A 1  ? 0.2788 0.3709 0.6737 0.1570  -0.1205 -0.1950 1   MET A CE  
14  N N   . GLN A 2  ? 0.2280 0.2006 0.1842 0.0221  -0.0304 -0.0579 2   GLN A N   
15  C CA  . GLN A 2  ? 0.2740 0.1804 0.1754 0.0291  0.0243  -0.0393 2   GLN A CA  
16  C C   . GLN A 2  ? 0.1442 0.2827 0.2151 0.0288  -0.0011 -0.0417 2   GLN A C   
17  O O   . GLN A 2  ? 0.1335 0.4261 0.2468 0.0260  -0.0215 -0.0278 2   GLN A O   
18  C CB  . GLN A 2  ? 0.2203 0.1996 0.3020 0.0072  -0.0591 -0.0475 2   GLN A CB  
19  C CG  . GLN A 2  ? 0.2833 0.1569 0.3548 0.0293  -0.0647 -0.0684 2   GLN A CG  
20  C CD  . GLN A 2  ? 0.2928 0.2552 0.4034 -0.0182 -0.0515 -0.1327 2   GLN A CD  
21  O OE1 . GLN A 2  ? 0.3003 0.2430 0.4318 0.0191  -0.0633 -0.0754 2   GLN A OE1 
22  N NE2 . GLN A 2  ? 0.2009 0.2308 0.4693 0.0659  -0.1190 -0.0529 2   GLN A NE2 
23  N N   . THR A 3  ? 0.0908 0.2062 0.1555 -0.0092 -0.0618 -0.0587 3   THR A N   
24  C CA  . THR A 3  ? 0.0686 0.1920 0.1624 0.0055  -0.0704 -0.0597 3   THR A CA  
25  C C   . THR A 3  ? 0.1614 0.1258 0.1669 -0.0008 -0.0262 -0.0544 3   THR A C   
26  O O   . THR A 3  ? 0.2040 0.1519 0.1757 0.0356  -0.0524 -0.0637 3   THR A O   
27  C CB  . THR A 3  ? 0.1411 0.1819 0.1715 0.0264  -0.0465 -0.0621 3   THR A CB  
28  O OG1 . THR A 3  ? 0.1980 0.2156 0.1783 0.0205  -0.0691 -0.0531 3   THR A OG1 
29  C CG2 . THR A 3  ? 0.1517 0.1467 0.2185 0.0362  -0.0249 -0.0661 3   THR A CG2 
30  N N   . ASP A 4  ? 0.1199 0.1295 0.1760 0.0271  -0.0376 -0.0499 4   ASP A N   
31  C CA  . ASP A 4  ? 0.1139 0.1230 0.1892 0.0180  -0.0298 -0.0640 4   ASP A CA  
32  C C   . ASP A 4  ? 0.1314 0.1209 0.1448 -0.0083 -0.0317 -0.0844 4   ASP A C   
33  O O   . ASP A 4  ? 0.1213 0.1224 0.1728 0.0093  -0.0421 -0.0720 4   ASP A O   
34  C CB  . ASP A 4  ? 0.1263 0.1457 0.2372 -0.0044 -0.0473 -0.0709 4   ASP A CB  
35  C CG  . ASP A 4  ? 0.1822 0.1410 0.2445 -0.0233 -0.0693 -0.0817 4   ASP A CG  
36  O OD1 . ASP A 4  ? 0.1997 0.1651 0.2162 -0.0402 -0.0788 -0.0682 4   ASP A OD1 
37  O OD2 . ASP A 4  ? 0.1990 0.2538 0.2543 -0.0469 -0.0809 -0.1126 4   ASP A OD2 
38  N N   . THR A 5  ? 0.1463 0.1029 0.1332 0.0320  -0.0496 -0.0754 5   THR A N   
39  C CA  . THR A 5  ? 0.1291 0.1191 0.1357 0.0238  -0.0445 -0.0760 5   THR A CA  
40  C C   . THR A 5  ? 0.1054 0.1486 0.1543 0.0031  -0.0521 -0.0636 5   THR A C   
41  O O   . THR A 5  ? 0.1065 0.1477 0.1692 0.0269  -0.0617 -0.0593 5   THR A O   
42  C CB  . THR A 5  ? 0.1794 0.1144 0.1673 0.0485  -0.0507 -0.0875 5   THR A CB  
43  O OG1 . THR A 5  ? 0.1438 0.1275 0.1867 0.0224  -0.0633 -0.0647 5   THR A OG1 
44  C CG2 . THR A 5  ? 0.1632 0.1657 0.1653 0.0521  -0.0583 -0.0544 5   THR A CG2 
45  N N   . SER A 6  ? 0.1183 0.1284 0.1634 0.0012  -0.0653 -0.0581 6   SER A N   
46  C CA  A SER A 6  ? 0.0947 0.1556 0.1537 0.0046  -0.0763 -0.0666 6   SER A CA  
47  C CA  B SER A 6  ? 0.1249 0.1744 0.1645 0.0253  -0.0807 -0.0682 6   SER A CA  
48  C C   . SER A 6  ? 0.1473 0.1547 0.1428 0.0006  -0.0613 -0.0556 6   SER A C   
49  O O   . SER A 6  ? 0.1399 0.1983 0.1504 0.0365  -0.0584 -0.0182 6   SER A O   
50  C CB  A SER A 6  ? 0.0628 0.1507 0.1515 0.0247  -0.0896 -0.0437 6   SER A CB  
51  C CB  B SER A 6  ? 0.1664 0.2916 0.2253 -0.0215 -0.1112 -0.0882 6   SER A CB  
52  O OG  A SER A 6  ? 0.1002 0.1351 0.1383 0.0092  -0.0569 -0.0604 6   SER A OG  
53  O OG  B SER A 6  ? 0.3361 0.4208 0.3352 0.0855  -0.0815 -0.0032 6   SER A OG  
54  N N   . ASN A 7  ? 0.1320 0.1567 0.1547 0.0118  -0.0585 -0.0319 7   ASN A N   
55  C CA  . ASN A 7  ? 0.1143 0.1657 0.1856 0.0435  -0.0955 -0.0344 7   ASN A CA  
56  C C   . ASN A 7  ? 0.1062 0.1077 0.1360 0.0598  -0.0536 -0.0365 7   ASN A C   
57  O O   . ASN A 7  ? 0.1300 0.1222 0.1991 0.0477  -0.0813 -0.0162 7   ASN A O   
58  C CB  . ASN A 7  ? 0.1255 0.1964 0.2323 0.0610  -0.0419 -0.0705 7   ASN A CB  
59  C CG  . ASN A 7  ? 0.1360 0.3564 0.3893 -0.0144 -0.0792 -0.0571 7   ASN A CG  
60  O OD1 . ASN A 7  ? 0.3143 0.4311 0.6809 0.0018  -0.1465 0.0632  7   ASN A OD1 
61  N ND2 . ASN A 7  ? 0.3261 0.4344 0.6381 -0.0628 -0.1489 -0.0531 7   ASN A ND2 
62  N N   . ARG A 8  ? 0.1146 0.0968 0.1334 0.0576  -0.0655 -0.0378 8   ARG A N   
63  C CA  . ARG A 8  ? 0.1370 0.0836 0.1473 0.0400  -0.0625 -0.0474 8   ARG A CA  
64  C C   . ARG A 8  ? 0.1065 0.1228 0.1395 0.0273  -0.0710 -0.0376 8   ARG A C   
65  O O   . ARG A 8  ? 0.1268 0.1164 0.1494 0.0430  -0.0608 -0.0390 8   ARG A O   
66  C CB  . ARG A 8  ? 0.1254 0.1044 0.1461 0.0399  -0.0731 -0.0576 8   ARG A CB  
67  C CG  . ARG A 8  ? 0.1111 0.0870 0.1339 0.0486  -0.0646 -0.0662 8   ARG A CG  
68  C CD  . ARG A 8  ? 0.1024 0.1021 0.1318 0.0585  -0.0688 -0.0702 8   ARG A CD  
69  N NE  . ARG A 8  ? 0.1169 0.1079 0.1387 0.0443  -0.0854 -0.0702 8   ARG A NE  
70  C CZ  . ARG A 8  ? 0.1227 0.1024 0.1505 0.0294  -0.0570 -0.0493 8   ARG A CZ  
71  N NH1 . ARG A 8  ? 0.1264 0.1188 0.1467 0.0507  -0.0654 -0.0808 8   ARG A NH1 
72  N NH2 . ARG A 8  ? 0.1038 0.1183 0.1685 0.0701  -0.0620 -0.0505 8   ARG A NH2 
73  N N   . LEU A 9  ? 0.1002 0.1209 0.1661 0.0565  -0.0544 -0.0507 9   LEU A N   
74  C CA  . LEU A 9  ? 0.1468 0.1323 0.1782 0.0188  -0.0473 -0.0481 9   LEU A CA  
75  C C   . LEU A 9  ? 0.1738 0.1639 0.1284 0.0295  -0.0393 -0.0418 9   LEU A C   
76  O O   . LEU A 9  ? 0.1584 0.1355 0.1764 0.0685  -0.0307 -0.0443 9   LEU A O   
77  C CB  . LEU A 9  ? 0.1384 0.1497 0.1594 0.0416  -0.0717 -0.0414 9   LEU A CB  
78  C CG  . LEU A 9  ? 0.1270 0.1740 0.1535 0.0533  -0.0667 -0.0426 9   LEU A CG  
79  C CD1 . LEU A 9  ? 0.1256 0.1790 0.1998 0.0726  -0.0493 -0.0445 9   LEU A CD1 
80  C CD2 . LEU A 9  ? 0.1470 0.1801 0.2009 0.0643  -0.0311 -0.0379 9   LEU A CD2 
81  N N   . LYS A 10 ? 0.1545 0.1377 0.1533 0.0392  -0.0544 -0.0312 10  LYS A N   
82  C CA  . LYS A 10 ? 0.1611 0.1642 0.1433 0.0611  -0.0564 -0.0412 10  LYS A CA  
83  C C   . LYS A 10 ? 0.1064 0.1635 0.1309 0.0582  -0.0546 -0.0375 10  LYS A C   
84  O O   . LYS A 10 ? 0.1636 0.1657 0.1557 0.0577  -0.0675 -0.0177 10  LYS A O   
85  C CB  . LYS A 10 ? 0.1362 0.1891 0.1790 0.0765  -0.0742 -0.0228 10  LYS A CB  
86  C CG  . LYS A 10 ? 0.1777 0.2467 0.2063 0.0681  -0.0831 -0.0602 10  LYS A CG  
87  C CD  . LYS A 10 ? 0.1912 0.3263 0.2768 0.0230  -0.0797 -0.0920 10  LYS A CD  
88  C CE  . LYS A 10 ? 0.3627 0.3136 0.4292 -0.0004 -0.0354 -0.1810 10  LYS A CE  
89  N NZ  . LYS A 10 ? 0.5154 0.6790 0.7595 -0.1461 -0.0653 -0.0960 10  LYS A NZ  
90  N N   A GLN A 11 ? 0.1194 0.1327 0.1381 0.0652  -0.0706 -0.0389 11  GLN A N   
91  N N   B GLN A 11 ? 0.1398 0.1542 0.1448 0.0744  -0.0684 -0.0082 11  GLN A N   
92  C CA  A GLN A 11 ? 0.1041 0.1469 0.1365 0.0610  -0.0767 -0.0507 11  GLN A CA  
93  C CA  B GLN A 11 ? 0.1481 0.1816 0.1652 0.0790  -0.0488 -0.0404 11  GLN A CA  
94  C C   A GLN A 11 ? 0.0924 0.1741 0.1517 0.0634  -0.0628 -0.0489 11  GLN A C   
95  C C   B GLN A 11 ? 0.1381 0.1821 0.1533 0.0843  -0.0278 -0.0441 11  GLN A C   
96  O O   A GLN A 11 ? 0.1231 0.1714 0.1670 0.0639  -0.0524 -0.0424 11  GLN A O   
97  O O   B GLN A 11 ? 0.1760 0.1658 0.1559 0.0507  -0.0629 -0.0478 11  GLN A O   
98  C CB  A GLN A 11 ? 0.0682 0.1561 0.1231 0.0452  -0.0671 -0.0578 11  GLN A CB  
99  C CB  B GLN A 11 ? 0.1508 0.2265 0.1664 0.0674  -0.0323 -0.0218 11  GLN A CB  
100 C CG  A GLN A 11 ? 0.0862 0.1765 0.1251 0.0710  -0.0831 -0.0690 11  GLN A CG  
101 C CG  B GLN A 11 ? 0.1363 0.2898 0.1815 0.0843  -0.0238 -0.0375 11  GLN A CG  
102 C CD  A GLN A 11 ? 0.0994 0.2601 0.1233 0.0447  -0.0780 -0.0556 11  GLN A CD  
103 C CD  B GLN A 11 ? 0.2734 0.3009 0.1858 0.0417  0.0724  -0.0353 11  GLN A CD  
104 O OE1 A GLN A 11 ? 0.1175 0.3706 0.1583 0.0185  -0.0334 0.0079  11  GLN A OE1 
105 O OE1 B GLN A 11 ? 0.3392 0.5024 0.1960 0.1911  -0.0592 0.0188  11  GLN A OE1 
106 N NE2 A GLN A 11 ? 0.0760 0.1850 0.0708 0.1073  -0.0365 -0.0768 11  GLN A NE2 
107 N NE2 B GLN A 11 ? 0.2917 0.3199 0.1367 -0.0549 -0.0936 0.0299  11  GLN A NE2 
108 N N   A ILE A 12 ? 0.0890 0.1455 0.1503 0.0588  -0.0645 -0.0453 12  ILE A N   
109 N N   B ILE A 12 ? 0.1119 0.1475 0.1613 0.0695  -0.0601 -0.0524 12  ILE A N   
110 C CA  A ILE A 12 ? 0.0958 0.1716 0.1802 0.0331  -0.0819 -0.0306 12  ILE A CA  
111 C CA  B ILE A 12 ? 0.1305 0.1631 0.1662 0.0515  -0.0540 -0.0618 12  ILE A CA  
112 C C   A ILE A 12 ? 0.1094 0.1603 0.1754 0.0279  -0.0617 -0.0355 12  ILE A C   
113 C C   B ILE A 12 ? 0.1151 0.1581 0.1726 0.0346  -0.0298 -0.0545 12  ILE A C   
114 O O   A ILE A 12 ? 0.1056 0.1575 0.1785 0.0296  -0.0566 -0.0346 12  ILE A O   
115 O O   B ILE A 12 ? 0.1321 0.1405 0.2053 0.0385  -0.0169 -0.0781 12  ILE A O   
116 C CB  A ILE A 12 ? 0.1314 0.1610 0.2638 0.0529  -0.0812 -0.0004 12  ILE A CB  
117 C CB  B ILE A 12 ? 0.0979 0.1838 0.2480 0.0387  -0.0854 -0.0183 12  ILE A CB  
118 C CG1 A ILE A 12 ? 0.0809 0.2209 0.2952 0.0013  -0.1101 0.0280  12  ILE A CG1 
119 C CG1 B ILE A 12 ? 0.1940 0.2088 0.2081 0.0287  -0.0394 -0.0197 12  ILE A CG1 
120 C CG2 A ILE A 12 ? 0.1540 0.1962 0.2734 0.0841  -0.0605 0.0034  12  ILE A CG2 
121 C CG2 B ILE A 12 ? 0.1369 0.2092 0.2372 0.0377  -0.0691 -0.0169 12  ILE A CG2 
122 C CD1 A ILE A 12 ? 0.2020 0.2337 0.2985 -0.0303 -0.1463 0.0369  12  ILE A CD1 
123 C CD1 B ILE A 12 ? 0.2033 0.2652 0.2548 0.0483  -0.0021 -0.0014 12  ILE A CD1 
124 N N   A MET A 13 ? 0.1165 0.1156 0.1798 0.0602  -0.0628 -0.0534 13  MET A N   
125 N N   B MET A 13 ? 0.1538 0.1310 0.1617 0.0559  -0.0526 -0.0510 13  MET A N   
126 C CA  A MET A 13 ? 0.0991 0.1482 0.2135 0.0540  -0.0728 -0.0092 13  MET A CA  
127 C CA  B MET A 13 ? 0.1431 0.1667 0.1681 0.0386  -0.0426 -0.0230 13  MET A CA  
128 C C   A MET A 13 ? 0.1377 0.1387 0.1669 0.0592  -0.0746 -0.0210 13  MET A C   
129 C C   B MET A 13 ? 0.1734 0.1668 0.1355 0.0393  -0.0731 -0.0504 13  MET A C   
130 O O   A MET A 13 ? 0.0813 0.1263 0.2239 0.0677  -0.0789 -0.0113 13  MET A O   
131 O O   B MET A 13 ? 0.1951 0.2037 0.1641 0.0409  -0.0390 -0.0307 13  MET A O   
132 C CB  A MET A 13 ? 0.1864 0.1841 0.1655 0.0438  -0.0644 -0.0138 13  MET A CB  
133 C CB  B MET A 13 ? 0.1902 0.1956 0.1449 -0.0016 -0.0303 -0.0145 13  MET A CB  
134 C CG  A MET A 13 ? 0.1895 0.1243 0.2143 0.0308  -0.0535 -0.0141 13  MET A CG  
135 C CG  B MET A 13 ? 0.2484 0.2155 0.2118 0.0261  0.0335  0.0228  13  MET A CG  
136 S SD  A MET A 13 ? 0.3023 0.2536 0.2326 -0.0020 -0.0336 -0.0578 13  MET A SD  
137 S SD  B MET A 13 ? 0.4860 0.3281 0.3429 -0.0969 0.0060  -0.1210 13  MET A SD  
138 C CE  A MET A 13 ? 0.2049 0.1967 0.3078 0.1397  -0.0431 0.0655  13  MET A CE  
139 C CE  B MET A 13 ? 0.3947 0.3628 0.2600 -0.0370 -0.0939 -0.1076 13  MET A CE  
140 N N   . ALA A 14 ? 0.1622 0.1473 0.1549 0.0562  -0.0586 -0.0057 14  ALA A N   
141 C CA  . ALA A 14 ? 0.1324 0.1732 0.1763 0.0675  -0.0911 -0.0148 14  ALA A CA  
142 C C   . ALA A 14 ? 0.1396 0.1498 0.1942 0.0887  -0.0626 -0.0415 14  ALA A C   
143 O O   . ALA A 14 ? 0.2206 0.1555 0.2475 0.1024  -0.0915 -0.0387 14  ALA A O   
144 C CB  . ALA A 14 ? 0.1205 0.2014 0.2308 0.0734  -0.0735 -0.0276 14  ALA A CB  
145 N N   A GLU A 15 ? 0.1429 0.1518 0.1823 0.0741  -0.0632 -0.0444 15  GLU A N   
146 N N   B GLU A 15 ? 0.1297 0.1534 0.1900 0.0874  -0.0567 -0.0411 15  GLU A N   
147 C CA  A GLU A 15 ? 0.1721 0.1681 0.1930 0.0869  -0.0480 -0.0923 15  GLU A CA  
148 C CA  B GLU A 15 ? 0.1405 0.1582 0.2168 0.1098  -0.0386 -0.0868 15  GLU A CA  
149 C C   A GLU A 15 ? 0.1851 0.1578 0.1750 0.0668  -0.0547 -0.0951 15  GLU A C   
150 C C   B GLU A 15 ? 0.1811 0.1380 0.1724 0.0843  -0.0567 -0.0761 15  GLU A C   
151 O O   A GLU A 15 ? 0.2005 0.1693 0.2858 0.0365  -0.0447 -0.1144 15  GLU A O   
152 O O   B GLU A 15 ? 0.1843 0.1355 0.2520 0.0789  -0.0649 -0.0773 15  GLU A O   
153 C CB  A GLU A 15 ? 0.2393 0.2592 0.2185 0.0626  -0.0931 -0.0476 15  GLU A CB  
154 C CB  B GLU A 15 ? 0.1498 0.2428 0.2735 0.1085  -0.0618 -0.0360 15  GLU A CB  
155 C CG  A GLU A 15 ? 0.2802 0.2251 0.1975 0.0698  -0.0803 -0.0765 15  GLU A CG  
156 C CG  B GLU A 15 ? 0.1508 0.2486 0.2954 0.1723  -0.0298 -0.0711 15  GLU A CG  
157 C CD  A GLU A 15 ? 0.5035 0.3113 0.1581 0.0540  -0.0821 0.0243  15  GLU A CD  
158 C CD  B GLU A 15 ? 0.1968 0.3601 0.2719 0.0980  -0.0298 -0.0476 15  GLU A CD  
159 O OE1 A GLU A 15 ? 0.5827 0.5344 0.4779 0.2275  0.0192  -0.0406 15  GLU A OE1 
160 O OE1 B GLU A 15 ? 0.1833 0.3150 0.2706 0.0523  -0.1009 -0.0285 15  GLU A OE1 
161 O OE2 A GLU A 15 ? 0.5626 0.3320 0.2292 0.1392  0.0870  -0.0100 15  GLU A OE2 
162 O OE2 B GLU A 15 ? 0.3670 0.3620 0.4871 0.0579  0.0039  -0.1459 15  GLU A OE2 
163 N N   . ARG A 16 ? 0.1444 0.1510 0.1656 0.0608  -0.0598 -0.0848 16  ARG A N   
164 C CA  . ARG A 16 ? 0.1341 0.1605 0.1945 0.0628  -0.0714 -0.0506 16  ARG A CA  
165 C C   . ARG A 16 ? 0.1399 0.1258 0.1926 0.0707  -0.0465 -0.0394 16  ARG A C   
166 O O   . ARG A 16 ? 0.1708 0.1714 0.2228 0.0511  -0.0575 -0.0221 16  ARG A O   
167 C CB  . ARG A 16 ? 0.1329 0.1407 0.2139 0.0532  -0.0667 -0.0353 16  ARG A CB  
168 C CG  . ARG A 16 ? 0.1778 0.1836 0.2223 0.0847  -0.0899 -0.0452 16  ARG A CG  
169 C CD  . ARG A 16 ? 0.1971 0.2138 0.2479 0.1023  -0.1286 -0.0423 16  ARG A CD  
170 N NE  . ARG A 16 ? 0.1875 0.2908 0.2512 0.1341  -0.0920 -0.0821 16  ARG A NE  
171 C CZ  . ARG A 16 ? 0.1495 0.3263 0.2853 0.1067  -0.0844 -0.0253 16  ARG A CZ  
172 N NH1 . ARG A 16 ? 0.1760 0.1784 0.3192 0.0921  -0.0671 -0.0246 16  ARG A NH1 
173 N NH2 . ARG A 16 ? 0.3311 0.3630 0.2453 0.1204  -0.0956 -0.0498 16  ARG A NH2 
174 N N   . ASN A 17 ? 0.1089 0.1448 0.2115 0.0650  -0.0162 -0.0452 17  ASN A N   
175 C CA  . ASN A 17 ? 0.1451 0.1321 0.1949 0.0610  -0.0206 -0.0425 17  ASN A CA  
176 C C   . ASN A 17 ? 0.1303 0.1389 0.1684 0.0596  -0.0388 -0.0345 17  ASN A C   
177 O O   . ASN A 17 ? 0.1415 0.1296 0.2062 0.0637  -0.0414 -0.0288 17  ASN A O   
178 C CB  . ASN A 17 ? 0.1625 0.1184 0.1982 0.0621  -0.0233 -0.0639 17  ASN A CB  
179 C CG  . ASN A 17 ? 0.1740 0.1502 0.1896 0.0698  -0.0100 -0.0668 17  ASN A CG  
180 O OD1 . ASN A 17 ? 0.1665 0.2113 0.3881 0.0970  0.0455  -0.0538 17  ASN A OD1 
181 N ND2 . ASN A 17 ? 0.2296 0.1466 0.3936 0.0920  0.0765  -0.0517 17  ASN A ND2 
182 N N   . LEU A 18 ? 0.1539 0.1283 0.1655 0.0639  -0.0254 -0.0372 18  LEU A N   
183 C CA  . LEU A 18 ? 0.1308 0.1423 0.1774 0.0661  -0.0300 -0.0466 18  LEU A CA  
184 C C   . LEU A 18 ? 0.1322 0.1535 0.1720 0.0540  -0.0380 -0.0229 18  LEU A C   
185 O O   . LEU A 18 ? 0.1693 0.2033 0.2253 0.0257  -0.0047 -0.0558 18  LEU A O   
186 C CB  . LEU A 18 ? 0.1621 0.1565 0.1746 0.0936  -0.0412 -0.0687 18  LEU A CB  
187 C CG  . LEU A 18 ? 0.1794 0.2318 0.1878 0.0776  -0.0442 -0.0879 18  LEU A CG  
188 C CD1 . LEU A 18 ? 0.2021 0.2324 0.2135 0.0934  -0.0602 -0.0848 18  LEU A CD1 
189 C CD2 . LEU A 18 ? 0.1929 0.1793 0.2734 0.0554  -0.0617 -0.1006 18  LEU A CD2 
190 N N   A LYS A 19 ? 0.1194 0.1426 0.1975 0.0602  -0.0285 -0.0444 19  LYS A N   
191 N N   B LYS A 19 ? 0.1407 0.1453 0.1959 0.0474  -0.0257 -0.0482 19  LYS A N   
192 C CA  A LYS A 19 ? 0.1218 0.1478 0.2137 0.0665  -0.0543 -0.0500 19  LYS A CA  
193 C CA  B LYS A 19 ? 0.1433 0.1357 0.2167 0.0672  -0.0501 -0.0526 19  LYS A CA  
194 C C   A LYS A 19 ? 0.1392 0.1336 0.2013 0.0668  -0.0559 -0.0575 19  LYS A C   
195 C C   B LYS A 19 ? 0.1414 0.1344 0.2017 0.0652  -0.0603 -0.0582 19  LYS A C   
196 O O   A LYS A 19 ? 0.1492 0.1365 0.1745 0.0530  -0.0467 -0.0716 19  LYS A O   
197 O O   B LYS A 19 ? 0.1456 0.1419 0.1820 0.0487  -0.0473 -0.0653 19  LYS A O   
198 C CB  A LYS A 19 ? 0.1454 0.1854 0.2150 0.0669  -0.0861 -0.0682 19  LYS A CB  
199 C CB  B LYS A 19 ? 0.2012 0.1546 0.2203 0.0691  -0.0792 -0.0675 19  LYS A CB  
200 C CG  A LYS A 19 ? 0.1791 0.1773 0.3061 0.0658  -0.0961 -0.0269 19  LYS A CG  
201 C CG  B LYS A 19 ? 0.2935 0.1220 0.2970 0.1204  -0.0619 -0.0420 19  LYS A CG  
202 C CD  A LYS A 19 ? 0.3113 0.3280 0.3484 0.0485  -0.1400 -0.0144 19  LYS A CD  
203 C CD  B LYS A 19 ? 0.3518 0.1655 0.4192 0.0754  -0.1957 -0.0353 19  LYS A CD  
204 C CE  A LYS A 19 ? 0.5036 0.3600 0.3437 0.0336  -0.1601 -0.0559 19  LYS A CE  
205 C CE  B LYS A 19 ? 0.3019 0.2061 0.4576 0.0391  -0.2213 -0.0221 19  LYS A CE  
206 N NZ  A LYS A 19 ? 0.4823 0.5107 0.3412 0.0274  -0.1480 -0.0367 19  LYS A NZ  
207 N NZ  B LYS A 19 ? 0.3451 0.2344 0.5393 -0.0181 -0.1535 0.0023  19  LYS A NZ  
208 N N   . GLN A 20 ? 0.1259 0.1271 0.1938 0.0580  -0.0605 -0.0346 20  GLN A N   
209 C CA  . GLN A 20 ? 0.1399 0.1223 0.1908 0.0602  -0.0646 -0.0278 20  GLN A CA  
210 C C   . GLN A 20 ? 0.1622 0.0997 0.1791 0.0565  -0.0555 -0.0515 20  GLN A C   
211 O O   . GLN A 20 ? 0.1752 0.1189 0.2000 0.0778  -0.0712 -0.0501 20  GLN A O   
212 C CB  . GLN A 20 ? 0.1575 0.1234 0.2130 0.0668  -0.0673 -0.0613 20  GLN A CB  
213 C CG  . GLN A 20 ? 0.1809 0.1597 0.2284 0.0455  -0.0595 -0.0501 20  GLN A CG  
214 C CD  . GLN A 20 ? 0.1611 0.1636 0.3000 0.0311  -0.0412 -0.0436 20  GLN A CD  
215 O OE1 . GLN A 20 ? 0.1972 0.1583 0.4612 0.0174  -0.0082 -0.0938 20  GLN A OE1 
216 N NE2 . GLN A 20 ? 0.1581 0.2340 0.3984 0.0423  -0.0614 -0.0636 20  GLN A NE2 
217 N N   . VAL A 21 ? 0.1461 0.1490 0.1741 0.0571  -0.0470 -0.0475 21  VAL A N   
218 C CA  . VAL A 21 ? 0.1509 0.2176 0.1599 0.0321  -0.0415 -0.0672 21  VAL A CA  
219 C C   . VAL A 21 ? 0.1473 0.1725 0.1676 0.0345  -0.0284 -0.0565 21  VAL A C   
220 O O   . VAL A 21 ? 0.1479 0.1746 0.1985 0.0486  -0.0346 -0.0524 21  VAL A O   
221 C CB  . VAL A 21 ? 0.1899 0.2850 0.1692 0.0284  -0.0638 -0.0469 21  VAL A CB  
222 C CG1 . VAL A 21 ? 0.1704 0.2562 0.2145 0.0237  -0.0846 0.0051  21  VAL A CG1 
223 C CG2 . VAL A 21 ? 0.1978 0.3649 0.1752 0.0147  -0.0718 -0.0471 21  VAL A CG2 
224 N N   . ASP A 22 ? 0.0926 0.1529 0.1875 0.0636  -0.0503 -0.0427 22  ASP A N   
225 C CA  . ASP A 22 ? 0.1382 0.1191 0.1935 0.0557  -0.0394 -0.0500 22  ASP A CA  
226 C C   . ASP A 22 ? 0.1226 0.1257 0.1850 0.0656  -0.0288 -0.0609 22  ASP A C   
227 O O   . ASP A 22 ? 0.1156 0.1571 0.2279 0.0684  -0.0465 -0.0548 22  ASP A O   
228 C CB  . ASP A 22 ? 0.1666 0.1235 0.2371 0.0676  -0.0343 -0.0604 22  ASP A CB  
229 C CG  . ASP A 22 ? 0.1563 0.1956 0.2187 0.0364  -0.0473 -0.0242 22  ASP A CG  
230 O OD1 . ASP A 22 ? 0.1653 0.2038 0.3236 0.0669  -0.0418 0.0190  22  ASP A OD1 
231 O OD2 . ASP A 22 ? 0.1401 0.2096 0.3297 0.0474  -0.0693 -0.0055 22  ASP A OD2 
232 N N   A ILE A 23 ? 0.1328 0.1211 0.1866 0.0490  -0.0454 -0.0692 23  ILE A N   
233 N N   B ILE A 23 ? 0.1076 0.1190 0.1728 0.0761  -0.0468 -0.0558 23  ILE A N   
234 C CA  A ILE A 23 ? 0.1686 0.1012 0.1973 0.0565  -0.0557 -0.0705 23  ILE A CA  
235 C CA  B ILE A 23 ? 0.1117 0.1094 0.1781 0.0787  -0.0555 -0.0547 23  ILE A CA  
236 C C   A ILE A 23 ? 0.1548 0.1339 0.1946 0.0681  -0.0584 -0.0583 23  ILE A C   
237 C C   B ILE A 23 ? 0.0936 0.1495 0.1863 0.0789  -0.0458 -0.0576 23  ILE A C   
238 O O   A ILE A 23 ? 0.1643 0.0869 0.1749 0.0960  -0.0574 -0.0400 23  ILE A O   
239 O O   B ILE A 23 ? 0.0984 0.1301 0.2149 0.0250  -0.0765 -0.0464 23  ILE A O   
240 C CB  A ILE A 23 ? 0.2093 0.1473 0.2315 0.0359  -0.0471 -0.0545 23  ILE A CB  
241 C CB  B ILE A 23 ? 0.0962 0.1475 0.1493 0.1047  -0.0660 -0.0343 23  ILE A CB  
242 C CG1 A ILE A 23 ? 0.3122 0.2406 0.2435 0.0910  0.0047  -0.0493 23  ILE A CG1 
243 C CG1 B ILE A 23 ? 0.0934 0.1570 0.1356 0.0878  -0.0617 -0.0566 23  ILE A CG1 
244 C CG2 A ILE A 23 ? 0.2229 0.1844 0.2288 0.0218  -0.0515 -0.0403 23  ILE A CG2 
245 C CG2 B ILE A 23 ? 0.1067 0.1817 0.1318 0.1185  -0.0726 -0.0350 23  ILE A CG2 
246 C CD1 A ILE A 23 ? 0.4844 0.2858 0.2661 0.0844  -0.0532 -0.0642 23  ILE A CD1 
247 C CD1 B ILE A 23 ? 0.0740 0.2522 0.1952 0.1262  -0.0216 0.0035  23  ILE A CD1 
248 N N   . LEU A 24 ? 0.1449 0.1316 0.1965 0.0750  -0.0565 -0.0537 24  LEU A N   
249 C CA  . LEU A 24 ? 0.1391 0.1266 0.1712 0.0721  -0.0626 -0.0494 24  LEU A CA  
250 C C   . LEU A 24 ? 0.1289 0.1039 0.2018 0.0764  -0.0293 -0.0595 24  LEU A C   
251 O O   . LEU A 24 ? 0.1249 0.1349 0.2195 0.0772  -0.0417 -0.0672 24  LEU A O   
252 C CB  . LEU A 24 ? 0.1713 0.1522 0.1962 0.0443  -0.0666 -0.0802 24  LEU A CB  
253 C CG  . LEU A 24 ? 0.1736 0.1959 0.2751 0.0629  -0.0599 -0.1018 24  LEU A CG  
254 C CD1 . LEU A 24 ? 0.3132 0.1796 0.3008 0.1241  -0.0767 -0.0913 24  LEU A CD1 
255 C CD2 . LEU A 24 ? 0.2596 0.2767 0.2799 0.0731  -0.0686 -0.1345 24  LEU A CD2 
256 N N   . ASN A 25 ? 0.1304 0.1115 0.1974 0.0881  -0.0318 -0.0452 25  ASN A N   
257 C CA  . ASN A 25 ? 0.1589 0.1359 0.1801 0.0613  -0.0362 -0.0503 25  ASN A CA  
258 C C   . ASN A 25 ? 0.1497 0.1078 0.1866 0.0239  -0.0077 -0.0665 25  ASN A C   
259 O O   . ASN A 25 ? 0.1387 0.1760 0.2376 0.0379  -0.0030 -0.0469 25  ASN A O   
260 C CB  . ASN A 25 ? 0.1403 0.1324 0.2398 0.0751  -0.0090 -0.0213 25  ASN A CB  
261 C CG  . ASN A 25 ? 0.2992 0.2745 0.2024 0.1217  0.0233  -0.0539 25  ASN A CG  
262 O OD1 . ASN A 25 ? 0.5552 0.3048 0.2458 0.2034  -0.0780 -0.0649 25  ASN A OD1 
263 N ND2 . ASN A 25 ? 0.2313 0.3337 0.3488 0.1156  -0.0659 -0.0047 25  ASN A ND2 
264 N N   . LEU A 26 ? 0.1082 0.1465 0.1984 0.0641  -0.0411 -0.0749 26  LEU A N   
265 C CA  . LEU A 26 ? 0.1206 0.1037 0.1912 0.0512  -0.0533 -0.0629 26  LEU A CA  
266 C C   . LEU A 26 ? 0.0991 0.1080 0.1985 0.0453  -0.0513 -0.0498 26  LEU A C   
267 O O   . LEU A 26 ? 0.1113 0.1440 0.2343 0.0375  -0.0672 -0.0823 26  LEU A O   
268 C CB  . LEU A 26 ? 0.1582 0.1250 0.2015 0.0658  -0.0691 -0.1027 26  LEU A CB  
269 C CG  . LEU A 26 ? 0.1680 0.1292 0.2326 0.0661  -0.0512 -0.0795 26  LEU A CG  
270 C CD1 . LEU A 26 ? 0.2049 0.1502 0.2709 0.0803  -0.0230 -0.1051 26  LEU A CD1 
271 C CD2 . LEU A 26 ? 0.1697 0.1211 0.3675 0.0771  -0.0562 -0.0819 26  LEU A CD2 
272 N N   . SER A 27 ? 0.1158 0.1159 0.1882 0.0399  -0.0640 -0.0607 27  SER A N   
273 C CA  . SER A 27 ? 0.1154 0.1469 0.1487 0.0616  -0.0360 -0.0474 27  SER A CA  
274 C C   . SER A 27 ? 0.1054 0.1094 0.1903 0.0594  -0.0374 -0.0394 27  SER A C   
275 O O   . SER A 27 ? 0.1166 0.1214 0.1885 0.0692  -0.0544 -0.0469 27  SER A O   
276 C CB  . SER A 27 ? 0.1490 0.1316 0.1738 0.0578  -0.0353 -0.0524 27  SER A CB  
277 O OG  . SER A 27 ? 0.1222 0.1365 0.1969 0.0630  -0.0381 -0.0740 27  SER A OG  
278 N N   . ILE A 28 ? 0.1221 0.1601 0.1952 0.0767  -0.0145 -0.0385 28  ILE A N   
279 C CA  . ILE A 28 ? 0.1185 0.1944 0.2067 0.0782  -0.0116 -0.0416 28  ILE A CA  
280 C C   . ILE A 28 ? 0.0983 0.1712 0.2324 0.0733  -0.0079 -0.0380 28  ILE A C   
281 O O   . ILE A 28 ? 0.1224 0.1750 0.2499 0.0858  -0.0098 -0.0487 28  ILE A O   
282 C CB  . ILE A 28 ? 0.1882 0.2180 0.2276 0.0928  0.0070  -0.0168 28  ILE A CB  
283 C CG1 . ILE A 28 ? 0.1504 0.3631 0.3109 0.1241  0.0114  -0.0834 28  ILE A CG1 
284 C CG2 . ILE A 28 ? 0.2164 0.3506 0.2187 0.0901  0.0087  -0.0319 28  ILE A CG2 
285 C CD1 . ILE A 28 ? 0.4254 0.4571 0.4624 0.0880  -0.1082 0.0316  28  ILE A CD1 
286 N N   . PRO A 29 ? 0.1003 0.1742 0.2621 0.0579  -0.0333 -0.0359 29  PRO A N   
287 C CA  . PRO A 29 ? 0.0963 0.1783 0.3054 0.0500  -0.0384 -0.0145 29  PRO A CA  
288 C C   . PRO A 29 ? 0.0810 0.1510 0.2662 0.0422  -0.0391 -0.0382 29  PRO A C   
289 O O   . PRO A 29 ? 0.1113 0.2087 0.2780 0.0665  -0.0643 0.0005  29  PRO A O   
290 C CB  . PRO A 29 ? 0.1891 0.1685 0.3714 0.0192  -0.0206 0.0074  29  PRO A CB  
291 C CG  . PRO A 29 ? 0.2275 0.1599 0.4490 0.0443  -0.0781 -0.0693 29  PRO A CG  
292 C CD  . PRO A 29 ? 0.1606 0.1611 0.2928 0.0623  -0.0582 -0.0406 29  PRO A CD  
293 N N   . PHE A 30 ? 0.0967 0.1260 0.2360 0.0617  -0.0251 -0.0517 30  PHE A N   
294 C CA  . PHE A 30 ? 0.0916 0.1319 0.2017 0.0437  -0.0403 -0.0602 30  PHE A CA  
295 C C   . PHE A 30 ? 0.0759 0.1348 0.1916 0.0775  -0.0416 -0.0622 30  PHE A C   
296 O O   . PHE A 30 ? 0.0929 0.1472 0.1823 0.0653  -0.0499 -0.0605 30  PHE A O   
297 C CB  . PHE A 30 ? 0.1295 0.1048 0.1927 0.0690  -0.0351 -0.0551 30  PHE A CB  
298 C CG  . PHE A 30 ? 0.1332 0.1011 0.2194 0.0469  -0.0302 -0.0611 30  PHE A CG  
299 C CD1 . PHE A 30 ? 0.2930 0.1370 0.2392 0.0513  -0.0576 -0.1005 30  PHE A CD1 
300 C CD2 . PHE A 30 ? 0.1232 0.1316 0.2543 0.0692  -0.0277 -0.0449 30  PHE A CD2 
301 C CE1 . PHE A 30 ? 0.3292 0.1312 0.2665 0.0269  -0.0516 -0.1064 30  PHE A CE1 
302 C CE2 . PHE A 30 ? 0.2006 0.1446 0.3067 0.0501  -0.0349 -0.0627 30  PHE A CE2 
303 C CZ  . PHE A 30 ? 0.3173 0.0887 0.3344 0.0323  -0.0284 -0.1231 30  PHE A CZ  
304 N N   . GLN A 31 ? 0.0945 0.1162 0.2071 0.0723  -0.0662 -0.0399 31  GLN A N   
305 C CA  . GLN A 31 ? 0.0980 0.1316 0.1989 0.0595  -0.0338 -0.0583 31  GLN A CA  
306 C C   . GLN A 31 ? 0.1008 0.1366 0.1511 0.0642  -0.0393 -0.0429 31  GLN A C   
307 O O   . GLN A 31 ? 0.1157 0.1382 0.2084 0.0735  -0.0422 -0.0250 31  GLN A O   
308 C CB  . GLN A 31 ? 0.1023 0.1150 0.1947 0.0464  -0.0475 -0.0518 31  GLN A CB  
309 C CG  . GLN A 31 ? 0.1070 0.1176 0.1897 0.0466  -0.0397 -0.0747 31  GLN A CG  
310 C CD  . GLN A 31 ? 0.1274 0.1236 0.1797 0.0749  -0.0578 -0.0780 31  GLN A CD  
311 O OE1 . GLN A 31 ? 0.1530 0.1815 0.1926 0.0853  -0.0562 -0.1105 31  GLN A OE1 
312 N NE2 . GLN A 31 ? 0.1798 0.1895 0.1941 0.1266  -0.0772 -0.0982 31  GLN A NE2 
313 N N   . LYS A 32 ? 0.1114 0.1510 0.2001 0.0698  -0.0083 -0.0380 32  LYS A N   
314 C CA  . LYS A 32 ? 0.1237 0.1555 0.2137 0.0519  0.0120  -0.0894 32  LYS A CA  
315 C C   . LYS A 32 ? 0.1213 0.1487 0.2453 0.0554  -0.0198 -0.0339 32  LYS A C   
316 O O   . LYS A 32 ? 0.1637 0.1844 0.2651 0.0926  -0.0085 -0.0272 32  LYS A O   
317 C CB  . LYS A 32 ? 0.1022 0.2666 0.2555 0.0438  0.0154  -0.0123 32  LYS A CB  
318 C CG  . LYS A 32 ? 0.2576 0.3705 0.2752 0.0651  -0.0268 -0.0087 32  LYS A CG  
319 C CD  . LYS A 32 ? 0.5614 0.4715 0.3458 0.0768  -0.0293 0.0801  32  LYS A CD  
320 C CE  . LYS A 32 ? 0.4547 0.5648 0.3248 0.1803  -0.0102 0.0545  32  LYS A CE  
321 N NZ  . LYS A 32 ? 0.7862 0.5263 0.7246 0.2451  0.0151  0.1341  32  LYS A NZ  
322 N N   . LYS A 33 ? 0.0922 0.1435 0.2610 0.0574  -0.0398 -0.0452 33  LYS A N   
323 C CA  . LYS A 33 ? 0.1054 0.1667 0.2855 0.0392  -0.0754 0.0004  33  LYS A CA  
324 C C   . LYS A 33 ? 0.0824 0.1180 0.2041 0.0376  -0.0560 -0.0746 33  LYS A C   
325 O O   . LYS A 33 ? 0.1012 0.1678 0.2326 0.0434  -0.0723 -0.0313 33  LYS A O   
326 C CB  . LYS A 33 ? 0.3296 0.1006 0.3606 0.0360  -0.1509 -0.0179 33  LYS A CB  
327 C CG  . LYS A 33 ? 0.4495 0.2535 0.4016 0.0484  -0.0339 -0.0476 33  LYS A CG  
328 C CD  . LYS A 33 ? 0.5206 0.2673 0.7467 0.0712  0.0085  -0.2342 33  LYS A CD  
329 C CE  . LYS A 33 ? 0.8964 0.6867 0.8973 0.1125  0.0137  0.1235  33  LYS A CE  
330 N NZ  . LYS A 33 ? 0.9089 1.1355 0.9541 0.2137  -0.3484 0.1296  33  LYS A NZ  
331 N N   . PHE A 34 ? 0.0611 0.1367 0.2159 0.0522  -0.0617 -0.0459 34  PHE A N   
332 C CA  . PHE A 34 ? 0.0785 0.1578 0.2035 0.0329  -0.0405 -0.0507 34  PHE A CA  
333 C C   . PHE A 34 ? 0.0605 0.1613 0.1928 0.0564  -0.0516 -0.0377 34  PHE A C   
334 O O   . PHE A 34 ? 0.0906 0.1356 0.2007 0.0513  -0.0490 -0.0491 34  PHE A O   
335 C CB  . PHE A 34 ? 0.0886 0.1647 0.2077 0.0580  -0.0266 -0.0479 34  PHE A CB  
336 C CG  . PHE A 34 ? 0.1104 0.1718 0.2199 0.0824  -0.0292 -0.0588 34  PHE A CG  
337 C CD1 . PHE A 34 ? 0.1257 0.1832 0.3117 0.0488  -0.0246 -0.0942 34  PHE A CD1 
338 C CD2 . PHE A 34 ? 0.1268 0.2148 0.2107 0.1052  -0.0249 -0.0749 34  PHE A CD2 
339 C CE1 . PHE A 34 ? 0.2044 0.2561 0.3346 0.0447  -0.0383 -0.1524 34  PHE A CE1 
340 C CE2 . PHE A 34 ? 0.2005 0.2219 0.2676 0.1137  -0.0072 -0.1009 34  PHE A CE2 
341 C CZ  . PHE A 34 ? 0.2618 0.2232 0.2820 0.0879  -0.0128 -0.1172 34  PHE A CZ  
342 N N   . GLY A 35 ? 0.0863 0.1224 0.2024 0.0709  -0.0557 -0.0468 35  GLY A N   
343 C CA  . GLY A 35 ? 0.0788 0.1300 0.1969 0.0707  -0.0312 -0.0645 35  GLY A CA  
344 C C   . GLY A 35 ? 0.0707 0.1592 0.1834 0.0587  -0.0186 -0.0599 35  GLY A C   
345 O O   . GLY A 35 ? 0.0911 0.1453 0.2389 0.0618  -0.0308 -0.0569 35  GLY A O   
346 N N   . ILE A 36 ? 0.0859 0.1131 0.2068 0.0528  -0.0299 -0.0787 36  ILE A N   
347 C CA  . ILE A 36 ? 0.0872 0.1006 0.1825 0.0545  -0.0277 -0.0401 36  ILE A CA  
348 C C   . ILE A 36 ? 0.1010 0.1268 0.1984 0.0850  -0.0287 -0.0272 36  ILE A C   
349 O O   . ILE A 36 ? 0.1502 0.1247 0.2171 0.0525  -0.0704 -0.0248 36  ILE A O   
350 C CB  . ILE A 36 ? 0.0896 0.1309 0.1753 0.0377  -0.0403 -0.0547 36  ILE A CB  
351 C CG1 . ILE A 36 ? 0.1009 0.1688 0.1865 0.0468  -0.0405 -0.0364 36  ILE A CG1 
352 C CG2 . ILE A 36 ? 0.0992 0.1540 0.2269 0.0327  -0.0489 -0.0604 36  ILE A CG2 
353 C CD1 . ILE A 36 ? 0.0769 0.2198 0.2242 0.0414  -0.0277 -0.0503 36  ILE A CD1 
354 N N   . LYS A 37 ? 0.1909 0.1437 0.2258 0.0985  -0.0382 -0.0623 37  LYS A N   
355 C CA  . LYS A 37 ? 0.1742 0.1589 0.2263 0.0930  -0.0168 -0.0575 37  LYS A CA  
356 C C   . LYS A 37 ? 0.1612 0.1965 0.1895 0.0621  -0.0406 -0.0458 37  LYS A C   
357 O O   . LYS A 37 ? 0.1284 0.2287 0.2195 0.0448  -0.0730 -0.0480 37  LYS A O   
358 C CB  . LYS A 37 ? 0.1844 0.2731 0.2168 0.1452  -0.0709 -0.1164 37  LYS A CB  
359 C CG  . LYS A 37 ? 0.3094 0.4583 0.2721 0.1761  -0.1303 -0.0471 37  LYS A CG  
360 C CD  . LYS A 37 ? 0.4796 0.5225 0.4175 0.0934  -0.0549 0.0081  37  LYS A CD  
361 C CE  . LYS A 37 ? 0.7384 0.8234 0.3983 0.0909  -0.1624 -0.0101 37  LYS A CE  
362 N NZ  . LYS A 37 ? 0.8447 0.8414 0.4878 0.0612  -0.0866 -0.0461 37  LYS A NZ  
363 N N   . LEU A 38 ? 0.1265 0.1536 0.2046 0.0464  -0.0603 -0.0748 38  LEU A N   
364 C CA  . LEU A 38 ? 0.1315 0.1543 0.1930 0.0684  -0.0437 -0.0793 38  LEU A CA  
365 C C   . LEU A 38 ? 0.0918 0.1798 0.1917 0.0444  -0.0275 -0.0672 38  LEU A C   
366 O O   . LEU A 38 ? 0.1290 0.1949 0.2226 0.0325  -0.0441 -0.0812 38  LEU A O   
367 C CB  . LEU A 38 ? 0.1242 0.1981 0.1937 0.0739  -0.0642 -0.1053 38  LEU A CB  
368 C CG  . LEU A 38 ? 0.1204 0.2174 0.1764 0.0640  -0.0357 -0.1017 38  LEU A CG  
369 C CD1 . LEU A 38 ? 0.1338 0.2959 0.1958 0.0526  -0.0724 -0.0521 38  LEU A CD1 
370 C CD2 . LEU A 38 ? 0.1604 0.2720 0.2352 0.1060  -0.0357 -0.1499 38  LEU A CD2 
371 N N   . SER A 39 ? 0.1255 0.1898 0.2250 0.0192  -0.0404 -0.0707 39  SER A N   
372 C CA  . SER A 39 ? 0.1410 0.1991 0.2029 0.0497  -0.0288 -0.1189 39  SER A CA  
373 C C   . SER A 39 ? 0.1338 0.1730 0.1382 0.0350  -0.0558 -0.0960 39  SER A C   
374 O O   . SER A 39 ? 0.1438 0.1556 0.1541 0.0203  -0.0513 -0.0881 39  SER A O   
375 C CB  . SER A 39 ? 0.2327 0.1931 0.2166 0.0592  -0.0462 -0.1171 39  SER A CB  
376 O OG  . SER A 39 ? 0.1956 0.1994 0.2596 0.0575  -0.0486 -0.0936 39  SER A OG  
377 N N   . LYS A 40 ? 0.1674 0.2094 0.1408 0.0175  -0.0525 -0.0799 40  LYS A N   
378 C CA  . LYS A 40 ? 0.1844 0.2033 0.1952 0.0345  -0.0579 -0.0621 40  LYS A CA  
379 C C   . LYS A 40 ? 0.1909 0.1784 0.1373 0.0263  -0.0495 -0.0844 40  LYS A C   
380 O O   . LYS A 40 ? 0.1740 0.1746 0.1742 0.0333  -0.0542 -0.0898 40  LYS A O   
381 C CB  . LYS A 40 ? 0.2745 0.2108 0.2095 0.0764  -0.0285 -0.0598 40  LYS A CB  
382 C CG  . LYS A 40 ? 0.2923 0.2527 0.2694 0.1110  -0.0167 -0.0333 40  LYS A CG  
383 C CD  . LYS A 40 ? 0.3718 0.4050 0.2948 0.0948  -0.0955 -0.0030 40  LYS A CD  
384 C CE  . LYS A 40 ? 0.4841 0.3973 0.3530 0.1575  -0.1613 -0.0248 40  LYS A CE  
385 N NZ  . LYS A 40 ? 0.7125 0.7201 0.4129 0.0555  -0.1638 0.0463  40  LYS A NZ  
386 N N   . SER A 41 ? 0.1448 0.1986 0.1837 0.0480  -0.0442 -0.1117 41  SER A N   
387 C CA  A SER A 41 ? 0.1686 0.2155 0.1847 0.0176  -0.0578 -0.1309 41  SER A CA  
388 C CA  B SER A 41 ? 0.1803 0.1873 0.2039 0.0333  -0.0418 -0.1121 41  SER A CA  
389 C C   . SER A 41 ? 0.1600 0.1274 0.1953 0.0435  -0.0583 -0.1213 41  SER A C   
390 O O   . SER A 41 ? 0.1762 0.1741 0.2325 0.0472  -0.0471 -0.0920 41  SER A O   
391 C CB  A SER A 41 ? 0.2366 0.2523 0.1933 0.0170  -0.0540 -0.1686 41  SER A CB  
392 C CB  B SER A 41 ? 0.2687 0.1760 0.2856 0.0341  -0.0334 -0.1382 41  SER A CB  
393 O OG  A SER A 41 ? 0.3115 0.3772 0.2546 -0.0658 -0.0383 -0.1199 41  SER A OG  
394 O OG  B SER A 41 ? 0.3314 0.2317 0.3502 0.0900  -0.0566 -0.0902 41  SER A OG  
395 N N   . THR A 42 ? 0.1312 0.1625 0.1825 0.0334  -0.0543 -0.1170 42  THR A N   
396 C CA  . THR A 42 ? 0.1535 0.1436 0.2061 0.0176  -0.0514 -0.1104 42  THR A CA  
397 C C   . THR A 42 ? 0.1643 0.1211 0.1628 0.0267  -0.0407 -0.0656 42  THR A C   
398 O O   . THR A 42 ? 0.1410 0.1195 0.2047 0.0167  -0.0545 -0.0624 42  THR A O   
399 C CB  . THR A 42 ? 0.1710 0.1278 0.2188 0.0448  -0.0493 -0.0904 42  THR A CB  
400 O OG1 . THR A 42 ? 0.2332 0.1370 0.2472 0.0663  -0.0416 -0.1013 42  THR A OG1 
401 C CG2 . THR A 42 ? 0.1648 0.1798 0.2517 0.0580  -0.0299 -0.0680 42  THR A CG2 
402 N N   . LEU A 43 ? 0.1190 0.1247 0.1736 0.0308  -0.0407 -0.0676 43  LEU A N   
403 C CA  . LEU A 43 ? 0.1444 0.1265 0.1723 0.0269  -0.0416 -0.0856 43  LEU A CA  
404 C C   . LEU A 43 ? 0.1511 0.1216 0.1540 0.0107  -0.0465 -0.0744 43  LEU A C   
405 O O   . LEU A 43 ? 0.1405 0.1677 0.1727 0.0269  -0.0399 -0.0672 43  LEU A O   
406 C CB  . LEU A 43 ? 0.1439 0.1203 0.1572 0.0514  -0.0396 -0.0740 43  LEU A CB  
407 C CG  . LEU A 43 ? 0.1208 0.1309 0.1622 0.0426  -0.0405 -0.0919 43  LEU A CG  
408 C CD1 . LEU A 43 ? 0.1640 0.1111 0.1906 0.0285  -0.0473 -0.0783 43  LEU A CD1 
409 C CD2 . LEU A 43 ? 0.1894 0.1705 0.1711 0.0290  -0.0288 -0.0772 43  LEU A CD2 
410 N N   A SER A 44 ? 0.1256 0.1429 0.1561 0.0234  -0.0510 -0.0688 44  SER A N   
411 N N   B SER A 44 ? 0.0888 0.1472 0.1630 0.0347  -0.0603 -0.0641 44  SER A N   
412 N N   C SER A 44 ? 0.1594 0.1595 0.1457 0.0291  -0.0452 -0.0797 44  SER A N   
413 C CA  A SER A 44 ? 0.1215 0.1644 0.2015 0.0317  -0.0444 -0.0592 44  SER A CA  
414 C CA  B SER A 44 ? 0.0859 0.1596 0.2055 0.0497  -0.0584 -0.0541 44  SER A CA  
415 C CA  C SER A 44 ? 0.1620 0.1894 0.1680 0.0565  -0.0376 -0.0893 44  SER A CA  
416 C C   A SER A 44 ? 0.1949 0.1790 0.2108 0.0224  -0.0457 -0.0358 44  SER A C   
417 C C   B SER A 44 ? 0.1776 0.1807 0.2082 0.0203  -0.0486 -0.0422 44  SER A C   
418 C C   C SER A 44 ? 0.1966 0.1701 0.1350 0.0201  -0.0808 -0.0818 44  SER A C   
419 O O   A SER A 44 ? 0.2548 0.3186 0.3286 0.0789  0.1140  -0.0292 44  SER A O   
420 O O   B SER A 44 ? 0.1510 0.3442 0.4364 0.0728  0.0582  -0.0075 44  SER A O   
421 O O   C SER A 44 ? 0.1344 0.1537 0.1862 -0.0030 -0.0751 -0.0478 44  SER A O   
422 C CB  A SER A 44 ? 0.1041 0.1549 0.1917 -0.0155 -0.0447 -0.0280 44  SER A CB  
423 C CB  B SER A 44 ? 0.0495 0.1466 0.1999 0.0341  -0.0676 -0.0222 44  SER A CB  
424 C CB  C SER A 44 ? 0.2924 0.2484 0.1495 0.0453  -0.0104 -0.0890 44  SER A CB  
425 O OG  A SER A 44 ? 0.1169 0.1305 0.1840 -0.0289 -0.0680 -0.0395 44  SER A OG  
426 O OG  B SER A 44 ? 0.0546 0.1254 0.2008 0.0216  -0.0873 -0.0230 44  SER A OG  
427 O OG  C SER A 44 ? 0.3370 0.3372 0.2596 -0.0355 -0.0221 -0.0772 44  SER A OG  
428 N N   . GLN A 45 ? 0.1311 0.1763 0.1998 0.0307  -0.0539 -0.0780 45  GLN A N   
429 C CA  . GLN A 45 ? 0.1680 0.1887 0.2284 0.0134  -0.0281 -0.0777 45  GLN A CA  
430 C C   . GLN A 45 ? 0.1437 0.1486 0.2066 -0.0029 -0.0481 -0.0387 45  GLN A C   
431 O O   . GLN A 45 ? 0.1732 0.1937 0.2073 -0.0077 -0.0411 -0.0712 45  GLN A O   
432 C CB  . GLN A 45 ? 0.1806 0.1765 0.2581 -0.0032 -0.0326 -0.0737 45  GLN A CB  
433 C CG  . GLN A 45 ? 0.2368 0.2242 0.2671 -0.0121 -0.0267 -0.1094 45  GLN A CG  
434 C CD  . GLN A 45 ? 0.5605 0.2536 0.4200 0.0952  0.0218  -0.1394 45  GLN A CD  
435 O OE1 . GLN A 45 ? 0.5888 0.2988 0.6503 0.0778  0.0665  -0.0417 45  GLN A OE1 
436 N NE2 . GLN A 45 ? 0.9134 0.5777 0.5825 0.1051  0.1837  -0.0225 45  GLN A NE2 
437 N N   . TYR A 46 ? 0.1144 0.1589 0.2200 0.0084  -0.0423 -0.0462 46  TYR A N   
438 C CA  . TYR A 46 ? 0.1260 0.1741 0.2017 0.0261  -0.0531 -0.0446 46  TYR A CA  
439 C C   . TYR A 46 ? 0.1424 0.1807 0.1597 0.0283  -0.0631 -0.0573 46  TYR A C   
440 O O   . TYR A 46 ? 0.1509 0.1951 0.2135 0.0582  -0.0396 -0.0333 46  TYR A O   
441 C CB  . TYR A 46 ? 0.1431 0.1605 0.1621 0.0244  -0.0483 -0.0689 46  TYR A CB  
442 C CG  . TYR A 46 ? 0.1277 0.1786 0.1906 0.0247  -0.0694 -0.0635 46  TYR A CG  
443 C CD1 . TYR A 46 ? 0.1128 0.1915 0.2224 0.0215  -0.0715 -0.0510 46  TYR A CD1 
444 C CD2 . TYR A 46 ? 0.1393 0.1787 0.1960 0.0354  -0.0815 -0.0498 46  TYR A CD2 
445 C CE1 . TYR A 46 ? 0.1391 0.1541 0.2127 0.0265  -0.0588 -0.0535 46  TYR A CE1 
446 C CE2 . TYR A 46 ? 0.0939 0.2120 0.2422 0.0134  -0.0661 -0.0296 46  TYR A CE2 
447 C CZ  . TYR A 46 ? 0.0948 0.2257 0.2002 0.0418  -0.0831 -0.0385 46  TYR A CZ  
448 O OH  . TYR A 46 ? 0.1068 0.2761 0.2249 0.0704  -0.0824 -0.0565 46  TYR A OH  
449 N N   . VAL A 47 ? 0.1171 0.1965 0.1500 0.0589  -0.0439 -0.0387 47  VAL A N   
450 C CA  . VAL A 47 ? 0.1177 0.1950 0.1893 0.0476  -0.0495 -0.0923 47  VAL A CA  
451 C C   . VAL A 47 ? 0.1083 0.2339 0.1763 0.0482  -0.0597 -0.0495 47  VAL A C   
452 O O   . VAL A 47 ? 0.1391 0.3197 0.1953 0.0813  -0.0395 -0.0326 47  VAL A O   
453 C CB  . VAL A 47 ? 0.1528 0.1967 0.2011 0.0591  -0.0441 -0.0661 47  VAL A CB  
454 C CG1 . VAL A 47 ? 0.1961 0.2019 0.3188 0.0764  -0.0104 -0.0030 47  VAL A CG1 
455 C CG2 . VAL A 47 ? 0.1835 0.1643 0.2211 0.0667  -0.0495 -0.0153 47  VAL A CG2 
456 N N   . ASN A 48 ? 0.1412 0.2382 0.1928 0.0299  -0.0818 -0.0444 48  ASN A N   
457 C CA  . ASN A 48 ? 0.1142 0.3285 0.2018 0.0252  -0.0549 -0.0654 48  ASN A CA  
458 C C   . ASN A 48 ? 0.1341 0.3284 0.1880 -0.0174 -0.0708 -0.0652 48  ASN A C   
459 O O   . ASN A 48 ? 0.1347 0.3655 0.2473 -0.0365 -0.0985 -0.0612 48  ASN A O   
460 C CB  . ASN A 48 ? 0.1472 0.4203 0.2024 -0.0195 -0.0595 -0.0876 48  ASN A CB  
461 C CG  . ASN A 48 ? 0.3817 0.5891 0.3734 0.0375  0.0131  0.0059  48  ASN A CG  
462 O OD1 . ASN A 48 ? 0.5300 1.0484 0.4780 0.2099  0.1512  0.1161  48  ASN A OD1 
463 N ND2 . ASN A 48 ? 0.5424 0.4881 0.2994 0.0549  -0.0172 0.0881  48  ASN A ND2 
464 N N   . SER A 49 ? 0.1013 0.2819 0.2039 0.0318  -0.0619 -0.0368 49  SER A N   
465 C CA  . SER A 49 ? 0.1755 0.2993 0.2543 -0.0098 -0.0377 -0.0442 49  SER A CA  
466 C C   . SER A 49 ? 0.1747 0.3436 0.2384 -0.0368 -0.0776 -0.0504 49  SER A C   
467 O O   . SER A 49 ? 0.2128 0.3203 0.3153 -0.0796 -0.0410 -0.1100 49  SER A O   
468 C CB  . SER A 49 ? 0.1860 0.3165 0.2537 -0.0282 -0.0415 -0.0537 49  SER A CB  
469 O OG  . SER A 49 ? 0.1883 0.3126 0.3078 -0.0451 -0.0135 -0.1151 49  SER A OG  
470 N N   . VAL A 50 ? 0.1545 0.2497 0.2496 -0.0533 -0.0554 -0.0499 50  VAL A N   
471 C CA  . VAL A 50 ? 0.1371 0.2927 0.3063 -0.0117 -0.0652 -0.0783 50  VAL A CA  
472 C C   . VAL A 50 ? 0.1760 0.2368 0.2967 -0.0091 -0.0734 -0.0734 50  VAL A C   
473 O O   . VAL A 50 ? 0.2463 0.2536 0.3214 -0.0194 -0.0815 -0.0798 50  VAL A O   
474 C CB  . VAL A 50 ? 0.2264 0.2996 0.2927 -0.0383 -0.0925 -0.0933 50  VAL A CB  
475 C CG1 . VAL A 50 ? 0.3214 0.3213 0.3803 -0.0454 -0.0690 -0.0960 50  VAL A CG1 
476 C CG2 . VAL A 50 ? 0.3730 0.3975 0.3306 0.0098  -0.2071 -0.0724 50  VAL A CG2 
477 N N   . GLN A 51 ? 0.1749 0.2489 0.2466 -0.0064 -0.0457 -0.0844 51  GLN A N   
478 C CA  . GLN A 51 ? 0.2270 0.2449 0.2590 0.0230  -0.0698 -0.0911 51  GLN A CA  
479 C C   . GLN A 51 ? 0.1739 0.2059 0.2353 0.0145  -0.0547 -0.0551 51  GLN A C   
480 O O   . GLN A 51 ? 0.1776 0.2163 0.2497 0.0207  -0.0604 -0.0548 51  GLN A O   
481 C CB  . GLN A 51 ? 0.2526 0.4180 0.3157 0.1445  -0.1135 -0.2026 51  GLN A CB  
482 C CG  . GLN A 51 ? 0.4896 0.4419 0.5510 -0.0625 0.0612  -0.0578 51  GLN A CG  
483 C CD  . GLN A 51 ? 0.6833 0.3185 0.6215 -0.0339 0.0719  -0.1205 51  GLN A CD  
484 O OE1 . GLN A 51 ? 0.6570 0.7489 0.9344 0.2788  0.0820  -0.0164 51  GLN A OE1 
485 N NE2 . GLN A 51 ? 0.3989 0.3843 0.5981 0.0552  0.0786  -0.1074 51  GLN A NE2 
486 N N   . SER A 52 ? 0.2325 0.1679 0.2305 0.0031  -0.0648 -0.0793 52  SER A N   
487 C CA  . SER A 52 ? 0.1723 0.2191 0.2386 -0.0076 -0.0401 -0.0941 52  SER A CA  
488 C C   . SER A 52 ? 0.1438 0.1932 0.2300 0.0116  -0.0402 -0.0671 52  SER A C   
489 O O   . SER A 52 ? 0.1881 0.1666 0.3184 0.0324  -0.0335 -0.0661 52  SER A O   
490 C CB  . SER A 52 ? 0.1536 0.2196 0.2476 -0.0015 -0.0508 -0.0852 52  SER A CB  
491 O OG  . SER A 52 ? 0.1578 0.2889 0.2730 -0.0133 -0.0291 -0.0873 52  SER A OG  
492 N N   . PRO A 53 ? 0.1413 0.1795 0.2148 0.0376  -0.0634 -0.0809 53  PRO A N   
493 C CA  . PRO A 53 ? 0.1527 0.1584 0.2278 0.0267  -0.0471 -0.0518 53  PRO A CA  
494 C C   . PRO A 53 ? 0.1684 0.1493 0.2413 0.0169  -0.0164 -0.0521 53  PRO A C   
495 O O   . PRO A 53 ? 0.1780 0.3087 0.2573 0.0525  -0.0270 0.0114  53  PRO A O   
496 C CB  . PRO A 53 ? 0.1745 0.1695 0.2305 0.0359  -0.0497 -0.0534 53  PRO A CB  
497 C CG  . PRO A 53 ? 0.1873 0.2148 0.3706 0.0602  -0.0197 -0.0998 53  PRO A CG  
498 C CD  . PRO A 53 ? 0.1472 0.2056 0.2384 0.0391  -0.0644 -0.1012 53  PRO A CD  
499 N N   . ASP A 54 ? 0.1521 0.1426 0.2991 0.0224  -0.0197 -0.0505 54  ASP A N   
500 C CA  . ASP A 54 ? 0.1882 0.1258 0.3711 0.0085  -0.0411 -0.0198 54  ASP A CA  
501 C C   . ASP A 54 ? 0.1118 0.1668 0.2770 0.0434  -0.0235 -0.0052 54  ASP A C   
502 O O   . ASP A 54 ? 0.1291 0.1604 0.2835 0.0227  -0.0563 -0.0141 54  ASP A O   
503 C CB  . ASP A 54 ? 0.2748 0.1372 0.3821 0.0111  -0.0335 -0.0424 54  ASP A CB  
504 C CG  . ASP A 54 ? 0.2842 0.1508 0.3803 0.0255  0.0277  -0.0721 54  ASP A CG  
505 O OD1 . ASP A 54 ? 0.2547 0.1649 0.3410 -0.0028 -0.0254 -0.0732 54  ASP A OD1 
506 O OD2 . ASP A 54 ? 0.3506 0.3018 0.4037 0.1168  0.0431  -0.0961 54  ASP A OD2 
507 N N   . GLN A 55 ? 0.1893 0.2319 0.2883 0.0503  -0.0425 0.0241  55  GLN A N   
508 C CA  . GLN A 55 ? 0.1581 0.3310 0.2437 0.0496  -0.0594 0.0421  55  GLN A CA  
509 C C   . GLN A 55 ? 0.1760 0.2148 0.2066 0.0576  -0.0437 -0.0033 55  GLN A C   
510 O O   . GLN A 55 ? 0.1309 0.2579 0.2313 0.0363  -0.0443 -0.0774 55  GLN A O   
511 C CB  . GLN A 55 ? 0.2816 0.3126 0.3699 0.0288  -0.1232 0.0662  55  GLN A CB  
512 C CG  . GLN A 55 ? 0.5137 0.4540 0.3085 -0.1607 -0.0733 -0.0243 55  GLN A CG  
513 C CD  . GLN A 55 ? 0.6260 0.5288 0.6281 -0.1137 -0.2940 0.0372  55  GLN A CD  
514 O OE1 . GLN A 55 ? 0.6320 0.5210 1.0563 0.0417  -0.1320 0.2125  55  GLN A OE1 
515 N NE2 . GLN A 55 ? 0.8019 0.4652 0.8965 0.1925  -0.4585 0.1539  55  GLN A NE2 
516 N N   . ASN A 56 ? 0.1322 0.1948 0.2102 0.0352  -0.0634 -0.0239 56  ASN A N   
517 C CA  . ASN A 56 ? 0.1248 0.2023 0.1820 0.0273  -0.0597 -0.0484 56  ASN A CA  
518 C C   . ASN A 56 ? 0.0999 0.1885 0.1734 0.0191  -0.0228 -0.0362 56  ASN A C   
519 O O   . ASN A 56 ? 0.0751 0.1587 0.2083 0.0543  -0.0261 -0.0615 56  ASN A O   
520 C CB  . ASN A 56 ? 0.1816 0.1850 0.2276 0.0284  -0.0519 -0.0845 56  ASN A CB  
521 C CG  . ASN A 56 ? 0.2755 0.3100 0.4075 0.1481  -0.0348 -0.0293 56  ASN A CG  
522 O OD1 . ASN A 56 ? 0.3037 0.3474 0.4359 0.1732  -0.0744 -0.0418 56  ASN A OD1 
523 N ND2 . ASN A 56 ? 0.3515 0.3060 0.6065 0.2098  -0.0847 -0.1606 56  ASN A ND2 
524 N N   . ARG A 57 ? 0.1063 0.1383 0.2271 0.0281  -0.0474 -0.0360 57  ARG A N   
525 C CA  . ARG A 57 ? 0.1194 0.1728 0.1703 0.0329  -0.0567 -0.0506 57  ARG A CA  
526 C C   . ARG A 57 ? 0.0966 0.1521 0.1863 0.0366  -0.0448 -0.0312 57  ARG A C   
527 O O   . ARG A 57 ? 0.1065 0.1482 0.1874 0.0377  -0.0535 -0.0244 57  ARG A O   
528 C CB  . ARG A 57 ? 0.1054 0.1663 0.2405 0.0155  -0.0739 -0.0660 57  ARG A CB  
529 C CG  . ARG A 57 ? 0.2232 0.2875 0.2813 -0.0873 -0.0630 -0.1087 57  ARG A CG  
530 C CD  . ARG A 57 ? 0.2440 0.4030 0.3333 -0.0309 -0.0261 -0.0858 57  ARG A CD  
531 N NE  . ARG A 57 ? 0.3318 0.3440 0.3597 -0.0350 0.0508  -0.1091 57  ARG A NE  
532 C CZ  . ARG A 57 ? 0.2920 0.5818 0.3635 0.0111  -0.0967 -0.0714 57  ARG A CZ  
533 N NH1 . ARG A 57 ? 0.4113 0.4137 0.5565 0.0672  0.1436  -0.0806 57  ARG A NH1 
534 N NH2 . ARG A 57 ? 0.5118 0.5232 0.5263 0.0265  0.1820  -0.1917 57  ARG A NH2 
535 N N   A ILE A 58 ? 0.1187 0.1189 0.2094 0.0517  -0.0389 -0.0188 58  ILE A N   
536 N N   B ILE A 58 ? 0.1013 0.1251 0.2106 0.0641  -0.0414 -0.0207 58  ILE A N   
537 C CA  A ILE A 58 ? 0.0973 0.1332 0.2136 0.0828  -0.0134 -0.0043 58  ILE A CA  
538 C CA  B ILE A 58 ? 0.0833 0.1647 0.2188 0.0799  -0.0167 -0.0168 58  ILE A CA  
539 C C   A ILE A 58 ? 0.1043 0.1223 0.1884 0.0859  -0.0226 -0.0015 58  ILE A C   
540 C C   B ILE A 58 ? 0.1056 0.1259 0.1974 0.0921  -0.0229 -0.0203 58  ILE A C   
541 O O   A ILE A 58 ? 0.1123 0.1264 0.1208 0.0847  -0.0164 -0.0369 58  ILE A O   
542 O O   B ILE A 58 ? 0.1960 0.1247 0.1653 0.0981  0.0192  -0.0096 58  ILE A O   
543 C CB  A ILE A 58 ? 0.1016 0.1206 0.2022 0.0615  -0.0230 -0.0232 58  ILE A CB  
544 C CB  B ILE A 58 ? 0.1368 0.1595 0.1957 0.0617  -0.0263 -0.0291 58  ILE A CB  
545 C CG1 A ILE A 58 ? 0.0938 0.0980 0.2069 0.0634  -0.0249 -0.0142 58  ILE A CG1 
546 C CG1 B ILE A 58 ? 0.1730 0.1538 0.2072 0.0749  -0.0206 -0.0349 58  ILE A CG1 
547 C CG2 A ILE A 58 ? 0.1142 0.1045 0.1954 0.0412  -0.0246 -0.0162 58  ILE A CG2 
548 C CG2 B ILE A 58 ? 0.0670 0.2793 0.2012 0.0450  -0.0683 -0.0460 58  ILE A CG2 
549 C CD1 A ILE A 58 ? 0.1178 0.1353 0.2281 0.0706  -0.0694 0.0375  58  ILE A CD1 
550 C CD1 B ILE A 58 ? 0.1104 0.1679 0.2442 0.1224  0.0351  -0.0223 58  ILE A CD1 
551 N N   . TYR A 59 ? 0.1095 0.1520 0.1866 0.0997  -0.0312 -0.0242 59  TYR A N   
552 C CA  . TYR A 59 ? 0.1509 0.1389 0.1945 0.0856  -0.0446 -0.0452 59  TYR A CA  
553 C C   . TYR A 59 ? 0.0831 0.1494 0.1605 0.0810  -0.0655 -0.0593 59  TYR A C   
554 O O   . TYR A 59 ? 0.1648 0.1338 0.1819 0.0814  -0.0746 -0.0719 59  TYR A O   
555 C CB  . TYR A 59 ? 0.1718 0.1796 0.1752 0.1077  -0.0778 -0.0632 59  TYR A CB  
556 C CG  . TYR A 59 ? 0.1668 0.1784 0.1993 0.1281  -0.0851 -0.0458 59  TYR A CG  
557 C CD1 . TYR A 59 ? 0.1909 0.2127 0.1858 0.0865  -0.0658 -0.0557 59  TYR A CD1 
558 C CD2 . TYR A 59 ? 0.1392 0.2366 0.2247 0.0978  -0.0819 -0.0765 59  TYR A CD2 
559 C CE1 . TYR A 59 ? 0.1755 0.2346 0.2012 0.0755  -0.0737 -0.0406 59  TYR A CE1 
560 C CE2 . TYR A 59 ? 0.1516 0.2809 0.1930 0.0826  -0.0612 -0.0823 59  TYR A CE2 
561 C CZ  . TYR A 59 ? 0.1465 0.1970 0.2101 0.0805  -0.1147 -0.0747 59  TYR A CZ  
562 O OH  . TYR A 59 ? 0.1696 0.2700 0.3002 0.0240  -0.1074 -0.0667 59  TYR A OH  
563 N N   . LEU A 60 ? 0.0948 0.1285 0.1597 0.0641  -0.0522 -0.0749 60  LEU A N   
564 C CA  . LEU A 60 ? 0.0844 0.1432 0.1594 0.0689  -0.0387 -0.0802 60  LEU A CA  
565 C C   . LEU A 60 ? 0.1131 0.0988 0.1641 0.0528  -0.0396 -0.0620 60  LEU A C   
566 O O   . LEU A 60 ? 0.1081 0.1155 0.1726 0.0556  -0.0439 -0.0588 60  LEU A O   
567 C CB  . LEU A 60 ? 0.0790 0.1663 0.1535 0.0548  -0.0358 -0.0768 60  LEU A CB  
568 C CG  . LEU A 60 ? 0.0840 0.1900 0.1462 0.0766  -0.0329 -0.0757 60  LEU A CG  
569 C CD1 . LEU A 60 ? 0.1323 0.1482 0.1857 0.0262  -0.0566 -0.0507 60  LEU A CD1 
570 C CD2 . LEU A 60 ? 0.1332 0.2055 0.1572 0.0394  -0.0435 -0.0797 60  LEU A CD2 
571 N N   . LEU A 61 ? 0.0995 0.1049 0.1685 0.0583  -0.0356 -0.0637 61  LEU A N   
572 C CA  . LEU A 61 ? 0.1046 0.1493 0.1457 0.0828  -0.0469 -0.0577 61  LEU A CA  
573 C C   . LEU A 61 ? 0.0955 0.1273 0.1583 0.0479  -0.0324 -0.0506 61  LEU A C   
574 O O   . LEU A 61 ? 0.1287 0.1174 0.1908 0.0594  -0.0620 -0.0521 61  LEU A O   
575 C CB  . LEU A 61 ? 0.1138 0.1635 0.1811 0.0741  -0.0447 -0.0757 61  LEU A CB  
576 C CG  . LEU A 61 ? 0.1436 0.1630 0.1857 0.0949  -0.0735 -0.0814 61  LEU A CG  
577 C CD1 . LEU A 61 ? 0.1526 0.2306 0.2538 0.0816  -0.1040 -0.1063 61  LEU A CD1 
578 C CD2 . LEU A 61 ? 0.3036 0.2235 0.1797 0.1112  -0.1158 -0.0825 61  LEU A CD2 
579 N N   . ALA A 62 ? 0.0972 0.1209 0.1492 0.0763  -0.0249 -0.0711 62  ALA A N   
580 C CA  . ALA A 62 ? 0.1011 0.1337 0.1557 0.0719  -0.0090 -0.0826 62  ALA A CA  
581 C C   . ALA A 62 ? 0.1153 0.1286 0.1768 0.0498  -0.0245 -0.0837 62  ALA A C   
582 O O   . ALA A 62 ? 0.1335 0.1258 0.2073 0.0644  -0.0330 -0.0780 62  ALA A O   
583 C CB  . ALA A 62 ? 0.1761 0.1346 0.1649 0.0394  -0.0293 -0.0715 62  ALA A CB  
584 N N   . LYS A 63 ? 0.1120 0.1365 0.1664 0.0633  -0.0409 -0.0664 63  LYS A N   
585 C CA  . LYS A 63 ? 0.0888 0.1590 0.1584 0.0773  -0.0638 -0.0903 63  LYS A CA  
586 C C   . LYS A 63 ? 0.1303 0.1459 0.1865 0.0673  -0.0709 -0.0780 63  LYS A C   
587 O O   . LYS A 63 ? 0.1831 0.1487 0.2564 0.0416  -0.0257 -0.0736 63  LYS A O   
588 C CB  . LYS A 63 ? 0.1195 0.1671 0.2357 0.1073  -0.0534 -0.0750 63  LYS A CB  
589 C CG  . LYS A 63 ? 0.1178 0.2356 0.2581 0.1255  -0.0945 -0.0609 63  LYS A CG  
590 C CD  . LYS A 63 ? 0.3393 0.3161 0.3989 0.1568  -0.1431 -0.1633 63  LYS A CD  
591 C CE  . LYS A 63 ? 0.7227 0.6637 0.8523 0.0686  -0.2799 0.2406  63  LYS A CE  
592 N NZ  . LYS A 63 ? 1.3729 0.6343 0.5502 0.3218  -0.0216 -0.5027 63  LYS A NZ  
593 N N   . THR A 64 ? 0.1121 0.1237 0.1742 0.0523  -0.0498 -0.0831 64  THR A N   
594 C CA  . THR A 64 ? 0.0984 0.1753 0.1908 0.0590  -0.0184 -0.0589 64  THR A CA  
595 C C   . THR A 64 ? 0.1283 0.1521 0.1732 0.0571  -0.0078 -0.0458 64  THR A C   
596 O O   . THR A 64 ? 0.1817 0.1529 0.2325 0.0459  -0.0017 -0.0339 64  THR A O   
597 C CB  . THR A 64 ? 0.1145 0.1299 0.1998 0.0511  -0.0217 -0.0579 64  THR A CB  
598 O OG1 . THR A 64 ? 0.1240 0.1432 0.1892 0.0589  -0.0230 -0.0674 64  THR A OG1 
599 C CG2 . THR A 64 ? 0.1756 0.1557 0.1947 0.0941  -0.0176 -0.0644 64  THR A CG2 
600 N N   . LEU A 65 ? 0.1372 0.1099 0.1801 0.0536  -0.0274 -0.0491 65  LEU A N   
601 C CA  . LEU A 65 ? 0.1564 0.1191 0.1887 0.0741  -0.0329 -0.0559 65  LEU A CA  
602 C C   . LEU A 65 ? 0.1376 0.1026 0.1885 0.0686  -0.0337 -0.0555 65  LEU A C   
603 O O   . LEU A 65 ? 0.2251 0.1283 0.2303 0.1157  -0.0303 -0.0705 65  LEU A O   
604 C CB  . LEU A 65 ? 0.1626 0.1439 0.2297 0.0521  -0.0172 -0.0842 65  LEU A CB  
605 C CG  . LEU A 65 ? 0.1884 0.1369 0.2576 0.0646  -0.0773 -0.0759 65  LEU A CG  
606 C CD1 . LEU A 65 ? 0.1580 0.1700 0.4060 0.0741  -0.0969 -0.0931 65  LEU A CD1 
607 C CD2 . LEU A 65 ? 0.2594 0.2081 0.2862 0.0655  -0.0907 -0.0453 65  LEU A CD2 
608 N N   . GLY A 66 ? 0.1279 0.1234 0.2097 0.0504  -0.0401 -0.0717 66  GLY A N   
609 C CA  . GLY A 66 ? 0.1391 0.1501 0.2087 -0.0025 -0.0412 -0.0694 66  GLY A CA  
610 C C   . GLY A 66 ? 0.1506 0.0942 0.2167 0.0306  -0.0186 -0.0682 66  GLY A C   
611 O O   . GLY A 66 ? 0.2362 0.1099 0.2329 0.0065  0.0043  -0.0957 66  GLY A O   
612 N N   . VAL A 67 ? 0.1643 0.0739 0.1823 0.0460  -0.0191 -0.0669 67  VAL A N   
613 C CA  . VAL A 67 ? 0.1270 0.1152 0.1599 0.0412  -0.0552 -0.0408 67  VAL A CA  
614 C C   . VAL A 67 ? 0.1116 0.1064 0.1352 0.0299  -0.0698 -0.0534 67  VAL A C   
615 O O   . VAL A 67 ? 0.1487 0.1208 0.1856 0.0661  -0.0552 -0.0664 67  VAL A O   
616 C CB  . VAL A 67 ? 0.1243 0.1317 0.1460 0.0575  -0.0557 -0.0581 67  VAL A CB  
617 C CG1 . VAL A 67 ? 0.1434 0.1493 0.1836 0.0612  -0.0425 -0.0347 67  VAL A CG1 
618 C CG2 . VAL A 67 ? 0.1109 0.1627 0.1466 0.0660  -0.0540 -0.0637 67  VAL A CG2 
619 N N   . SER A 68 ? 0.1074 0.0836 0.1472 0.0480  -0.0578 -0.0568 68  SER A N   
620 C CA  . SER A 68 ? 0.0955 0.0961 0.1681 0.0428  -0.0741 -0.0411 68  SER A CA  
621 C C   . SER A 68 ? 0.0960 0.1105 0.1639 0.0275  -0.0672 -0.0506 68  SER A C   
622 O O   . SER A 68 ? 0.0972 0.1137 0.1831 0.0251  -0.0737 -0.0455 68  SER A O   
623 C CB  . SER A 68 ? 0.1968 0.1219 0.1330 0.0486  -0.0554 -0.0610 68  SER A CB  
624 O OG  . SER A 68 ? 0.1846 0.1514 0.1862 0.0464  -0.0387 -0.0457 68  SER A OG  
625 N N   A GLU A 69 ? 0.1033 0.1185 0.1726 0.0392  -0.0627 -0.0704 69  GLU A N   
626 N N   B GLU A 69 ? 0.1088 0.1128 0.1778 0.0356  -0.0686 -0.0732 69  GLU A N   
627 C CA  A GLU A 69 ? 0.1102 0.1030 0.1235 0.0648  -0.0517 -0.0601 69  GLU A CA  
628 C CA  B GLU A 69 ? 0.1313 0.1114 0.1354 0.0342  -0.0544 -0.0678 69  GLU A CA  
629 C C   A GLU A 69 ? 0.1009 0.1026 0.1255 0.0602  -0.0627 -0.0432 69  GLU A C   
630 C C   B GLU A 69 ? 0.1090 0.1084 0.1260 0.0459  -0.0664 -0.0496 69  GLU A C   
631 O O   A GLU A 69 ? 0.1074 0.1129 0.1412 0.0610  -0.0606 -0.0709 69  GLU A O   
632 O O   B GLU A 69 ? 0.1203 0.1155 0.1539 0.0356  -0.0695 -0.0662 69  GLU A O   
633 C CB  A GLU A 69 ? 0.1150 0.1235 0.1775 0.0757  -0.0369 -0.0355 69  GLU A CB  
634 C CB  B GLU A 69 ? 0.1456 0.1031 0.1716 0.0334  -0.0590 -0.0508 69  GLU A CB  
635 C CG  A GLU A 69 ? 0.1220 0.1450 0.2038 0.0698  -0.0516 -0.0560 69  GLU A CG  
636 C CG  B GLU A 69 ? 0.1285 0.1504 0.1723 0.0249  -0.0718 -0.0678 69  GLU A CG  
637 C CD  A GLU A 69 ? 0.1122 0.1441 0.2477 0.0779  -0.0537 -0.0098 69  GLU A CD  
638 C CD  B GLU A 69 ? 0.1671 0.2529 0.3403 0.0776  -0.0501 -0.0109 69  GLU A CD  
639 O OE1 A GLU A 69 ? 0.3199 0.1691 0.2648 -0.0175 -0.0904 -0.0485 69  GLU A OE1 
640 O OE1 B GLU A 69 ? 0.3644 0.2227 0.4880 0.1074  -0.0094 0.0296  69  GLU A OE1 
641 O OE2 A GLU A 69 ? 0.1504 0.1408 0.2336 0.0308  -0.1025 0.0259  69  GLU A OE2 
642 O OE2 B GLU A 69 ? 0.1651 0.4226 0.4258 0.0895  -0.0648 -0.0356 69  GLU A OE2 
643 N N   . ALA A 70 ? 0.1106 0.0994 0.1250 0.0459  -0.0523 -0.0516 70  ALA A N   
644 C CA  . ALA A 70 ? 0.1166 0.0788 0.1321 0.0517  -0.0564 -0.0356 70  ALA A CA  
645 C C   . ALA A 70 ? 0.0955 0.0724 0.1344 0.0371  -0.0510 -0.0419 70  ALA A C   
646 O O   . ALA A 70 ? 0.1151 0.0841 0.1598 0.0326  -0.0564 -0.0525 70  ALA A O   
647 C CB  . ALA A 70 ? 0.0977 0.1018 0.1466 0.0546  -0.0589 -0.0298 70  ALA A CB  
648 N N   . TRP A 71 ? 0.0820 0.0802 0.1346 0.0293  -0.0908 -0.0448 71  TRP A N   
649 C CA  . TRP A 71 ? 0.0800 0.0872 0.1102 0.0478  -0.0636 -0.0470 71  TRP A CA  
650 C C   . TRP A 71 ? 0.0899 0.0817 0.1183 0.0195  -0.0601 -0.0530 71  TRP A C   
651 O O   . TRP A 71 ? 0.0839 0.0856 0.1695 0.0173  -0.0556 -0.0514 71  TRP A O   
652 C CB  . TRP A 71 ? 0.0934 0.0952 0.1283 0.0352  -0.0649 -0.0540 71  TRP A CB  
653 C CG  . TRP A 71 ? 0.0779 0.1002 0.1306 0.0262  -0.0684 -0.0604 71  TRP A CG  
654 C CD1 . TRP A 71 ? 0.0864 0.1077 0.1155 0.0295  -0.0759 -0.0671 71  TRP A CD1 
655 C CD2 . TRP A 71 ? 0.0943 0.0948 0.1485 0.0458  -0.0795 -0.0481 71  TRP A CD2 
656 N NE1 . TRP A 71 ? 0.0828 0.1099 0.1850 0.0597  -0.0791 -0.0592 71  TRP A NE1 
657 C CE2 . TRP A 71 ? 0.1028 0.0714 0.1898 0.0400  -0.0830 -0.0359 71  TRP A CE2 
658 C CE3 . TRP A 71 ? 0.1230 0.1000 0.1516 0.0170  -0.0770 -0.0498 71  TRP A CE3 
659 C CZ2 . TRP A 71 ? 0.1450 0.0907 0.1902 0.0706  -0.0890 -0.0402 71  TRP A CZ2 
660 C CZ3 . TRP A 71 ? 0.1675 0.1232 0.1496 0.0223  -0.0723 -0.0452 71  TRP A CZ3 
661 C CH2 . TRP A 71 ? 0.1743 0.1181 0.1616 0.0270  -0.1008 -0.0177 71  TRP A CH2 
662 N N   . LEU A 72 ? 0.0961 0.0988 0.1308 0.0356  -0.0470 -0.0665 72  LEU A N   
663 C CA  . LEU A 72 ? 0.0912 0.1090 0.1274 0.0246  -0.0454 -0.0575 72  LEU A CA  
664 C C   . LEU A 72 ? 0.0708 0.1096 0.1296 0.0333  -0.0664 -0.0441 72  LEU A C   
665 O O   . LEU A 72 ? 0.1112 0.1172 0.1444 0.0238  -0.0831 -0.0678 72  LEU A O   
666 C CB  . LEU A 72 ? 0.1038 0.1278 0.1368 0.0384  -0.0457 -0.0531 72  LEU A CB  
667 C CG  . LEU A 72 ? 0.1377 0.1456 0.1408 0.0255  -0.0390 -0.0589 72  LEU A CG  
668 C CD1 . LEU A 72 ? 0.1664 0.2053 0.1303 0.0384  -0.0498 -0.0288 72  LEU A CD1 
669 C CD2 . LEU A 72 ? 0.1334 0.1960 0.1351 0.0505  -0.0555 -0.0460 72  LEU A CD2 
670 N N   . MET A 73 ? 0.0961 0.0928 0.1459 0.0257  -0.0772 -0.0426 73  MET A N   
671 C CA  A MET A 73 ? 0.1415 0.0942 0.1389 0.0150  -0.0594 -0.0561 73  MET A CA  
672 C CA  B MET A 73 ? 0.1449 0.0954 0.1428 0.0117  -0.0517 -0.0694 73  MET A CA  
673 C C   . MET A 73 ? 0.1420 0.0819 0.1366 0.0268  -0.0620 -0.0447 73  MET A C   
674 O O   . MET A 73 ? 0.1447 0.1051 0.2228 0.0176  -0.0329 -0.0634 73  MET A O   
675 C CB  A MET A 73 ? 0.1462 0.1046 0.1406 0.0275  -0.0429 -0.0432 73  MET A CB  
676 C CB  B MET A 73 ? 0.1575 0.1176 0.1297 0.0219  -0.0334 -0.0612 73  MET A CB  
677 C CG  A MET A 73 ? 0.1375 0.0792 0.1368 0.0271  -0.0614 -0.0422 73  MET A CG  
678 C CG  B MET A 73 ? 0.1435 0.1403 0.1878 0.0194  -0.0545 -0.0601 73  MET A CG  
679 S SD  A MET A 73 ? 0.1316 0.1534 0.1626 0.0707  -0.0649 -0.0452 73  MET A SD  
680 S SD  B MET A 73 ? 0.2078 0.2144 0.2710 0.0705  -0.0424 0.0019  73  MET A SD  
681 C CE  A MET A 73 ? 0.2135 0.1088 0.1010 0.0800  -0.1149 -0.0083 73  MET A CE  
682 C CE  B MET A 73 ? 0.2061 0.3720 0.2493 0.1410  -0.0365 0.0001  73  MET A CE  
683 N N   . GLY A 74 ? 0.0999 0.1143 0.1532 0.0108  -0.0546 -0.0855 74  GLY A N   
684 C CA  . GLY A 74 ? 0.1063 0.1015 0.1689 -0.0035 -0.0549 -0.0504 74  GLY A CA  
685 C C   . GLY A 74 ? 0.1006 0.0942 0.1705 0.0105  -0.0599 -0.0530 74  GLY A C   
686 O O   . GLY A 74 ? 0.1093 0.1523 0.1766 0.0056  -0.0559 -0.0614 74  GLY A O   
687 N N   . PHE A 75 ? 0.0891 0.1001 0.1751 0.0282  -0.0582 -0.0425 75  PHE A N   
688 C CA  . PHE A 75 ? 0.0958 0.1202 0.1748 0.0076  -0.0553 -0.0621 75  PHE A CA  
689 C C   . PHE A 75 ? 0.1164 0.1238 0.1885 0.0201  -0.0551 -0.0475 75  PHE A C   
690 O O   . PHE A 75 ? 0.1199 0.1154 0.1871 0.0384  -0.0704 -0.0640 75  PHE A O   
691 C CB  . PHE A 75 ? 0.1227 0.1303 0.1455 0.0198  -0.0644 -0.0628 75  PHE A CB  
692 C CG  . PHE A 75 ? 0.1213 0.1282 0.1460 0.0178  -0.0865 -0.0450 75  PHE A CG  
693 C CD1 . PHE A 75 ? 0.1308 0.1181 0.1665 0.0232  -0.0704 -0.0567 75  PHE A CD1 
694 C CD2 . PHE A 75 ? 0.1443 0.1222 0.1600 0.0134  -0.0666 -0.0485 75  PHE A CD2 
695 C CE1 . PHE A 75 ? 0.2069 0.1038 0.1775 0.0081  -0.0911 -0.0266 75  PHE A CE1 
696 C CE2 . PHE A 75 ? 0.1765 0.1427 0.2017 0.0423  -0.0465 -0.0539 75  PHE A CE2 
697 C CZ  . PHE A 75 ? 0.1877 0.1178 0.2419 0.0555  -0.0948 -0.0160 75  PHE A CZ  
698 N N   . ASP A 76 ? 0.1662 0.1701 0.2063 0.0054  -0.0323 -0.0555 76  ASP A N   
699 C CA  . ASP A 76 ? 0.1534 0.1710 0.2549 0.0117  -0.0506 -0.0848 76  ASP A CA  
700 C C   . ASP A 76 ? 0.1248 0.1815 0.1903 0.0568  -0.0187 -0.0815 76  ASP A C   
701 O O   . ASP A 76 ? 0.1543 0.2555 0.2006 -0.0153 0.0054  -0.0764 76  ASP A O   
702 C CB  . ASP A 76 ? 0.2090 0.2683 0.3501 -0.0697 -0.0163 -0.1422 76  ASP A CB  
703 C CG  . ASP A 76 ? 0.1473 0.3963 0.4188 -0.0125 -0.0299 -0.1245 76  ASP A CG  
704 O OD1 . ASP A 76 ? 0.2806 0.3629 0.4180 0.0062  -0.0172 -0.0985 76  ASP A OD1 
705 O OD2 . ASP A 76 ? 0.1849 0.3757 0.4814 -0.0104 -0.0043 -0.0934 76  ASP A OD2 
706 N N   . VAL A 77 ? 0.1245 0.1396 0.1254 0.0431  -0.0488 -0.0454 77  VAL A N   
707 C CA  . VAL A 77 ? 0.1252 0.1145 0.1282 0.0563  -0.0448 -0.0652 77  VAL A CA  
708 C C   . VAL A 77 ? 0.1142 0.1140 0.1519 0.0669  -0.0554 -0.0387 77  VAL A C   
709 O O   . VAL A 77 ? 0.1420 0.1074 0.1494 0.0566  -0.0764 -0.0538 77  VAL A O   
710 C CB  . VAL A 77 ? 0.1474 0.0958 0.1653 0.0644  -0.0560 -0.0711 77  VAL A CB  
711 C CG1 . VAL A 77 ? 0.1675 0.1011 0.1789 0.0662  -0.0668 -0.0689 77  VAL A CG1 
712 C CG2 . VAL A 77 ? 0.1545 0.1114 0.1604 0.0404  -0.0593 -0.0594 77  VAL A CG2 
713 N N   . PRO A 78 ? 0.1392 0.1112 0.1373 0.0469  -0.0587 -0.0371 78  PRO A N   
714 C CA  . PRO A 78 ? 0.1381 0.1116 0.1328 0.0423  -0.0601 -0.0574 78  PRO A CA  
715 C C   . PRO A 78 ? 0.1262 0.0845 0.1246 0.0355  -0.0702 -0.0537 78  PRO A C   
716 O O   . PRO A 78 ? 0.1296 0.1262 0.1551 0.0643  -0.0634 -0.0664 78  PRO A O   
717 C CB  . PRO A 78 ? 0.1813 0.1093 0.1941 0.0279  -0.0788 -0.0793 78  PRO A CB  
718 C CG  . PRO A 78 ? 0.1833 0.1266 0.1968 0.0270  -0.1108 -0.0690 78  PRO A CG  
719 C CD  . PRO A 78 ? 0.2031 0.0986 0.1422 0.0552  -0.0763 -0.0506 78  PRO A CD  
720 N N   . MET A 79 ? 0.1089 0.0753 0.1521 0.0477  -0.0679 -0.0437 79  MET A N   
721 C CA  A MET A 79 ? 0.1350 0.0638 0.1620 0.0132  -0.0515 -0.0653 79  MET A CA  
722 C CA  B MET A 79 ? 0.1274 0.0592 0.1664 0.0280  -0.0441 -0.0649 79  MET A CA  
723 C CA  C MET A 79 ? 0.1321 0.0613 0.1582 0.0163  -0.0579 -0.0642 79  MET A CA  
724 C C   . MET A 79 ? 0.1360 0.0786 0.1959 0.0098  -0.0238 -0.0713 79  MET A C   
725 O O   . MET A 79 ? 0.1529 0.1270 0.2162 0.0444  -0.0264 -0.0700 79  MET A O   
726 C CB  A MET A 79 ? 0.1551 0.0999 0.1743 0.0088  -0.0677 -0.0446 79  MET A CB  
727 C CB  B MET A 79 ? 0.1281 0.0870 0.1719 0.0299  -0.0476 -0.0543 79  MET A CB  
728 C CB  C MET A 79 ? 0.1269 0.1196 0.1679 0.0197  -0.0846 -0.0375 79  MET A CB  
729 C CG  A MET A 79 ? 0.1705 0.1196 0.1839 0.0085  -0.0521 -0.0459 79  MET A CG  
730 C CG  B MET A 79 ? 0.0965 0.1082 0.2078 0.0578  -0.0157 -0.0601 79  MET A CG  
731 C CG  C MET A 79 ? 0.1147 0.1377 0.1765 -0.0051 -0.0861 -0.0516 79  MET A CG  
732 S SD  A MET A 79 ? 0.2809 0.1746 0.1753 0.0203  -0.0770 -0.0109 79  MET A SD  
733 S SD  B MET A 79 ? 0.1737 0.1853 0.2700 0.0861  0.0035  0.0024  79  MET A SD  
734 S SD  C MET A 79 ? 0.2628 0.1413 0.2117 0.0157  -0.0669 -0.0275 79  MET A SD  
735 C CE  A MET A 79 ? 0.3079 0.1067 0.1327 0.0233  0.0020  0.0115  79  MET A CE  
736 C CE  B MET A 79 ? 0.1680 0.0564 0.2001 0.0871  -0.0362 -0.0209 79  MET A CE  
737 C CE  C MET A 79 ? 0.1298 0.0708 0.2105 0.0705  -0.0905 -0.0228 79  MET A CE  
738 N N   A VAL A 80 ? 0.1458 0.0918 0.2332 0.0152  -0.0474 -0.0866 80  VAL A N   
739 N N   C VAL A 80 ? 0.0971 0.1084 0.2276 0.0181  -0.0548 -0.0804 80  VAL A N   
740 C CA  A VAL A 80 ? 0.1565 0.2278 0.2890 -0.0203 -0.0344 -0.0867 80  VAL A CA  
741 C CA  C VAL A 80 ? 0.1231 0.2063 0.2781 -0.0419 -0.0380 -0.0853 80  VAL A CA  
742 C C   A VAL A 80 ? 0.1900 0.2859 0.3359 -0.0591 -0.0688 -0.0207 80  VAL A C   
743 C C   C VAL A 80 ? 0.2197 0.3107 0.3049 -0.0159 -0.0681 -0.0266 80  VAL A C   
744 O O   A VAL A 80 ? 0.3118 0.4195 0.2585 -0.0795 -0.0502 -0.0612 80  VAL A O   
745 O O   C VAL A 80 ? 0.2941 0.3961 0.3056 -0.0177 -0.0443 -0.1083 80  VAL A O   
746 C CB  A VAL A 80 ? 0.2491 0.2217 0.2671 -0.0159 -0.0080 -0.1097 80  VAL A CB  
747 C CB  C VAL A 80 ? 0.1497 0.2444 0.3512 -0.0159 -0.0332 -0.0296 80  VAL A CB  
748 C CG1 A VAL A 80 ? 0.2829 0.3257 0.2953 -0.0217 -0.0673 -0.1067 80  VAL A CG1 
749 C CG1 C VAL A 80 ? 0.2043 0.2733 0.4570 -0.1264 -0.0600 -0.0472 80  VAL A CG1 
750 C CG2 A VAL A 80 ? 0.3431 0.1934 0.3745 0.0186  -0.0295 -0.1047 80  VAL A CG2 
751 C CG2 C VAL A 80 ? 0.2522 0.3084 0.3336 -0.1134 -0.0223 -0.0613 80  VAL A CG2 
752 N N   . GLU A 81 ? 0.2205 0.3178 0.4770 0.0024  -0.0129 0.0576  81  GLU A N   
753 C CA  . GLU A 81 ? 0.3458 0.3940 0.5556 -0.0593 -0.1502 0.0874  81  GLU A CA  
754 C C   . GLU A 81 ? 0.4326 0.4552 0.7155 -0.0198 -0.1897 -0.0326 81  GLU A C   
755 O O   . GLU A 81 ? 0.6787 0.4201 0.7510 -0.2474 -0.3688 0.1264  81  GLU A O   
756 C CB  . GLU A 81 ? 0.5105 0.3444 0.7212 -0.0292 -0.2546 0.1501  81  GLU A CB  
757 C CG  . GLU A 81 ? 0.8756 0.5684 1.0776 -0.3092 -0.1916 0.2874  81  GLU A CG  
758 C CD  . GLU A 81 ? 1.3141 0.8169 0.9698 -0.1331 -0.1329 -0.0593 81  GLU A CD  
759 O OE1 . GLU A 81 ? 0.8895 0.8246 1.9412 0.5696  0.3566  0.0782  81  GLU A OE1 
760 O OE2 . GLU A 81 ? 0.5563 0.9698 0.9174 -0.1372 -0.1089 0.2955  81  GLU A OE2 
761 N N   A SER A 83 ? 0.1815 0.1052 0.1019 0.1002  -0.0824 -0.0202 83  SER A N   
762 C CA  A SER A 83 ? 0.2265 0.1318 0.2922 0.0724  -0.0772 -0.0740 83  SER A CA  
763 C C   A SER A 83 ? 0.5542 0.2987 0.2095 0.0901  -0.1374 -0.0680 83  SER A C   
764 O O   A SER A 83 ? 0.2307 0.2089 0.3904 0.0743  -0.1464 -0.0176 83  SER A O   
765 C CB  A SER A 83 ? 0.2848 0.3180 0.3429 0.1251  -0.1484 -0.0165 83  SER A CB  
766 O OG  A SER A 83 ? 0.1852 0.2184 0.2652 0.0564  -0.0260 -0.0233 83  SER A OG  
767 N N   A LYS A 84 ? 0.3647 0.6131 0.5453 0.2292  -0.0249 -0.1440 84  LYS A N   
768 C CA  A LYS A 84 ? 0.5615 0.4492 0.3464 -0.0896 -0.2552 0.0988  84  LYS A CA  
769 C C   A LYS A 84 ? 0.8539 0.5485 1.0966 0.1179  -0.2629 -0.2518 84  LYS A C   
770 O O   A LYS A 84 ? 0.6827 0.8238 0.7861 0.0710  0.2837  -0.2907 84  LYS A O   
771 C CB  A LYS A 84 ? 0.5815 0.6443 0.7958 -0.1082 -0.1325 -0.0489 84  LYS A CB  
772 C CG  A LYS A 84 ? 0.8691 0.1894 0.4906 0.2404  0.0009  -0.0600 84  LYS A CG  
773 C CD  A LYS A 84 ? 0.9336 0.4107 0.6262 0.0641  0.0618  0.0307  84  LYS A CD  
774 C CE  . LYS A 84 ? 0.7626 0.5159 0.6190 0.0015  -0.0200 -0.1218 84  LYS A CE  
775 N NZ  . LYS A 84 ? 0.5091 0.3480 0.2655 -0.1690 -0.1433 -0.0272 84  LYS A NZ  
776 O O   . HOH B .  ? 0.4756 0.5380 0.7673 0.0833  -0.2129 -0.0602 101 HOH A O   
777 O O   . HOH B .  ? 0.3509 0.4308 0.5500 0.0664  -0.1035 0.0625  102 HOH A O   
778 O O   . HOH B .  ? 1.0696 0.6251 1.1830 0.0375  -0.3877 -0.2457 103 HOH A O   
779 O O   . HOH B .  ? 0.2433 0.2554 0.2867 -0.0066 -0.0597 -0.0743 104 HOH A O   
780 O O   . HOH B .  ? 0.3451 0.2569 0.3700 0.0476  -0.0522 -0.1340 105 HOH A O   
781 O O   . HOH B .  ? 0.9084 0.6382 1.1437 -0.0609 0.3318  -0.1425 106 HOH A O   
782 O O   . HOH B .  ? 0.7466 0.8311 0.9163 -0.1916 0.3446  -0.2032 107 HOH A O   
783 O O   . HOH B .  ? 0.3291 0.7215 0.3242 0.1722  -0.0290 0.0063  108 HOH A O   
784 O O   . HOH B .  ? 0.2950 0.1969 0.3661 0.0727  -0.0172 -0.0693 109 HOH A O   
785 O O   . HOH B .  ? 0.5455 0.3873 0.7418 0.0674  -0.0118 0.0616  110 HOH A O   
786 O O   . HOH B .  ? 0.6548 0.6072 0.5222 0.3322  -0.1484 -0.1833 111 HOH A O   
787 O O   . HOH B .  ? 0.8679 0.4371 0.4463 0.1887  -0.1638 -0.0469 112 HOH A O   
788 O O   . HOH B .  ? 0.2397 0.2053 0.2445 0.0614  -0.0410 -0.0637 113 HOH A O   
789 O O   . HOH B .  ? 0.9440 0.5442 1.2687 0.0368  0.3373  -0.2299 114 HOH A O   
790 O O   . HOH B .  ? 0.6673 0.3931 0.6275 -0.0141 -0.2804 0.0162  115 HOH A O   
791 O O   . HOH B .  ? 0.2374 0.4277 0.6751 -0.0142 -0.0108 0.2260  116 HOH A O   
792 O O   . HOH B .  ? 0.2298 0.2853 0.4424 0.0244  0.0072  -0.0238 117 HOH A O   
793 O O   . HOH B .  ? 0.7304 0.6245 0.7511 -0.0832 0.0583  -0.1883 118 HOH A O   
794 O O   . HOH B .  ? 0.4754 0.8654 0.6788 -0.1091 0.0763  -0.2593 119 HOH A O   
795 O O   . HOH B .  ? 0.3323 0.2855 0.2955 0.1176  0.0659  0.0022  120 HOH A O   
796 O O   . HOH B .  ? 0.2812 0.3694 0.2371 0.0696  -0.0562 -0.1035 121 HOH A O   
797 O O   A HOH B .  ? 0.8103 0.4940 0.5357 -0.2943 0.0563  -0.0174 122 HOH A O   
798 O O   B HOH B .  ? 0.5703 0.5362 0.6996 0.0102  -0.2191 -0.0833 122 HOH A O   
799 O O   . HOH B .  ? 0.8381 0.8384 0.4548 0.1403  -0.2233 -0.0450 123 HOH A O   
800 O O   . HOH B .  ? 0.2970 0.4647 0.3868 0.1315  -0.0671 -0.0379 124 HOH A O   
801 O O   . HOH B .  ? 0.2156 0.1363 0.4650 0.0412  -0.1043 -0.0760 125 HOH A O   
802 O O   . HOH B .  ? 0.8790 0.5122 0.9613 -0.0295 -0.2818 -0.1248 126 HOH A O   
803 O O   . HOH B .  ? 0.2073 0.3833 0.5465 -0.0300 -0.0239 0.0113  127 HOH A O   
804 O O   . HOH B .  ? 0.2606 0.2404 0.3237 -0.0156 -0.0508 -0.0758 128 HOH A O   
805 O O   . HOH B .  ? 0.6818 0.3028 0.6536 0.0189  0.0618  -0.1663 129 HOH A O   
806 O O   . HOH B .  ? 0.3872 0.3358 0.9118 -0.0213 -0.1235 0.0129  130 HOH A O   
807 O O   . HOH B .  ? 0.7541 0.6800 1.0661 -0.1010 0.0544  -0.3867 131 HOH A O   
808 O O   . HOH B .  ? 0.3715 0.6659 0.5585 0.0827  -0.0748 -0.3026 132 HOH A O   
809 O O   . HOH B .  ? 0.4500 0.5316 0.5625 -0.0933 0.0156  -0.2589 133 HOH A O   
810 O O   . HOH B .  ? 0.4496 0.2956 0.5739 0.0735  -0.0574 -0.0844 134 HOH A O   
811 O O   . HOH B .  ? 1.0319 0.8903 0.7722 -0.1605 0.1002  -0.0776 135 HOH A O   
812 O O   . HOH B .  ? 0.9974 0.3203 0.4168 0.0784  -0.1837 -0.0242 136 HOH A O   
813 O O   . HOH B .  ? 0.1917 0.1451 0.2922 0.0250  -0.0427 -0.0386 137 HOH A O   
814 O O   . HOH B .  ? 0.6141 1.0937 0.4259 -0.1885 0.0060  -0.0645 138 HOH A O   
815 O O   . HOH B .  ? 0.9702 0.4336 0.7165 -0.0470 -0.1393 -0.0441 139 HOH A O   
816 O O   . HOH B .  ? 0.2258 0.3865 0.4664 -0.0425 -0.1324 0.0670  140 HOH A O   
817 O O   . HOH B .  ? 0.3579 0.7398 0.6632 0.0576  0.0864  -0.2710 141 HOH A O   
818 O O   . HOH B .  ? 0.2795 0.2667 0.3237 0.0128  -0.0329 -0.0662 142 HOH A O   
819 O O   . HOH B .  ? 0.5683 0.5749 0.6442 0.1514  -0.2373 -0.2260 143 HOH A O   
820 O O   . HOH B .  ? 0.3124 0.3900 0.2981 0.0906  -0.0267 -0.0969 144 HOH A O   
821 O O   . HOH B .  ? 1.1234 0.7532 0.6993 0.0954  -0.2472 -0.2791 145 HOH A O   
822 O O   . HOH B .  ? 0.3402 0.2955 0.4296 0.0971  -0.0662 -0.0166 146 HOH A O   
823 O O   . HOH B .  ? 0.1144 0.1881 0.2003 0.0615  -0.0613 -0.0612 147 HOH A O   
824 O O   . HOH B .  ? 0.2924 0.1928 0.4793 0.0311  -0.0520 -0.0803 148 HOH A O   
825 O O   . HOH B .  ? 0.5572 0.5987 0.6555 0.1312  0.1062  0.2041  149 HOH A O   
826 O O   . HOH B .  ? 0.5507 0.7208 0.5800 0.3591  0.1142  -0.1210 150 HOH A O   
827 O O   . HOH B .  ? 0.4491 0.4801 0.9561 -0.0325 -0.2681 0.0509  151 HOH A O   
828 O O   . HOH B .  ? 0.2828 0.5176 0.2691 0.0915  0.0143  0.0263  152 HOH A O   
829 O O   . HOH B .  ? 0.1773 0.1937 0.3118 0.0096  -0.0678 -0.0623 153 HOH A O   
830 O O   . HOH B .  ? 0.2390 0.3000 0.2709 0.0254  -0.0349 -0.1582 154 HOH A O   
831 O O   . HOH B .  ? 0.4458 0.5143 0.4410 0.1242  -0.1412 -0.1198 155 HOH A O   
832 O O   . HOH B .  ? 0.5679 0.5844 0.5252 -0.0756 0.1360  -0.2172 156 HOH A O   
833 O O   . HOH B .  ? 0.4402 0.3760 0.8189 -0.0862 -0.0515 -0.0862 157 HOH A O   
834 O O   . HOH B .  ? 0.2639 0.2710 0.5869 -0.0108 -0.0200 -0.0857 158 HOH A O   
835 O O   . HOH B .  ? 0.2162 0.1682 0.2278 -0.0188 -0.0288 -0.1108 159 HOH A O   
836 O O   . HOH B .  ? 0.4116 0.3290 0.4921 -0.0486 -0.1438 0.1313  160 HOH A O   
837 O O   . HOH B .  ? 0.5209 0.6901 0.7070 0.0915  -0.1402 -0.1607 161 HOH A O   
838 O O   . HOH B .  ? 0.4338 0.7944 0.5766 -0.1165 0.0693  -0.1386 162 HOH A O   
839 O O   . HOH B .  ? 0.3463 0.4354 0.6686 0.0247  -0.1057 -0.2114 163 HOH A O   
840 O O   . HOH B .  ? 0.6060 0.5245 0.7887 0.1409  -0.1776 -0.1838 164 HOH A O   
841 O O   . HOH B .  ? 1.3409 0.4683 0.9560 -0.1863 -0.4516 0.1096  165 HOH A O   
842 O O   . HOH B .  ? 0.3018 0.3690 0.4296 0.0870  -0.0235 -0.0886 166 HOH A O   
843 O O   . HOH B .  ? 0.7480 0.5121 0.6722 0.1917  -0.3868 -0.2347 167 HOH A O   
844 O O   . HOH B .  ? 0.8710 0.7732 0.5196 0.0100  -0.0285 -0.2031 168 HOH A O   
845 O O   . HOH B .  ? 0.7388 0.5473 1.8632 0.1442  0.1893  -0.2835 169 HOH A O   
846 O O   . HOH B .  ? 0.8947 1.1530 0.5429 0.4400  0.0538  -0.1339 170 HOH A O   
847 O O   A HOH B .  ? 0.4799 0.3006 0.2912 -0.0127 -0.0481 -0.0036 171 HOH A O   
848 O O   B HOH B .  ? 0.5561 0.3871 0.2515 0.1958  -0.0469 -0.0192 171 HOH A O   
849 O O   . HOH B .  ? 0.9976 0.9281 1.2069 -0.2127 -0.3098 0.2579  172 HOH A O   
850 O O   . HOH B .  ? 0.6209 0.4477 0.7188 0.0160  -0.1469 -0.0395 173 HOH A O   
851 O O   . HOH B .  ? 0.6916 0.8627 1.9462 -0.3531 0.4473  -0.2542 174 HOH A O   
852 O O   . HOH B .  ? 0.4444 0.3207 0.5564 -0.0266 0.1625  -0.1327 175 HOH A O   
853 O O   . HOH B .  ? 0.4544 0.5982 0.9244 0.0981  -0.0851 0.0504  176 HOH A O   
854 O O   . HOH B .  ? 0.5722 0.5086 0.7955 0.0785  0.0732  -0.0751 177 HOH A O   
855 O O   . HOH B .  ? 0.5191 0.6229 0.6737 0.2337  0.1080  0.1277  178 HOH A O   
856 O O   . HOH B .  ? 1.0196 0.9164 0.6331 0.3224  -0.0460 -0.1249 179 HOH A O   
857 O O   . HOH B .  ? 0.9236 0.6568 0.6177 -0.1453 0.3599  -0.0369 180 HOH A O   
858 O O   . HOH B .  ? 0.9474 0.5573 0.8720 0.1455  0.0846  -0.0858 181 HOH A O   
859 O O   . HOH B .  ? 0.5411 0.4293 1.0114 -0.0055 -0.0899 0.0150  182 HOH A O   
860 O O   . HOH B .  ? 0.6195 0.6813 0.7215 0.0530  -0.3505 0.0277  183 HOH A O   
861 O O   . HOH B .  ? 0.5226 0.4565 0.5271 0.0484  -0.0410 -0.0724 184 HOH A O   
862 O O   . HOH B .  ? 0.5084 0.4295 0.3794 0.0697  -0.0484 -0.0279 185 HOH A O   
863 O O   A HOH B .  ? 0.1960 0.3004 0.3080 0.0457  -0.0710 -0.0689 186 HOH A O   
864 O O   B HOH B .  ? 0.3106 0.3695 0.6668 0.0870  0.0373  0.1392  186 HOH A O   
865 O O   A HOH B .  ? 0.6285 0.4093 0.4137 -0.0166 0.1393  -0.0473 187 HOH A O   
866 O O   B HOH B .  ? 0.3850 0.8259 0.3441 -0.1424 -0.0934 0.0348  187 HOH A O   
867 O O   . HOH B .  ? 0.6834 1.0439 0.6805 0.2264  0.0398  -0.3428 188 HOH A O   
868 O O   . HOH B .  ? 0.3545 0.2587 0.4307 0.1247  -0.0250 0.0258  189 HOH A O   
869 O O   . HOH B .  ? 0.3368 0.5054 0.8621 0.1270  -0.0239 0.1330  190 HOH A O   
870 O O   . HOH B .  ? 0.7639 0.7580 0.5024 0.0852  -0.2170 -0.0497 191 HOH A O   
871 O O   . HOH B .  ? 0.9869 0.4491 0.3501 0.1918  -0.0156 0.0069  192 HOH A O   
872 O O   . HOH B .  ? 0.5461 0.4706 0.4041 -0.1292 -0.0490 -0.0798 193 HOH A O   
873 O O   A HOH B .  ? 0.5232 0.3481 0.3236 0.1340  -0.0216 0.0908  194 HOH A O   
874 O O   B HOH B .  ? 0.2756 0.4365 0.3302 0.1624  -0.0667 -0.1412 194 HOH A O   
875 O O   . HOH B .  ? 0.4077 0.7864 1.1800 -0.0966 -0.1005 0.3312  195 HOH A O   
876 O O   . HOH B .  ? 0.3462 0.4486 0.4801 -0.0806 -0.1059 -0.1055 196 HOH A O   
877 O O   . HOH B .  ? 0.6967 0.7853 0.7023 0.3136  0.0958  -0.0537 197 HOH A O   
878 O O   . HOH B .  ? 0.5407 0.3047 0.5231 -0.0204 -0.1048 -0.1108 198 HOH A O   
879 O O   . HOH B .  ? 0.2219 0.1299 0.2660 0.0338  -0.0284 -0.0795 199 HOH A O   
880 O O   . HOH B .  ? 0.7547 0.4415 0.8047 0.1202  -0.2844 -0.1617 200 HOH A O   
881 O O   . HOH B .  ? 0.4373 0.5859 0.5293 0.0535  -0.0407 -0.1501 201 HOH A O   
882 O O   . HOH B .  ? 0.2002 0.2471 0.4758 -0.0500 -0.0205 -0.1948 202 HOH A O   
883 O O   . HOH B .  ? 0.5766 0.7479 0.6686 0.1087  -0.1542 -0.0768 203 HOH A O   
884 O O   . HOH B .  ? 0.4126 0.3014 0.4518 -0.0343 -0.1602 -0.0775 204 HOH A O   
885 O O   . HOH B .  ? 0.3527 0.2860 0.2327 0.0488  -0.0141 -0.0969 205 HOH A O   
886 O O   . HOH B .  ? 0.3934 1.2514 0.4094 0.0751  -0.0120 0.0367  206 HOH A O   
887 O O   . HOH B .  ? 0.2632 0.4349 0.2547 -0.0872 0.0336  -0.1804 207 HOH A O   
# 
